data_2DQZ
#
_entry.id   2DQZ
#
_cell.length_a   55.564
_cell.length_b   181.017
_cell.length_c   202.560
_cell.angle_alpha   90.00
_cell.angle_beta   90.00
_cell.angle_gamma   90.00
#
_symmetry.space_group_name_H-M   'P 21 21 21'
#
loop_
_entity.id
_entity.type
_entity.pdbx_description
1 polymer 'Liver carboxylesterase 1'
2 non-polymer 2-acetamido-2-deoxy-beta-D-glucopyranose
3 non-polymer 'N-acetyl-alpha-neuraminic acid'
4 non-polymer 'SULFATE ION'
5 non-polymer 'FLUORIDE ION'
6 non-polymer 'PALMITIC ACID'
7 non-polymer HOMOTROPINE
8 non-polymer 'COENZYME A'
9 water water
#
_entity_poly.entity_id   1
_entity_poly.type   'polypeptide(L)'
_entity_poly.pdbx_seq_one_letter_code
;HPSSPPVVDTVHGKVLGKFVSLEGFAQPVAIFLGIPFAKPPLGPLRFTPPQPAEPWSFVKNATSYPPMCTQDPKAGQLLS
ELFTNRKENIPLKLSEDCLYLNIYTPADLTKKNRLPVMVWIHGGGLMVGAASTYDGLALAAHENVVVVTIQYRLGIWGFF
STGDEHSRGNWGHLDQVAALRWVQDNIASFGGNPGSVTIFGESAGGESVSVLVLSPLAKNLFHRAISESGVALTSVLVKK
GDVKPLAEQIAITAGCKTTTSAVMVHCLRQKTEEELLETTLKMKFLSLDLQGDPRESQPLLGTVIDGMLLLKTPEELQAE
RNFHTVPYMVGINKQEFGWLIPMLMSYPLSEGQLDQKTAMSLLWKSYPLVCIAKELIPEATEKYLGGTDDTVKKKDLFLD
LIADVMFGVPSVIVARNHRDAGAPTYMYEFQYRPSFSSDMKPKTVIGDHGDELFSVFGAPFLKEGASEEEIRLSKMVMKF
WANFARNGNPNGEGLPHWPEYNQKEGYLQIGANTQAAQKLKDKEVAFWTNLFAKKAVEKPPQ
;
_entity_poly.pdbx_strand_id   A,B,C
#
loop_
_chem_comp.id
_chem_comp.type
_chem_comp.name
_chem_comp.formula
COA non-polymer 'COENZYME A' 'C21 H36 N7 O16 P3 S'
F non-polymer 'FLUORIDE ION' 'F -1'
HTQ non-polymer HOMOTROPINE 'C16 H21 N O3'
NAG D-saccharide, beta linking 2-acetamido-2-deoxy-beta-D-glucopyranose 'C8 H15 N O6'
PLM non-polymer 'PALMITIC ACID' 'C16 H32 O2'
SIA D-saccharide, alpha linking 'N-acetyl-alpha-neuraminic acid' 'C11 H19 N O9'
SO4 non-polymer 'SULFATE ION' 'O4 S -2'
#
# COMPACT_ATOMS: atom_id res chain seq x y z
N SER A 3 -24.57 -17.60 34.51
CA SER A 3 -25.76 -16.68 34.62
C SER A 3 -25.85 -15.81 33.38
N SER A 4 -24.71 -15.55 32.75
CA SER A 4 -24.65 -14.73 31.55
C SER A 4 -23.28 -14.87 30.89
N PRO A 5 -23.25 -14.93 29.55
CA PRO A 5 -21.98 -15.07 28.83
C PRO A 5 -20.86 -14.18 29.39
N PRO A 6 -19.65 -14.75 29.47
CA PRO A 6 -18.46 -14.04 29.96
C PRO A 6 -18.04 -12.88 29.05
N VAL A 7 -17.99 -11.68 29.61
CA VAL A 7 -17.57 -10.51 28.85
C VAL A 7 -16.34 -9.91 29.49
N VAL A 8 -15.28 -9.76 28.71
CA VAL A 8 -14.03 -9.23 29.23
C VAL A 8 -13.55 -8.01 28.44
N ASP A 9 -13.00 -7.02 29.14
CA ASP A 9 -12.50 -5.83 28.47
C ASP A 9 -11.00 -5.94 28.23
N THR A 10 -10.54 -5.60 27.02
CA THR A 10 -9.12 -5.65 26.71
C THR A 10 -8.67 -4.32 26.14
N VAL A 11 -7.36 -4.14 25.97
CA VAL A 11 -6.84 -2.91 25.42
C VAL A 11 -7.53 -2.52 24.11
N HIS A 12 -7.80 -3.52 23.28
CA HIS A 12 -8.42 -3.34 21.98
C HIS A 12 -9.95 -3.32 21.91
N GLY A 13 -10.59 -3.74 23.00
CA GLY A 13 -12.04 -3.76 23.04
C GLY A 13 -12.63 -4.92 23.83
N LYS A 14 -13.95 -4.95 23.93
CA LYS A 14 -14.63 -6.00 24.68
C LYS A 14 -14.71 -7.34 23.94
N VAL A 15 -14.56 -8.42 24.69
CA VAL A 15 -14.61 -9.76 24.13
C VAL A 15 -15.67 -10.59 24.86
N LEU A 16 -16.42 -11.37 24.09
CA LEU A 16 -17.48 -12.21 24.63
C LEU A 16 -17.15 -13.69 24.40
N GLY A 17 -17.16 -14.45 25.49
CA GLY A 17 -16.85 -15.87 25.39
C GLY A 17 -18.04 -16.72 25.82
N LYS A 18 -17.77 -17.95 26.26
CA LYS A 18 -18.82 -18.85 26.69
C LYS A 18 -18.31 -19.75 27.82
N PHE A 19 -19.24 -20.19 28.66
CA PHE A 19 -18.93 -21.07 29.77
C PHE A 19 -19.00 -22.52 29.38
N VAL A 20 -18.15 -23.33 29.99
CA VAL A 20 -18.13 -24.76 29.75
C VAL A 20 -17.66 -25.44 31.02
N SER A 21 -18.53 -26.24 31.62
CA SER A 21 -18.22 -26.94 32.86
C SER A 21 -17.59 -28.29 32.63
N LEU A 22 -16.64 -28.64 33.48
CA LEU A 22 -15.98 -29.94 33.39
C LEU A 22 -16.32 -30.75 34.64
N GLU A 23 -16.82 -31.97 34.46
CA GLU A 23 -17.19 -32.83 35.58
C GLU A 23 -16.11 -32.85 36.66
N GLY A 24 -16.51 -32.52 37.88
CA GLY A 24 -15.58 -32.52 39.00
C GLY A 24 -15.22 -31.14 39.51
N PHE A 25 -15.62 -30.11 38.75
CA PHE A 25 -15.32 -28.73 39.11
C PHE A 25 -16.56 -27.84 39.05
N ALA A 26 -16.90 -27.27 40.21
CA ALA A 26 -18.07 -26.41 40.32
C ALA A 26 -18.01 -25.17 39.42
N GLN A 27 -16.87 -24.47 39.47
CA GLN A 27 -16.65 -23.25 38.69
C GLN A 27 -16.45 -23.57 37.22
N PRO A 28 -17.42 -23.20 36.39
CA PRO A 28 -17.29 -23.46 34.95
C PRO A 28 -16.15 -22.65 34.35
N VAL A 29 -15.50 -23.24 33.35
CA VAL A 29 -14.38 -22.62 32.67
C VAL A 29 -14.86 -21.68 31.57
N ALA A 30 -14.27 -20.47 31.53
CA ALA A 30 -14.60 -19.46 30.52
C ALA A 30 -13.67 -19.64 29.33
N ILE A 31 -14.27 -19.93 28.18
CA ILE A 31 -13.55 -20.16 26.93
C ILE A 31 -13.75 -19.02 25.93
N PHE A 32 -12.65 -18.59 25.30
CA PHE A 32 -12.69 -17.53 24.31
C PHE A 32 -12.00 -18.03 23.04
N LEU A 33 -12.76 -18.13 21.95
CA LEU A 33 -12.20 -18.62 20.70
C LEU A 33 -12.06 -17.54 19.66
N GLY A 34 -10.94 -17.55 18.96
CA GLY A 34 -10.74 -16.59 17.89
C GLY A 34 -10.47 -15.14 18.25
N ILE A 35 -9.62 -14.89 19.24
CA ILE A 35 -9.29 -13.54 19.58
C ILE A 35 -8.09 -13.16 18.73
N PRO A 36 -8.19 -12.07 17.95
CA PRO A 36 -7.09 -11.60 17.08
C PRO A 36 -5.99 -10.92 17.89
N PHE A 37 -4.74 -11.32 17.68
CA PHE A 37 -3.65 -10.71 18.41
C PHE A 37 -2.78 -9.87 17.48
N ALA A 38 -3.16 -9.84 16.21
CA ALA A 38 -2.45 -9.07 15.19
C ALA A 38 -3.42 -8.71 14.07
N LYS A 39 -2.97 -7.79 13.22
CA LYS A 39 -3.72 -7.35 12.07
C LYS A 39 -3.52 -8.43 11.00
N PRO A 40 -4.60 -8.86 10.32
CA PRO A 40 -4.48 -9.89 9.28
C PRO A 40 -3.33 -9.59 8.33
N PRO A 41 -2.37 -10.51 8.23
CA PRO A 41 -1.20 -10.34 7.35
C PRO A 41 -1.56 -10.50 5.88
N LEU A 42 -2.46 -9.66 5.38
CA LEU A 42 -2.90 -9.71 4.00
C LEU A 42 -2.23 -8.67 3.11
N GLY A 43 -2.46 -8.78 1.80
CA GLY A 43 -1.89 -7.84 0.86
C GLY A 43 -0.44 -7.47 1.07
N PRO A 44 -0.11 -6.17 1.08
CA PRO A 44 1.28 -5.74 1.29
C PRO A 44 1.86 -6.17 2.63
N LEU A 45 1.00 -6.67 3.52
CA LEU A 45 1.44 -7.11 4.83
C LEU A 45 2.06 -8.50 4.79
N ARG A 46 1.94 -9.19 3.65
CA ARG A 46 2.49 -10.52 3.51
C ARG A 46 4.01 -10.46 3.49
N PHE A 47 4.64 -11.41 4.18
CA PHE A 47 6.09 -11.48 4.28
C PHE A 47 6.62 -10.27 5.06
N THR A 48 5.90 -9.86 6.10
CA THR A 48 6.35 -8.74 6.90
C THR A 48 5.98 -8.97 8.36
N PRO A 49 6.70 -8.31 9.28
CA PRO A 49 6.43 -8.48 10.71
C PRO A 49 4.97 -8.30 11.06
N PRO A 50 4.49 -8.99 12.10
CA PRO A 50 3.08 -8.85 12.47
C PRO A 50 2.78 -7.45 13.03
N GLN A 51 1.68 -6.86 12.59
CA GLN A 51 1.29 -5.54 13.07
C GLN A 51 0.15 -5.63 14.07
N PRO A 52 0.10 -4.69 15.03
CA PRO A 52 -0.94 -4.69 16.05
C PRO A 52 -2.36 -4.76 15.48
N ALA A 53 -3.24 -5.43 16.20
CA ALA A 53 -4.63 -5.58 15.77
C ALA A 53 -5.38 -4.26 15.94
N GLU A 54 -6.32 -4.00 15.04
CA GLU A 54 -7.14 -2.79 15.09
C GLU A 54 -8.19 -2.96 16.19
N PRO A 55 -8.33 -1.95 17.08
CA PRO A 55 -9.32 -2.00 18.16
C PRO A 55 -10.72 -1.86 17.59
N TRP A 56 -11.66 -2.60 18.18
CA TRP A 56 -13.07 -2.60 17.76
C TRP A 56 -13.92 -1.75 18.68
N SER A 57 -15.05 -1.30 18.16
CA SER A 57 -15.94 -0.43 18.91
C SER A 57 -16.85 -1.05 19.96
N PHE A 58 -17.53 -2.15 19.66
CA PHE A 58 -18.41 -2.66 20.70
C PHE A 58 -17.94 -3.95 21.31
N VAL A 59 -18.85 -4.91 21.48
CA VAL A 59 -18.48 -6.21 22.04
C VAL A 59 -18.22 -7.22 20.92
N LYS A 60 -17.00 -7.74 20.85
CA LYS A 60 -16.59 -8.75 19.86
C LYS A 60 -16.91 -10.14 20.37
N ASN A 61 -17.55 -10.94 19.54
CA ASN A 61 -17.89 -12.28 19.96
C ASN A 61 -16.80 -13.25 19.58
N ALA A 62 -16.15 -13.82 20.59
CA ALA A 62 -15.10 -14.79 20.38
C ALA A 62 -15.69 -16.13 20.78
N THR A 63 -16.73 -16.55 20.06
CA THR A 63 -17.41 -17.79 20.35
C THR A 63 -17.36 -18.76 19.19
N SER A 64 -16.50 -18.46 18.23
CA SER A 64 -16.36 -19.31 17.06
C SER A 64 -14.91 -19.64 16.77
N TYR A 65 -14.64 -20.88 16.35
CA TYR A 65 -13.28 -21.30 16.06
C TYR A 65 -12.68 -20.53 14.89
N PRO A 66 -11.48 -20.00 15.08
CA PRO A 66 -10.78 -19.23 14.05
C PRO A 66 -10.28 -20.17 12.95
N PRO A 67 -9.92 -19.62 11.78
CA PRO A 67 -9.42 -20.44 10.68
C PRO A 67 -7.99 -20.81 11.00
N MET A 68 -7.44 -21.79 10.29
CA MET A 68 -6.06 -22.16 10.52
C MET A 68 -5.29 -21.58 9.32
N CYS A 69 -4.02 -21.23 9.50
CA CYS A 69 -3.24 -20.67 8.41
C CYS A 69 -3.17 -21.60 7.20
N THR A 70 -3.19 -21.02 6.01
CA THR A 70 -3.14 -21.79 4.78
C THR A 70 -2.10 -22.90 4.82
N GLN A 71 -2.54 -24.10 4.47
CA GLN A 71 -1.66 -25.24 4.48
C GLN A 71 -2.32 -26.32 3.67
N ASP A 72 -1.67 -27.47 3.63
CA ASP A 72 -2.19 -28.63 2.94
C ASP A 72 -3.43 -29.07 3.71
N PRO A 73 -4.61 -28.75 3.18
CA PRO A 73 -5.85 -29.12 3.86
C PRO A 73 -5.94 -30.59 4.28
N LYS A 74 -5.50 -31.50 3.42
CA LYS A 74 -5.53 -32.92 3.75
C LYS A 74 -4.56 -33.23 4.89
N ALA A 75 -3.29 -32.88 4.70
CA ALA A 75 -2.28 -33.13 5.73
C ALA A 75 -2.64 -32.45 7.05
N GLY A 76 -3.18 -31.24 6.97
CA GLY A 76 -3.55 -30.50 8.16
C GLY A 76 -4.60 -31.19 8.99
N GLN A 77 -5.70 -31.58 8.34
CA GLN A 77 -6.80 -32.26 9.03
C GLN A 77 -6.42 -33.63 9.56
N LEU A 78 -5.47 -34.29 8.90
CA LEU A 78 -5.03 -35.59 9.35
C LEU A 78 -4.30 -35.48 10.69
N LEU A 79 -3.33 -34.58 10.74
CA LEU A 79 -2.54 -34.37 11.95
C LEU A 79 -3.41 -33.92 13.12
N SER A 80 -4.45 -33.13 12.83
CA SER A 80 -5.33 -32.67 13.89
C SER A 80 -6.13 -33.82 14.49
N GLU A 81 -6.53 -34.78 13.66
CA GLU A 81 -7.27 -35.90 14.21
C GLU A 81 -6.31 -36.83 14.98
N LEU A 82 -5.05 -36.85 14.62
CA LEU A 82 -4.07 -37.71 15.29
C LEU A 82 -3.54 -37.11 16.57
N PHE A 83 -3.66 -35.80 16.71
CA PHE A 83 -3.14 -35.12 17.88
C PHE A 83 -4.21 -34.56 18.81
N THR A 84 -5.37 -34.29 18.26
CA THR A 84 -6.44 -33.72 19.06
C THR A 84 -6.73 -34.56 20.29
N ASN A 85 -6.96 -33.86 21.40
CA ASN A 85 -7.24 -34.49 22.68
C ASN A 85 -8.73 -34.47 22.99
N ARG A 86 -9.50 -33.80 22.14
CA ARG A 86 -10.94 -33.72 22.35
C ARG A 86 -11.59 -34.95 21.74
N LYS A 87 -12.78 -35.29 22.23
CA LYS A 87 -13.51 -36.46 21.74
C LYS A 87 -13.79 -36.41 20.23
N GLU A 88 -14.29 -35.29 19.72
CA GLU A 88 -14.58 -35.17 18.29
C GLU A 88 -13.68 -34.12 17.66
N ASN A 89 -12.93 -34.48 16.62
CA ASN A 89 -12.05 -33.51 15.97
C ASN A 89 -12.88 -32.43 15.25
N ILE A 90 -12.49 -31.17 15.44
CA ILE A 90 -13.19 -30.05 14.83
C ILE A 90 -12.54 -29.72 13.50
N PRO A 91 -13.30 -29.81 12.40
CA PRO A 91 -12.81 -29.50 11.04
C PRO A 91 -12.67 -27.98 10.90
N LEU A 92 -11.54 -27.55 10.33
CA LEU A 92 -11.29 -26.12 10.21
C LEU A 92 -11.21 -25.57 8.78
N LYS A 93 -11.30 -24.26 8.67
CA LYS A 93 -11.20 -23.60 7.38
C LYS A 93 -9.82 -23.01 7.22
N LEU A 94 -9.41 -22.79 5.97
CA LEU A 94 -8.11 -22.22 5.68
C LEU A 94 -8.24 -20.73 5.36
N SER A 95 -7.21 -19.97 5.69
CA SER A 95 -7.21 -18.54 5.42
C SER A 95 -5.92 -17.91 5.88
N GLU A 96 -5.48 -16.90 5.14
CA GLU A 96 -4.26 -16.20 5.48
C GLU A 96 -4.58 -15.38 6.72
N ASP A 97 -5.86 -15.15 6.97
CA ASP A 97 -6.27 -14.41 8.15
C ASP A 97 -6.39 -15.48 9.22
N CYS A 98 -5.25 -15.77 9.84
CA CYS A 98 -5.18 -16.82 10.85
C CYS A 98 -4.49 -16.44 12.16
N LEU A 99 -4.08 -15.18 12.30
CA LEU A 99 -3.42 -14.76 13.53
C LEU A 99 -4.39 -14.56 14.71
N TYR A 100 -4.84 -15.67 15.30
CA TYR A 100 -5.76 -15.65 16.44
C TYR A 100 -5.21 -16.54 17.53
N LEU A 101 -5.75 -16.40 18.74
CA LEU A 101 -5.37 -17.23 19.87
C LEU A 101 -6.65 -17.56 20.61
N ASN A 102 -6.65 -18.70 21.31
CA ASN A 102 -7.80 -19.16 22.10
C ASN A 102 -7.39 -19.17 23.55
N ILE A 103 -8.33 -18.86 24.44
CA ILE A 103 -8.05 -18.82 25.87
C ILE A 103 -9.01 -19.71 26.65
N TYR A 104 -8.49 -20.41 27.66
CA TYR A 104 -9.30 -21.26 28.53
C TYR A 104 -8.94 -20.84 29.94
N THR A 105 -9.85 -20.19 30.65
CA THR A 105 -9.52 -19.80 32.02
C THR A 105 -10.48 -20.37 33.06
N PRO A 106 -9.92 -21.00 34.11
CA PRO A 106 -10.75 -21.60 35.16
C PRO A 106 -11.05 -20.58 36.25
N ALA A 107 -10.48 -19.39 36.12
CA ALA A 107 -10.69 -18.34 37.11
C ALA A 107 -12.11 -17.80 37.13
N ASP A 108 -12.51 -17.26 38.26
CA ASP A 108 -13.83 -16.68 38.36
C ASP A 108 -13.64 -15.22 37.98
N LEU A 109 -14.01 -14.88 36.75
CA LEU A 109 -13.84 -13.53 36.24
C LEU A 109 -14.61 -12.45 36.98
N THR A 110 -15.47 -12.84 37.92
CA THR A 110 -16.25 -11.89 38.69
C THR A 110 -15.36 -11.30 39.79
N LYS A 111 -14.19 -11.90 39.97
CA LYS A 111 -13.22 -11.42 40.94
C LYS A 111 -11.83 -11.25 40.35
N LYS A 112 -10.88 -10.87 41.19
CA LYS A 112 -9.51 -10.65 40.73
C LYS A 112 -8.65 -11.88 40.96
N ASN A 113 -8.17 -12.49 39.88
CA ASN A 113 -7.31 -13.64 40.03
C ASN A 113 -6.03 -13.43 39.26
N ARG A 114 -4.99 -14.15 39.67
CA ARG A 114 -3.70 -14.05 39.02
C ARG A 114 -3.05 -15.42 38.99
N LEU A 115 -3.55 -16.29 38.10
CA LEU A 115 -3.05 -17.66 37.97
C LEU A 115 -1.97 -17.77 36.92
N PRO A 116 -1.12 -18.79 37.04
CA PRO A 116 -0.05 -18.96 36.04
C PRO A 116 -0.61 -19.15 34.63
N VAL A 117 0.14 -18.64 33.64
CA VAL A 117 -0.30 -18.75 32.25
C VAL A 117 0.57 -19.73 31.45
N MET A 118 -0.08 -20.66 30.76
CA MET A 118 0.64 -21.63 29.93
C MET A 118 0.26 -21.38 28.47
N VAL A 119 1.23 -20.96 27.67
CA VAL A 119 0.99 -20.67 26.26
C VAL A 119 1.46 -21.81 25.37
N TRP A 120 0.52 -22.38 24.63
CA TRP A 120 0.85 -23.50 23.77
C TRP A 120 1.15 -23.14 22.33
N ILE A 121 2.20 -23.74 21.80
CA ILE A 121 2.59 -23.55 20.42
C ILE A 121 2.52 -24.93 19.76
N HIS A 122 1.49 -25.14 18.95
CA HIS A 122 1.27 -26.42 18.26
C HIS A 122 2.42 -26.73 17.31
N GLY A 123 2.50 -27.99 16.89
CA GLY A 123 3.56 -28.40 15.98
C GLY A 123 3.03 -28.70 14.58
N GLY A 124 3.87 -29.31 13.75
CA GLY A 124 3.51 -29.65 12.37
C GLY A 124 4.57 -29.19 11.38
N GLY A 125 5.84 -29.40 11.73
CA GLY A 125 6.95 -29.03 10.87
C GLY A 125 6.98 -27.62 10.29
N LEU A 126 6.28 -26.70 10.92
CA LEU A 126 6.24 -25.32 10.42
C LEU A 126 5.54 -25.28 9.06
N MET A 127 4.74 -26.29 8.74
CA MET A 127 4.04 -26.34 7.46
C MET A 127 2.53 -26.49 7.65
N VAL A 128 2.13 -27.18 8.72
CA VAL A 128 0.72 -27.40 9.03
C VAL A 128 0.51 -27.32 10.55
N GLY A 129 -0.76 -27.43 10.95
CA GLY A 129 -1.09 -27.37 12.36
C GLY A 129 -2.06 -26.25 12.65
N ALA A 130 -2.71 -26.31 13.81
CA ALA A 130 -3.67 -25.28 14.21
C ALA A 130 -3.72 -25.21 15.73
N ALA A 131 -4.36 -24.20 16.30
CA ALA A 131 -4.41 -24.12 17.75
C ALA A 131 -5.65 -24.87 18.27
N SER A 132 -6.74 -24.76 17.53
CA SER A 132 -8.04 -25.35 17.87
C SER A 132 -8.01 -26.84 18.13
N THR A 133 -6.99 -27.49 17.56
CA THR A 133 -6.79 -28.91 17.72
C THR A 133 -6.64 -29.26 19.21
N TYR A 134 -6.06 -28.35 19.99
CA TYR A 134 -5.84 -28.57 21.42
C TYR A 134 -6.82 -27.88 22.36
N ASP A 135 -7.68 -28.69 23.00
CA ASP A 135 -8.69 -28.21 23.95
C ASP A 135 -8.05 -28.06 25.33
N GLY A 136 -8.04 -26.85 25.87
CA GLY A 136 -7.42 -26.63 27.17
C GLY A 136 -8.34 -26.77 28.37
N LEU A 137 -9.60 -27.09 28.11
CA LEU A 137 -10.60 -27.24 29.16
C LEU A 137 -10.15 -28.08 30.38
N ALA A 138 -9.57 -29.24 30.11
CA ALA A 138 -9.10 -30.12 31.17
C ALA A 138 -7.92 -29.54 31.94
N LEU A 139 -6.81 -29.27 31.24
CA LEU A 139 -5.62 -28.72 31.90
C LEU A 139 -5.95 -27.47 32.71
N ALA A 140 -6.78 -26.59 32.15
CA ALA A 140 -7.16 -25.35 32.84
C ALA A 140 -7.90 -25.62 34.15
N ALA A 141 -8.93 -26.44 34.09
CA ALA A 141 -9.73 -26.77 35.28
C ALA A 141 -8.95 -27.55 36.33
N HIS A 142 -8.30 -28.62 35.89
CA HIS A 142 -7.54 -29.49 36.76
C HIS A 142 -6.36 -28.83 37.47
N GLU A 143 -5.45 -28.21 36.73
CA GLU A 143 -4.31 -27.59 37.39
C GLU A 143 -4.48 -26.12 37.76
N ASN A 144 -5.71 -25.62 37.61
CA ASN A 144 -6.05 -24.25 37.94
C ASN A 144 -5.08 -23.25 37.33
N VAL A 145 -5.02 -23.25 36.00
CA VAL A 145 -4.16 -22.34 35.23
C VAL A 145 -4.84 -21.87 33.96
N VAL A 146 -4.46 -20.70 33.47
CA VAL A 146 -5.02 -20.18 32.23
C VAL A 146 -4.22 -20.81 31.11
N VAL A 147 -4.91 -21.35 30.12
CA VAL A 147 -4.25 -21.99 28.99
C VAL A 147 -4.56 -21.19 27.72
N VAL A 148 -3.52 -20.83 26.99
CA VAL A 148 -3.69 -20.06 25.77
C VAL A 148 -3.12 -20.83 24.59
N THR A 149 -3.93 -21.02 23.55
CA THR A 149 -3.43 -21.72 22.35
C THR A 149 -3.26 -20.67 21.25
N ILE A 150 -2.06 -20.58 20.67
CA ILE A 150 -1.79 -19.60 19.63
C ILE A 150 -1.53 -20.21 18.26
N GLN A 151 -1.61 -19.37 17.24
CA GLN A 151 -1.35 -19.80 15.86
C GLN A 151 -0.35 -18.84 15.27
N TYR A 152 0.33 -19.27 14.22
CA TYR A 152 1.33 -18.44 13.57
C TYR A 152 1.44 -18.86 12.11
N ARG A 153 1.85 -17.93 11.25
CA ARG A 153 1.99 -18.20 9.83
C ARG A 153 2.89 -19.42 9.55
N LEU A 154 2.39 -20.30 8.68
CA LEU A 154 3.07 -21.55 8.29
C LEU A 154 3.62 -21.49 6.86
N GLY A 155 4.41 -22.51 6.50
CA GLY A 155 4.98 -22.59 5.16
C GLY A 155 5.54 -21.32 4.56
N ILE A 156 5.21 -21.10 3.29
CA ILE A 156 5.66 -19.93 2.54
C ILE A 156 5.25 -18.63 3.23
N TRP A 157 4.00 -18.55 3.67
CA TRP A 157 3.49 -17.36 4.35
C TRP A 157 4.28 -16.97 5.60
N GLY A 158 4.72 -17.95 6.37
CA GLY A 158 5.44 -17.64 7.60
C GLY A 158 6.95 -17.80 7.59
N PHE A 159 7.48 -18.51 6.61
CA PHE A 159 8.93 -18.73 6.58
C PHE A 159 9.72 -18.46 5.31
N PHE A 160 9.09 -17.87 4.30
CA PHE A 160 9.77 -17.55 3.05
C PHE A 160 10.91 -16.53 3.23
N SER A 161 12.14 -16.94 2.95
CA SER A 161 13.31 -16.06 3.09
C SER A 161 14.21 -15.90 1.86
N THR A 162 14.47 -14.65 1.47
CA THR A 162 15.36 -14.41 0.34
C THR A 162 16.77 -14.28 0.88
N GLY A 163 16.91 -14.33 2.19
CA GLY A 163 18.23 -14.22 2.80
C GLY A 163 18.74 -12.80 2.97
N ASP A 164 17.92 -11.80 2.67
CA ASP A 164 18.30 -10.40 2.82
C ASP A 164 17.18 -9.56 3.40
N GLU A 165 17.42 -8.25 3.46
CA GLU A 165 16.48 -7.30 4.03
C GLU A 165 15.14 -7.21 3.28
N HIS A 166 15.10 -7.68 2.04
CA HIS A 166 13.85 -7.62 1.28
C HIS A 166 12.86 -8.66 1.77
N SER A 167 13.37 -9.64 2.51
CA SER A 167 12.54 -10.69 3.11
C SER A 167 13.40 -11.56 4.02
N ARG A 168 13.72 -11.02 5.20
CA ARG A 168 14.54 -11.73 6.16
C ARG A 168 13.98 -13.13 6.44
N GLY A 169 12.73 -13.21 6.87
CA GLY A 169 12.13 -14.51 7.17
C GLY A 169 11.75 -14.62 8.64
N ASN A 170 11.37 -15.81 9.08
CA ASN A 170 10.99 -16.05 10.47
C ASN A 170 9.67 -15.37 10.87
N TRP A 171 8.86 -15.01 9.87
CA TRP A 171 7.56 -14.37 10.08
C TRP A 171 6.75 -15.15 11.12
N GLY A 172 6.77 -16.48 10.99
CA GLY A 172 6.04 -17.31 11.91
C GLY A 172 6.53 -17.15 13.35
N HIS A 173 7.84 -16.95 13.53
CA HIS A 173 8.36 -16.78 14.88
C HIS A 173 7.99 -15.40 15.41
N LEU A 174 7.89 -14.41 14.52
CA LEU A 174 7.51 -13.05 14.92
C LEU A 174 6.06 -13.03 15.41
N ASP A 175 5.20 -13.82 14.77
CA ASP A 175 3.81 -13.91 15.18
C ASP A 175 3.72 -14.50 16.58
N GLN A 176 4.54 -15.51 16.84
CA GLN A 176 4.57 -16.16 18.16
C GLN A 176 5.01 -15.11 19.19
N VAL A 177 5.98 -14.27 18.83
CA VAL A 177 6.45 -13.21 19.74
C VAL A 177 5.35 -12.16 19.90
N ALA A 178 4.65 -11.87 18.82
CA ALA A 178 3.56 -10.90 18.84
C ALA A 178 2.45 -11.39 19.77
N ALA A 179 2.26 -12.71 19.87
CA ALA A 179 1.23 -13.26 20.74
C ALA A 179 1.66 -13.13 22.19
N LEU A 180 2.94 -13.33 22.45
CA LEU A 180 3.46 -13.22 23.81
C LEU A 180 3.32 -11.81 24.35
N ARG A 181 3.40 -10.82 23.46
CA ARG A 181 3.26 -9.42 23.86
C ARG A 181 1.79 -9.18 24.16
N TRP A 182 0.91 -9.79 23.37
CA TRP A 182 -0.51 -9.63 23.58
C TRP A 182 -0.86 -10.20 24.95
N VAL A 183 -0.23 -11.30 25.30
CA VAL A 183 -0.51 -11.92 26.58
C VAL A 183 -0.11 -11.02 27.75
N GLN A 184 1.06 -10.39 27.65
CA GLN A 184 1.54 -9.49 28.71
C GLN A 184 0.72 -8.22 28.82
N ASP A 185 -0.03 -7.89 27.78
CA ASP A 185 -0.82 -6.68 27.80
C ASP A 185 -2.27 -6.89 28.20
N ASN A 186 -2.78 -8.11 28.02
CA ASN A 186 -4.18 -8.37 28.30
C ASN A 186 -4.49 -9.58 29.16
N ILE A 187 -3.51 -10.45 29.39
CA ILE A 187 -3.83 -11.65 30.13
C ILE A 187 -4.49 -11.42 31.47
N ALA A 188 -4.17 -10.32 32.14
CA ALA A 188 -4.80 -10.09 33.43
C ALA A 188 -6.32 -9.99 33.33
N SER A 189 -6.83 -9.53 32.18
CA SER A 189 -8.28 -9.44 32.01
C SER A 189 -8.93 -10.82 32.12
N PHE A 190 -8.15 -11.86 31.87
CA PHE A 190 -8.68 -13.22 31.93
C PHE A 190 -8.32 -13.98 33.22
N GLY A 191 -7.84 -13.25 34.23
CA GLY A 191 -7.49 -13.87 35.49
C GLY A 191 -6.09 -14.46 35.48
N GLY A 192 -5.35 -14.15 34.42
CA GLY A 192 -3.99 -14.65 34.29
C GLY A 192 -2.99 -13.69 34.90
N ASN A 193 -1.86 -14.23 35.33
CA ASN A 193 -0.80 -13.42 35.93
C ASN A 193 0.30 -13.17 34.90
N PRO A 194 0.29 -11.98 34.29
CA PRO A 194 1.29 -11.65 33.29
C PRO A 194 2.72 -11.87 33.77
N GLY A 195 2.94 -11.80 35.07
CA GLY A 195 4.29 -12.03 35.56
C GLY A 195 4.75 -13.49 35.65
N SER A 196 3.90 -14.43 35.24
CA SER A 196 4.23 -15.85 35.28
C SER A 196 3.74 -16.57 34.03
N VAL A 197 4.42 -16.31 32.90
CA VAL A 197 4.06 -16.92 31.62
C VAL A 197 5.03 -18.02 31.22
N THR A 198 4.49 -19.21 31.00
CA THR A 198 5.25 -20.38 30.62
C THR A 198 4.92 -20.76 29.17
N ILE A 199 5.92 -20.78 28.30
CA ILE A 199 5.65 -21.19 26.92
C ILE A 199 6.01 -22.68 26.81
N PHE A 200 5.24 -23.42 26.03
CA PHE A 200 5.53 -24.83 25.82
C PHE A 200 4.94 -25.27 24.49
N GLY A 201 5.60 -26.24 23.86
CA GLY A 201 5.12 -26.72 22.58
C GLY A 201 5.70 -28.07 22.24
N GLU A 202 5.13 -28.72 21.24
CA GLU A 202 5.58 -30.04 20.83
C GLU A 202 6.02 -30.01 19.36
N SER A 203 7.07 -30.77 19.05
CA SER A 203 7.63 -30.89 17.70
C SER A 203 8.15 -29.54 17.17
N ALA A 204 7.54 -29.02 16.11
CA ALA A 204 7.99 -27.73 15.59
C ALA A 204 7.64 -26.69 16.65
N GLY A 205 6.71 -27.05 17.54
CA GLY A 205 6.32 -26.14 18.61
C GLY A 205 7.42 -26.13 19.64
N GLY A 206 8.09 -27.27 19.74
CA GLY A 206 9.19 -27.43 20.68
C GLY A 206 10.38 -26.66 20.17
N GLU A 207 10.61 -26.72 18.86
CA GLU A 207 11.72 -26.00 18.27
C GLU A 207 11.48 -24.49 18.37
N SER A 208 10.24 -24.07 18.18
CA SER A 208 9.90 -22.65 18.27
C SER A 208 10.27 -22.15 19.67
N VAL A 209 9.78 -22.87 20.69
CA VAL A 209 10.08 -22.53 22.07
C VAL A 209 11.59 -22.45 22.25
N SER A 210 12.30 -23.41 21.68
CA SER A 210 13.76 -23.43 21.80
C SER A 210 14.36 -22.18 21.15
N VAL A 211 13.82 -21.76 20.00
CA VAL A 211 14.31 -20.57 19.29
C VAL A 211 14.01 -19.29 20.07
N LEU A 212 12.84 -19.25 20.69
CA LEU A 212 12.42 -18.10 21.48
C LEU A 212 13.33 -17.95 22.70
N VAL A 213 13.94 -19.06 23.11
CA VAL A 213 14.83 -19.03 24.25
C VAL A 213 16.16 -18.41 23.92
N LEU A 214 16.52 -18.44 22.64
CA LEU A 214 17.79 -17.87 22.19
C LEU A 214 17.58 -16.50 21.56
N SER A 215 16.33 -16.09 21.40
CA SER A 215 16.05 -14.81 20.77
C SER A 215 15.91 -13.61 21.71
N PRO A 216 16.61 -12.51 21.40
CA PRO A 216 16.55 -11.29 22.21
C PRO A 216 15.16 -10.68 22.17
N LEU A 217 14.43 -10.97 21.11
CA LEU A 217 13.10 -10.42 20.94
C LEU A 217 12.10 -10.97 21.95
N ALA A 218 12.38 -12.17 22.45
CA ALA A 218 11.46 -12.80 23.40
C ALA A 218 11.82 -12.50 24.85
N LYS A 219 12.93 -11.79 25.03
CA LYS A 219 13.43 -11.41 26.34
C LYS A 219 12.31 -10.78 27.15
N ASN A 220 12.02 -11.38 28.31
CA ASN A 220 10.99 -10.91 29.23
C ASN A 220 9.55 -11.09 28.79
N LEU A 221 9.30 -12.04 27.91
CA LEU A 221 7.94 -12.29 27.46
C LEU A 221 7.41 -13.63 27.98
N PHE A 222 8.26 -14.37 28.68
CA PHE A 222 7.92 -15.67 29.27
C PHE A 222 8.87 -15.91 30.44
N HIS A 223 8.49 -16.78 31.38
CA HIS A 223 9.35 -17.02 32.52
C HIS A 223 9.75 -18.47 32.71
N ARG A 224 9.19 -19.34 31.88
CA ARG A 224 9.50 -20.76 31.95
C ARG A 224 9.26 -21.32 30.56
N ALA A 225 10.04 -22.32 30.19
CA ALA A 225 9.90 -22.92 28.87
C ALA A 225 9.88 -24.44 28.90
N ILE A 226 9.11 -25.02 27.99
CA ILE A 226 9.06 -26.47 27.90
C ILE A 226 9.11 -26.90 26.43
N SER A 227 10.13 -27.67 26.08
CA SER A 227 10.27 -28.18 24.72
C SER A 227 9.93 -29.65 24.70
N GLU A 228 8.84 -30.01 24.03
CA GLU A 228 8.45 -31.40 23.95
C GLU A 228 8.81 -32.00 22.59
N SER A 229 9.88 -32.78 22.53
CA SER A 229 10.27 -33.42 21.27
C SER A 229 10.62 -32.44 20.15
N GLY A 230 11.69 -31.67 20.35
CA GLY A 230 12.10 -30.70 19.37
C GLY A 230 12.90 -29.59 20.01
N VAL A 231 14.01 -29.21 19.37
CA VAL A 231 14.85 -28.16 19.90
C VAL A 231 15.51 -27.47 18.73
N ALA A 232 16.14 -26.34 19.01
CA ALA A 232 16.82 -25.53 18.02
C ALA A 232 17.98 -26.22 17.31
N LEU A 233 18.39 -27.40 17.77
CA LEU A 233 19.48 -28.11 17.12
C LEU A 233 18.96 -29.20 16.18
N THR A 234 17.63 -29.26 16.02
CA THR A 234 16.98 -30.23 15.12
C THR A 234 17.14 -29.67 13.69
N SER A 235 18.35 -29.77 13.17
CA SER A 235 18.70 -29.30 11.83
C SER A 235 17.56 -29.14 10.84
N VAL A 236 16.81 -30.21 10.62
CA VAL A 236 15.71 -30.21 9.67
C VAL A 236 14.84 -28.92 9.69
N LEU A 237 14.62 -28.35 10.87
CA LEU A 237 13.81 -27.14 10.98
C LEU A 237 14.58 -25.83 10.92
N VAL A 238 15.91 -25.93 10.88
CA VAL A 238 16.74 -24.74 10.83
C VAL A 238 17.57 -24.73 9.55
N LYS A 239 17.45 -23.64 8.79
CA LYS A 239 18.16 -23.47 7.54
C LYS A 239 19.51 -22.78 7.74
N LYS A 240 20.55 -23.38 7.17
CA LYS A 240 21.88 -22.79 7.28
C LYS A 240 22.48 -22.62 5.90
N GLY A 241 23.37 -21.65 5.75
CA GLY A 241 23.98 -21.39 4.47
C GLY A 241 23.11 -20.47 3.63
N ASP A 242 23.49 -20.28 2.37
CA ASP A 242 22.74 -19.43 1.47
C ASP A 242 21.37 -20.02 1.26
N VAL A 243 20.33 -19.24 1.54
CA VAL A 243 18.96 -19.70 1.39
C VAL A 243 18.34 -19.21 0.06
N LYS A 244 19.01 -18.24 -0.56
CA LYS A 244 18.59 -17.65 -1.83
C LYS A 244 18.20 -18.72 -2.86
N PRO A 245 18.97 -19.80 -2.97
CA PRO A 245 18.61 -20.83 -3.95
C PRO A 245 17.21 -21.43 -3.73
N LEU A 246 16.80 -21.53 -2.48
CA LEU A 246 15.48 -22.07 -2.18
C LEU A 246 14.43 -21.05 -2.60
N ALA A 247 14.69 -19.78 -2.28
CA ALA A 247 13.78 -18.70 -2.61
C ALA A 247 13.45 -18.73 -4.10
N GLU A 248 14.50 -18.74 -4.93
CA GLU A 248 14.33 -18.76 -6.38
C GLU A 248 13.52 -19.96 -6.83
N GLN A 249 13.78 -21.11 -6.20
CA GLN A 249 13.08 -22.34 -6.54
C GLN A 249 11.57 -22.20 -6.30
N ILE A 250 11.19 -21.55 -5.21
CA ILE A 250 9.77 -21.33 -4.90
C ILE A 250 9.16 -20.37 -5.92
N ALA A 251 9.87 -19.27 -6.13
CA ALA A 251 9.50 -18.20 -7.06
C ALA A 251 9.17 -18.75 -8.44
N ILE A 252 10.08 -19.54 -9.00
CA ILE A 252 9.84 -20.09 -10.32
C ILE A 252 8.61 -20.99 -10.31
N THR A 253 8.50 -21.85 -9.31
CA THR A 253 7.36 -22.74 -9.16
C THR A 253 6.09 -21.93 -9.11
N ALA A 254 6.12 -20.84 -8.34
CA ALA A 254 4.94 -20.01 -8.22
C ALA A 254 4.66 -19.28 -9.54
N GLY A 255 5.66 -19.20 -10.42
CA GLY A 255 5.46 -18.53 -11.70
C GLY A 255 5.85 -17.06 -11.65
N CYS A 256 6.95 -16.79 -10.97
CA CYS A 256 7.50 -15.45 -10.78
C CYS A 256 8.88 -15.31 -11.40
N LYS A 257 9.31 -14.06 -11.54
CA LYS A 257 10.63 -13.75 -12.07
C LYS A 257 11.61 -13.83 -10.91
N THR A 258 12.90 -13.92 -11.22
CA THR A 258 13.90 -14.02 -10.16
C THR A 258 15.05 -13.04 -10.35
N THR A 259 14.80 -11.98 -11.10
CA THR A 259 15.79 -10.94 -11.39
C THR A 259 16.54 -10.43 -10.17
N THR A 260 15.81 -10.17 -9.08
CA THR A 260 16.40 -9.72 -7.83
C THR A 260 15.55 -10.27 -6.69
N SER A 261 15.96 -9.97 -5.46
CA SER A 261 15.22 -10.43 -4.30
C SER A 261 13.94 -9.63 -4.20
N ALA A 262 14.08 -8.30 -4.31
CA ALA A 262 12.92 -7.43 -4.21
C ALA A 262 11.89 -7.82 -5.24
N VAL A 263 12.35 -8.15 -6.44
CA VAL A 263 11.44 -8.55 -7.50
C VAL A 263 10.69 -9.82 -7.16
N MET A 264 11.40 -10.77 -6.55
CA MET A 264 10.79 -12.03 -6.15
C MET A 264 9.67 -11.84 -5.09
N VAL A 265 9.96 -11.03 -4.07
CA VAL A 265 9.00 -10.75 -2.99
C VAL A 265 7.81 -9.92 -3.49
N HIS A 266 8.09 -8.98 -4.38
CA HIS A 266 7.05 -8.14 -4.94
C HIS A 266 6.06 -9.01 -5.69
N CYS A 267 6.59 -9.96 -6.45
CA CYS A 267 5.77 -10.86 -7.24
C CYS A 267 4.95 -11.80 -6.35
N LEU A 268 5.62 -12.52 -5.46
CA LEU A 268 4.91 -13.42 -4.56
C LEU A 268 3.82 -12.67 -3.80
N ARG A 269 3.99 -11.39 -3.52
CA ARG A 269 2.91 -10.70 -2.83
C ARG A 269 1.69 -10.56 -3.70
N GLN A 270 1.88 -10.61 -5.02
CA GLN A 270 0.78 -10.47 -5.96
C GLN A 270 -0.03 -11.76 -6.09
N LYS A 271 0.63 -12.89 -5.88
CA LYS A 271 -0.01 -14.20 -5.96
C LYS A 271 -1.20 -14.33 -5.01
N THR A 272 -2.25 -15.03 -5.43
CA THR A 272 -3.41 -15.22 -4.56
C THR A 272 -3.11 -16.32 -3.55
N GLU A 273 -3.96 -16.43 -2.54
CA GLU A 273 -3.78 -17.49 -1.55
C GLU A 273 -3.79 -18.81 -2.32
N GLU A 274 -4.87 -19.06 -3.05
CA GLU A 274 -4.99 -20.29 -3.80
C GLU A 274 -3.76 -20.60 -4.68
N GLU A 275 -3.08 -19.56 -5.16
CA GLU A 275 -1.89 -19.76 -5.98
C GLU A 275 -0.68 -20.23 -5.13
N LEU A 276 -0.48 -19.60 -3.98
CA LEU A 276 0.62 -19.97 -3.12
C LEU A 276 0.38 -21.37 -2.55
N LEU A 277 -0.88 -21.70 -2.32
CA LEU A 277 -1.25 -23.01 -1.83
C LEU A 277 -0.92 -24.06 -2.87
N GLU A 278 -1.26 -23.80 -4.14
CA GLU A 278 -0.95 -24.75 -5.19
C GLU A 278 0.54 -24.91 -5.34
N THR A 279 1.26 -23.84 -5.05
CA THR A 279 2.71 -23.87 -5.13
C THR A 279 3.21 -24.78 -4.02
N THR A 280 2.56 -24.71 -2.86
CA THR A 280 2.93 -25.52 -1.71
C THR A 280 2.80 -26.98 -2.05
N LEU A 281 1.61 -27.34 -2.52
CA LEU A 281 1.37 -28.72 -2.89
C LEU A 281 2.39 -29.21 -3.93
N LYS A 282 2.81 -28.35 -4.86
CA LYS A 282 3.78 -28.76 -5.86
C LYS A 282 5.15 -29.05 -5.28
N MET A 283 5.61 -28.21 -4.35
CA MET A 283 6.92 -28.43 -3.75
C MET A 283 7.02 -29.81 -3.10
N LYS A 284 5.88 -30.38 -2.69
CA LYS A 284 5.84 -31.69 -2.03
C LYS A 284 6.71 -31.66 -0.77
N PHE A 285 6.50 -30.63 0.05
CA PHE A 285 7.26 -30.43 1.29
C PHE A 285 7.26 -31.57 2.32
N LEU A 286 6.09 -32.14 2.61
CA LEU A 286 6.00 -33.23 3.58
C LEU A 286 6.69 -34.52 3.14
N SER A 287 6.33 -34.99 1.95
CA SER A 287 6.84 -36.23 1.36
C SER A 287 8.36 -36.37 1.29
N LEU A 288 8.81 -37.55 0.93
CA LEU A 288 10.24 -37.83 0.80
C LEU A 288 10.52 -38.46 -0.57
N ASP A 289 11.47 -37.88 -1.29
CA ASP A 289 11.85 -38.37 -2.62
C ASP A 289 12.77 -39.58 -2.53
N LEU A 290 12.37 -40.68 -3.16
CA LEU A 290 13.17 -41.90 -3.11
C LEU A 290 14.32 -41.96 -4.12
N GLN A 291 14.14 -41.35 -5.30
CA GLN A 291 15.19 -41.36 -6.33
C GLN A 291 15.79 -39.97 -6.60
N GLY A 292 16.89 -39.94 -7.35
CA GLY A 292 17.54 -38.69 -7.68
C GLY A 292 18.74 -38.43 -6.80
N ASP A 293 18.76 -37.27 -6.14
CA ASP A 293 19.86 -36.89 -5.26
C ASP A 293 19.30 -36.32 -3.96
N PRO A 294 19.55 -37.01 -2.84
CA PRO A 294 19.10 -36.63 -1.49
C PRO A 294 19.41 -35.17 -1.13
N ARG A 295 20.60 -34.71 -1.52
CA ARG A 295 21.02 -33.34 -1.24
C ARG A 295 20.30 -32.30 -2.09
N GLU A 296 19.63 -32.76 -3.15
CA GLU A 296 18.89 -31.86 -4.04
C GLU A 296 17.41 -31.78 -3.64
N SER A 297 17.04 -32.44 -2.54
CA SER A 297 15.66 -32.42 -2.05
C SER A 297 15.43 -31.10 -1.32
N GLN A 298 14.33 -31.01 -0.59
CA GLN A 298 14.00 -29.79 0.14
C GLN A 298 12.86 -30.07 1.10
N PRO A 299 13.18 -30.36 2.38
CA PRO A 299 12.19 -30.67 3.42
C PRO A 299 11.18 -29.57 3.68
N LEU A 300 11.67 -28.39 4.06
CA LEU A 300 10.78 -27.27 4.35
C LEU A 300 11.46 -25.90 4.36
N LEU A 301 10.77 -24.95 4.97
CA LEU A 301 11.26 -23.58 5.05
C LEU A 301 11.44 -23.19 6.51
N GLY A 302 12.10 -24.02 7.30
CA GLY A 302 12.26 -23.68 8.70
C GLY A 302 12.82 -22.31 9.09
N THR A 303 13.31 -22.28 10.32
CA THR A 303 13.89 -21.09 10.92
C THR A 303 15.16 -20.70 10.22
N VAL A 304 15.42 -19.40 10.11
CA VAL A 304 16.66 -18.96 9.50
C VAL A 304 17.36 -17.99 10.44
N ILE A 305 18.55 -17.56 10.04
CA ILE A 305 19.35 -16.62 10.82
C ILE A 305 19.14 -15.25 10.16
N ASP A 306 18.07 -14.58 10.54
CA ASP A 306 17.69 -13.28 9.99
C ASP A 306 18.49 -12.06 10.46
N GLY A 307 19.07 -12.13 11.65
CA GLY A 307 19.80 -11.00 12.16
C GLY A 307 18.88 -10.12 13.02
N MET A 308 17.69 -10.63 13.31
CA MET A 308 16.70 -9.94 14.15
C MET A 308 16.30 -10.89 15.27
N LEU A 309 15.54 -11.93 14.90
CA LEU A 309 15.10 -12.94 15.85
C LEU A 309 16.28 -13.74 16.38
N LEU A 310 17.17 -14.14 15.46
CA LEU A 310 18.38 -14.89 15.81
C LEU A 310 19.60 -14.20 15.19
N LEU A 311 20.56 -13.79 16.02
CA LEU A 311 21.76 -13.11 15.54
C LEU A 311 22.81 -14.06 14.99
N LYS A 312 22.69 -15.35 15.35
CA LYS A 312 23.61 -16.36 14.85
C LYS A 312 23.01 -17.75 15.07
N THR A 313 23.67 -18.78 14.55
CA THR A 313 23.17 -20.14 14.70
C THR A 313 22.95 -20.53 16.15
N PRO A 314 21.98 -21.42 16.41
CA PRO A 314 21.68 -21.88 17.77
C PRO A 314 22.92 -22.49 18.43
N GLU A 315 23.76 -23.09 17.60
CA GLU A 315 24.99 -23.69 18.10
C GLU A 315 25.85 -22.60 18.73
N GLU A 316 26.07 -21.52 17.98
CA GLU A 316 26.87 -20.40 18.43
C GLU A 316 26.29 -19.67 19.63
N LEU A 317 24.98 -19.43 19.58
CA LEU A 317 24.28 -18.73 20.64
C LEU A 317 24.29 -19.44 21.97
N GLN A 318 24.06 -20.75 21.95
CA GLN A 318 24.04 -21.54 23.17
C GLN A 318 25.43 -21.71 23.74
N ALA A 319 26.44 -21.31 22.97
CA ALA A 319 27.82 -21.41 23.41
C ALA A 319 28.12 -20.29 24.39
N GLU A 320 27.24 -19.31 24.45
CA GLU A 320 27.42 -18.16 25.34
C GLU A 320 26.47 -18.22 26.54
N ARG A 321 26.94 -17.69 27.67
CA ARG A 321 26.14 -17.64 28.89
C ARG A 321 25.84 -16.17 29.18
N ASN A 322 25.48 -15.43 28.14
CA ASN A 322 25.18 -14.01 28.25
C ASN A 322 23.75 -13.71 27.75
N PHE A 323 22.77 -13.88 28.63
CA PHE A 323 21.37 -13.63 28.28
C PHE A 323 20.45 -13.95 29.45
N HIS A 324 19.18 -13.57 29.32
CA HIS A 324 18.18 -13.82 30.37
C HIS A 324 17.99 -15.34 30.48
N THR A 325 18.30 -15.90 31.64
CA THR A 325 18.19 -17.33 31.86
C THR A 325 16.90 -17.70 32.60
N VAL A 326 16.11 -18.59 32.01
CA VAL A 326 14.85 -19.02 32.64
C VAL A 326 14.78 -20.53 32.73
N PRO A 327 14.04 -21.07 33.73
CA PRO A 327 13.92 -22.52 33.89
C PRO A 327 13.44 -23.11 32.57
N TYR A 328 14.16 -24.11 32.08
CA TYR A 328 13.83 -24.74 30.80
C TYR A 328 13.72 -26.24 30.99
N MET A 329 12.63 -26.82 30.51
CA MET A 329 12.41 -28.27 30.60
C MET A 329 12.42 -28.89 29.21
N VAL A 330 13.36 -29.78 28.92
CA VAL A 330 13.44 -30.41 27.60
C VAL A 330 13.16 -31.92 27.69
N GLY A 331 12.24 -32.42 26.90
CA GLY A 331 11.95 -33.83 26.98
C GLY A 331 11.81 -34.50 25.64
N ILE A 332 11.72 -35.83 25.65
CA ILE A 332 11.55 -36.60 24.43
C ILE A 332 10.72 -37.84 24.72
N ASN A 333 10.51 -38.65 23.69
CA ASN A 333 9.74 -39.87 23.82
C ASN A 333 10.61 -41.08 23.52
N LYS A 334 10.13 -42.25 23.91
CA LYS A 334 10.85 -43.52 23.73
C LYS A 334 11.12 -43.86 22.27
N GLN A 335 10.11 -43.66 21.43
CA GLN A 335 10.19 -43.94 19.99
C GLN A 335 9.71 -42.79 19.10
N GLU A 336 10.50 -41.73 19.03
CA GLU A 336 10.18 -40.55 18.23
C GLU A 336 9.87 -40.85 16.77
N PHE A 337 10.56 -41.83 16.21
CA PHE A 337 10.37 -42.22 14.83
C PHE A 337 9.71 -43.61 14.77
N GLY A 338 8.86 -43.91 15.74
CA GLY A 338 8.22 -45.22 15.79
C GLY A 338 7.14 -45.54 14.77
N TRP A 339 6.27 -44.59 14.48
CA TRP A 339 5.22 -44.80 13.52
C TRP A 339 4.72 -43.51 12.86
N LEU A 340 4.36 -42.54 13.69
CA LEU A 340 3.82 -41.25 13.24
C LEU A 340 4.53 -40.53 12.07
N ILE A 341 5.73 -40.05 12.32
CA ILE A 341 6.47 -39.35 11.30
C ILE A 341 6.66 -40.21 10.06
N PRO A 342 7.23 -41.42 10.22
CA PRO A 342 7.43 -42.29 9.05
C PRO A 342 6.18 -42.40 8.19
N MET A 343 5.07 -42.71 8.84
CA MET A 343 3.81 -42.86 8.15
C MET A 343 3.41 -41.61 7.38
N LEU A 344 3.61 -40.43 7.97
CA LEU A 344 3.25 -39.17 7.32
C LEU A 344 4.16 -38.79 6.15
N MET A 345 5.36 -39.35 6.12
CA MET A 345 6.29 -39.06 5.04
C MET A 345 6.30 -40.20 4.04
N SER A 346 5.67 -41.31 4.42
CA SER A 346 5.57 -42.50 3.59
C SER A 346 6.92 -43.16 3.39
N TYR A 347 7.36 -43.93 4.39
CA TYR A 347 8.65 -44.62 4.31
C TYR A 347 8.51 -46.02 3.73
N PRO A 348 9.43 -46.39 2.83
CA PRO A 348 9.49 -47.70 2.16
C PRO A 348 9.59 -48.91 3.10
N LEU A 349 9.48 -48.67 4.41
CA LEU A 349 9.56 -49.75 5.39
C LEU A 349 8.26 -50.53 5.47
N SER A 350 7.61 -50.69 4.31
CA SER A 350 6.34 -51.39 4.23
C SER A 350 6.53 -52.90 4.16
N GLU A 351 7.71 -53.38 4.54
CA GLU A 351 8.00 -54.81 4.55
C GLU A 351 8.38 -55.25 5.95
N GLY A 352 8.39 -54.30 6.89
CA GLY A 352 8.72 -54.59 8.26
C GLY A 352 10.09 -55.21 8.47
N GLN A 353 10.91 -55.23 7.43
CA GLN A 353 12.25 -55.81 7.50
C GLN A 353 13.25 -54.90 6.79
N LEU A 354 14.50 -54.91 7.25
CA LEU A 354 15.51 -54.07 6.64
C LEU A 354 16.91 -54.65 6.85
N ASP A 355 17.69 -54.68 5.78
CA ASP A 355 19.05 -55.20 5.84
C ASP A 355 20.08 -54.08 5.84
N GLN A 356 21.32 -54.44 6.22
CA GLN A 356 22.43 -53.50 6.29
C GLN A 356 22.72 -52.73 5.01
N LYS A 357 22.25 -53.25 3.87
CA LYS A 357 22.46 -52.59 2.58
C LYS A 357 21.29 -51.70 2.17
N THR A 358 20.06 -52.16 2.43
CA THR A 358 18.87 -51.39 2.07
C THR A 358 18.75 -50.19 3.02
N ALA A 359 19.23 -50.39 4.24
CA ALA A 359 19.18 -49.32 5.24
C ALA A 359 20.13 -48.20 4.86
N MET A 360 21.36 -48.54 4.48
CA MET A 360 22.34 -47.52 4.11
C MET A 360 21.84 -46.67 2.96
N SER A 361 20.88 -47.21 2.21
CA SER A 361 20.29 -46.51 1.09
C SER A 361 19.26 -45.52 1.59
N LEU A 362 18.40 -45.96 2.50
CA LEU A 362 17.36 -45.11 3.06
C LEU A 362 17.93 -43.93 3.85
N LEU A 363 18.89 -44.21 4.71
CA LEU A 363 19.52 -43.18 5.52
C LEU A 363 20.03 -42.08 4.60
N TRP A 364 20.64 -42.47 3.48
CA TRP A 364 21.15 -41.50 2.53
C TRP A 364 19.99 -40.70 1.95
N LYS A 365 18.95 -41.41 1.51
CA LYS A 365 17.78 -40.76 0.93
C LYS A 365 17.07 -39.89 1.96
N SER A 366 17.39 -40.12 3.23
CA SER A 366 16.79 -39.36 4.32
C SER A 366 17.72 -38.24 4.75
N TYR A 367 18.61 -37.84 3.85
CA TYR A 367 19.56 -36.77 4.14
C TYR A 367 18.94 -35.50 4.71
N PRO A 368 17.86 -35.01 4.08
CA PRO A 368 17.20 -33.80 4.56
C PRO A 368 16.58 -33.90 5.96
N LEU A 369 16.64 -35.09 6.55
CA LEU A 369 16.09 -35.33 7.88
C LEU A 369 17.17 -35.60 8.92
N VAL A 370 18.28 -36.19 8.49
CA VAL A 370 19.35 -36.51 9.41
C VAL A 370 20.63 -35.72 9.13
N CYS A 371 20.80 -35.30 7.88
CA CYS A 371 21.97 -34.53 7.47
C CYS A 371 23.26 -35.30 7.80
N ILE A 372 23.47 -36.43 7.14
CA ILE A 372 24.66 -37.23 7.39
C ILE A 372 25.43 -37.49 6.10
N ALA A 373 26.70 -37.12 6.07
CA ALA A 373 27.54 -37.33 4.89
C ALA A 373 27.49 -38.80 4.48
N LYS A 374 27.36 -39.06 3.18
CA LYS A 374 27.27 -40.43 2.70
C LYS A 374 28.49 -41.28 3.08
N GLU A 375 29.63 -40.64 3.31
CA GLU A 375 30.84 -41.36 3.69
C GLU A 375 30.71 -41.87 5.12
N LEU A 376 29.81 -41.26 5.88
CA LEU A 376 29.60 -41.63 7.28
C LEU A 376 28.51 -42.68 7.45
N ILE A 377 27.60 -42.75 6.48
CA ILE A 377 26.48 -43.69 6.51
C ILE A 377 26.92 -45.08 6.97
N PRO A 378 27.88 -45.69 6.26
CA PRO A 378 28.35 -47.01 6.65
C PRO A 378 28.72 -47.13 8.13
N GLU A 379 29.49 -46.16 8.62
CA GLU A 379 29.91 -46.17 10.02
C GLU A 379 28.71 -46.20 10.95
N ALA A 380 27.89 -45.15 10.88
CA ALA A 380 26.70 -45.03 11.71
C ALA A 380 25.83 -46.28 11.62
N THR A 381 25.55 -46.72 10.41
CA THR A 381 24.71 -47.89 10.20
C THR A 381 25.17 -49.12 10.95
N GLU A 382 26.47 -49.23 11.12
CA GLU A 382 27.08 -50.36 11.83
C GLU A 382 26.82 -50.22 13.34
N LYS A 383 27.18 -49.07 13.89
CA LYS A 383 27.01 -48.79 15.32
C LYS A 383 25.62 -49.16 15.83
N TYR A 384 24.64 -49.16 14.94
CA TYR A 384 23.27 -49.49 15.31
C TYR A 384 22.80 -50.86 14.85
N LEU A 385 23.05 -51.18 13.59
CA LEU A 385 22.59 -52.45 13.01
C LEU A 385 23.67 -53.53 12.93
N GLY A 386 24.90 -53.18 13.29
CA GLY A 386 25.98 -54.14 13.22
C GLY A 386 25.81 -55.33 14.16
N GLY A 387 24.77 -55.28 14.99
CA GLY A 387 24.51 -56.36 15.92
C GLY A 387 23.78 -57.54 15.32
N THR A 388 22.59 -57.83 15.84
CA THR A 388 21.79 -58.95 15.35
C THR A 388 21.73 -59.02 13.83
N ASP A 389 21.63 -60.23 13.31
CA ASP A 389 21.55 -60.45 11.87
C ASP A 389 20.08 -60.49 11.48
N ASP A 390 19.21 -60.13 12.43
CA ASP A 390 17.77 -60.12 12.22
C ASP A 390 17.30 -58.81 11.57
N THR A 391 16.82 -58.91 10.33
CA THR A 391 16.34 -57.75 9.59
C THR A 391 15.22 -57.03 10.33
N VAL A 392 14.39 -57.80 11.02
CA VAL A 392 13.28 -57.24 11.78
C VAL A 392 13.80 -56.30 12.85
N LYS A 393 14.90 -56.68 13.49
CA LYS A 393 15.51 -55.87 14.53
C LYS A 393 16.26 -54.69 13.92
N LYS A 394 16.86 -54.92 12.75
CA LYS A 394 17.60 -53.88 12.04
C LYS A 394 16.63 -52.74 11.70
N LYS A 395 15.43 -53.10 11.25
CA LYS A 395 14.42 -52.12 10.91
C LYS A 395 14.14 -51.22 12.11
N ASP A 396 13.97 -51.83 13.28
CA ASP A 396 13.69 -51.11 14.52
C ASP A 396 14.89 -50.27 14.95
N LEU A 397 16.06 -50.90 14.99
CA LEU A 397 17.27 -50.19 15.37
C LEU A 397 17.49 -49.01 14.43
N PHE A 398 17.02 -49.17 13.19
CA PHE A 398 17.14 -48.13 12.17
C PHE A 398 16.26 -46.94 12.52
N LEU A 399 15.10 -47.24 13.11
CA LEU A 399 14.19 -46.20 13.52
C LEU A 399 14.81 -45.47 14.72
N ASP A 400 15.46 -46.21 15.60
CA ASP A 400 16.10 -45.58 16.75
C ASP A 400 17.21 -44.66 16.30
N LEU A 401 17.80 -45.01 15.16
CA LEU A 401 18.89 -44.22 14.58
C LEU A 401 18.37 -42.83 14.26
N ILE A 402 17.35 -42.73 13.42
CA ILE A 402 16.79 -41.45 13.04
C ILE A 402 16.23 -40.66 14.23
N ALA A 403 15.52 -41.35 15.11
CA ALA A 403 14.94 -40.72 16.30
C ALA A 403 16.00 -40.05 17.18
N ASP A 404 17.15 -40.71 17.31
CA ASP A 404 18.26 -40.22 18.10
C ASP A 404 18.92 -38.99 17.47
N VAL A 405 19.01 -38.96 16.14
CA VAL A 405 19.63 -37.86 15.39
C VAL A 405 18.72 -36.63 15.34
N MET A 406 17.42 -36.83 15.28
CA MET A 406 16.51 -35.69 15.21
C MET A 406 16.14 -35.14 16.59
N PHE A 407 15.92 -36.02 17.56
CA PHE A 407 15.50 -35.57 18.88
C PHE A 407 16.42 -35.97 20.04
N GLY A 408 16.73 -37.25 20.13
CA GLY A 408 17.59 -37.73 21.21
C GLY A 408 18.81 -36.86 21.51
N VAL A 409 19.82 -36.91 20.63
CA VAL A 409 21.04 -36.15 20.85
C VAL A 409 20.84 -34.63 20.93
N PRO A 410 20.09 -34.03 19.98
CA PRO A 410 19.86 -32.58 20.01
C PRO A 410 19.30 -32.09 21.35
N SER A 411 18.32 -32.82 21.87
CA SER A 411 17.65 -32.51 23.14
C SER A 411 18.59 -32.49 24.34
N VAL A 412 19.39 -33.54 24.49
CA VAL A 412 20.31 -33.60 25.60
C VAL A 412 21.37 -32.52 25.49
N ILE A 413 21.90 -32.33 24.29
CA ILE A 413 22.91 -31.31 24.09
C ILE A 413 22.35 -29.96 24.49
N VAL A 414 21.16 -29.64 24.01
CA VAL A 414 20.53 -28.38 24.32
C VAL A 414 20.38 -28.24 25.83
N ALA A 415 20.00 -29.32 26.48
CA ALA A 415 19.79 -29.37 27.92
C ALA A 415 21.09 -29.08 28.68
N ARG A 416 22.14 -29.82 28.34
CA ARG A 416 23.43 -29.63 29.00
C ARG A 416 23.92 -28.20 28.87
N ASN A 417 23.80 -27.62 27.69
CA ASN A 417 24.26 -26.25 27.49
C ASN A 417 23.51 -25.29 28.38
N HIS A 418 22.21 -25.49 28.51
CA HIS A 418 21.39 -24.63 29.34
C HIS A 418 21.86 -24.80 30.77
N ARG A 419 22.13 -26.04 31.17
CA ARG A 419 22.60 -26.34 32.51
C ARG A 419 23.89 -25.58 32.80
N ASP A 420 24.88 -25.75 31.92
CA ASP A 420 26.18 -25.09 32.09
C ASP A 420 26.05 -23.56 32.10
N ALA A 421 24.98 -23.05 31.52
CA ALA A 421 24.76 -21.60 31.48
C ALA A 421 24.34 -21.12 32.88
N GLY A 422 24.12 -22.08 33.76
CA GLY A 422 23.76 -21.79 35.14
C GLY A 422 22.29 -21.57 35.39
N ALA A 423 21.44 -22.20 34.60
CA ALA A 423 20.01 -22.03 34.76
C ALA A 423 19.31 -23.34 35.05
N PRO A 424 18.17 -23.29 35.75
CA PRO A 424 17.41 -24.50 36.09
C PRO A 424 17.08 -25.32 34.85
N THR A 425 17.42 -26.60 34.87
CA THR A 425 17.11 -27.46 33.74
C THR A 425 16.49 -28.78 34.21
N TYR A 426 15.70 -29.41 33.34
CA TYR A 426 15.04 -30.67 33.68
C TYR A 426 14.85 -31.48 32.39
N MET A 427 14.83 -32.80 32.49
CA MET A 427 14.62 -33.62 31.31
C MET A 427 13.68 -34.76 31.62
N TYR A 428 13.10 -35.36 30.58
CA TYR A 428 12.20 -36.48 30.80
C TYR A 428 12.11 -37.35 29.56
N GLU A 429 11.56 -38.54 29.71
CA GLU A 429 11.41 -39.43 28.58
C GLU A 429 10.07 -40.14 28.74
N PHE A 430 9.12 -39.81 27.88
CA PHE A 430 7.81 -40.43 27.96
C PHE A 430 7.88 -41.83 27.38
N GLN A 431 7.27 -42.79 28.08
CA GLN A 431 7.27 -44.17 27.62
C GLN A 431 5.90 -44.79 27.90
N TYR A 432 4.91 -44.43 27.10
CA TYR A 432 3.58 -44.98 27.28
C TYR A 432 2.86 -45.09 25.95
N ARG A 433 1.84 -45.94 25.88
CA ARG A 433 1.07 -46.09 24.66
C ARG A 433 -0.35 -45.68 24.97
N PRO A 434 -0.75 -44.48 24.53
CA PRO A 434 -2.11 -44.01 24.78
C PRO A 434 -3.16 -44.86 24.09
N SER A 435 -4.28 -45.07 24.77
CA SER A 435 -5.35 -45.85 24.18
C SER A 435 -5.94 -45.08 23.02
N PHE A 436 -5.78 -43.76 23.05
CA PHE A 436 -6.33 -42.90 22.00
C PHE A 436 -5.47 -42.89 20.74
N SER A 437 -4.69 -43.96 20.54
CA SER A 437 -3.84 -44.09 19.36
C SER A 437 -4.69 -44.45 18.15
N SER A 438 -4.01 -44.58 17.00
CA SER A 438 -4.65 -44.93 15.74
C SER A 438 -4.66 -46.45 15.51
N ASP A 439 -5.74 -46.97 14.94
CA ASP A 439 -5.83 -48.40 14.68
C ASP A 439 -4.65 -48.91 13.85
N MET A 440 -4.35 -48.22 12.76
CA MET A 440 -3.27 -48.58 11.84
C MET A 440 -1.88 -48.56 12.49
N LYS A 441 -1.84 -48.22 13.78
CA LYS A 441 -0.59 -48.14 14.53
C LYS A 441 -0.26 -49.44 15.26
N PRO A 442 0.95 -49.96 15.03
CA PRO A 442 1.39 -51.20 15.68
C PRO A 442 1.40 -51.07 17.20
N LYS A 443 0.95 -52.12 17.88
CA LYS A 443 0.88 -52.11 19.33
C LYS A 443 2.22 -52.37 19.99
N THR A 444 3.26 -52.53 19.19
CA THR A 444 4.60 -52.77 19.71
C THR A 444 5.33 -51.43 19.90
N VAL A 445 4.70 -50.35 19.43
CA VAL A 445 5.25 -49.01 19.52
C VAL A 445 4.76 -48.27 20.76
N ILE A 446 5.71 -47.96 21.63
CA ILE A 446 5.45 -47.27 22.88
C ILE A 446 6.27 -46.00 22.93
N GLY A 447 5.59 -44.87 23.15
CA GLY A 447 6.28 -43.60 23.22
C GLY A 447 6.56 -43.03 21.84
N ASP A 448 5.55 -43.04 20.99
CA ASP A 448 5.65 -42.54 19.63
C ASP A 448 5.60 -41.01 19.67
N HIS A 449 5.98 -40.38 18.58
CA HIS A 449 5.98 -38.93 18.51
C HIS A 449 4.61 -38.36 18.88
N GLY A 450 4.62 -37.43 19.84
CA GLY A 450 3.41 -36.79 20.29
C GLY A 450 2.46 -37.62 21.15
N ASP A 451 2.96 -38.66 21.80
CA ASP A 451 2.10 -39.50 22.63
C ASP A 451 1.87 -38.92 24.01
N GLU A 452 2.70 -37.94 24.38
CA GLU A 452 2.58 -37.32 25.68
C GLU A 452 1.49 -36.25 25.67
N LEU A 453 1.07 -35.83 24.47
CA LEU A 453 0.03 -34.81 24.37
C LEU A 453 -1.28 -35.25 25.02
N PHE A 454 -1.62 -36.52 24.91
CA PHE A 454 -2.88 -36.99 25.50
C PHE A 454 -2.87 -36.86 27.02
N SER A 455 -1.68 -37.01 27.60
CA SER A 455 -1.52 -36.91 29.04
C SER A 455 -1.42 -35.43 29.45
N VAL A 456 -0.62 -34.66 28.73
CA VAL A 456 -0.43 -33.24 29.00
C VAL A 456 -1.72 -32.43 28.93
N PHE A 457 -2.55 -32.70 27.93
CA PHE A 457 -3.81 -31.96 27.79
C PHE A 457 -5.03 -32.66 28.38
N GLY A 458 -4.79 -33.69 29.20
CA GLY A 458 -5.87 -34.42 29.85
C GLY A 458 -6.90 -35.05 28.93
N ALA A 459 -6.44 -35.82 27.95
CA ALA A 459 -7.37 -36.49 27.03
C ALA A 459 -8.26 -37.47 27.78
N PRO A 460 -7.72 -38.18 28.79
CA PRO A 460 -8.54 -39.12 29.55
C PRO A 460 -9.82 -38.49 30.13
N PHE A 461 -9.82 -37.17 30.28
CA PHE A 461 -10.98 -36.46 30.83
C PHE A 461 -11.85 -35.79 29.77
N LEU A 462 -11.51 -36.00 28.50
CA LEU A 462 -12.27 -35.43 27.39
C LEU A 462 -12.81 -36.53 26.48
N LYS A 463 -11.99 -37.55 26.20
CA LYS A 463 -12.40 -38.66 25.35
C LYS A 463 -13.02 -39.77 26.22
N GLU A 464 -13.11 -40.98 25.70
CA GLU A 464 -13.70 -42.07 26.49
C GLU A 464 -12.88 -43.35 26.54
N GLY A 465 -13.21 -44.20 27.51
CA GLY A 465 -12.53 -45.48 27.66
C GLY A 465 -11.18 -45.47 28.35
N ALA A 466 -10.68 -44.32 28.75
CA ALA A 466 -9.38 -44.28 29.42
C ALA A 466 -9.47 -45.09 30.71
N SER A 467 -8.42 -45.87 30.97
CA SER A 467 -8.36 -46.69 32.17
C SER A 467 -7.84 -45.87 33.34
N GLU A 468 -8.11 -46.33 34.56
CA GLU A 468 -7.69 -45.64 35.76
C GLU A 468 -6.20 -45.35 35.72
N GLU A 469 -5.45 -46.18 35.00
CA GLU A 469 -4.01 -45.96 34.90
C GLU A 469 -3.69 -44.77 34.02
N GLU A 470 -4.32 -44.74 32.85
CA GLU A 470 -4.11 -43.68 31.88
C GLU A 470 -4.55 -42.34 32.45
N ILE A 471 -5.58 -42.41 33.28
CA ILE A 471 -6.13 -41.24 33.93
C ILE A 471 -5.14 -40.70 34.97
N ARG A 472 -4.63 -41.61 35.79
CA ARG A 472 -3.66 -41.25 36.82
C ARG A 472 -2.43 -40.64 36.18
N LEU A 473 -2.00 -41.20 35.05
CA LEU A 473 -0.82 -40.71 34.34
C LEU A 473 -1.02 -39.27 33.89
N SER A 474 -2.19 -39.01 33.33
CA SER A 474 -2.50 -37.68 32.86
C SER A 474 -2.53 -36.69 34.02
N LYS A 475 -3.11 -37.07 35.14
CA LYS A 475 -3.17 -36.17 36.31
C LYS A 475 -1.75 -35.83 36.77
N MET A 476 -0.90 -36.85 36.79
CA MET A 476 0.48 -36.66 37.22
C MET A 476 1.23 -35.70 36.29
N VAL A 477 1.14 -35.94 34.99
CA VAL A 477 1.82 -35.09 34.03
C VAL A 477 1.37 -33.63 34.11
N MET A 478 0.05 -33.41 34.09
CA MET A 478 -0.47 -32.06 34.18
C MET A 478 0.01 -31.40 35.45
N LYS A 479 -0.11 -32.10 36.57
CA LYS A 479 0.33 -31.54 37.84
C LYS A 479 1.82 -31.14 37.72
N PHE A 480 2.64 -32.03 37.15
CA PHE A 480 4.06 -31.77 36.96
C PHE A 480 4.27 -30.49 36.12
N TRP A 481 3.54 -30.38 35.01
CA TRP A 481 3.67 -29.22 34.14
C TRP A 481 3.22 -27.95 34.85
N ALA A 482 2.04 -28.00 35.48
CA ALA A 482 1.53 -26.84 36.20
C ALA A 482 2.45 -26.36 37.33
N ASN A 483 3.09 -27.30 38.04
CA ASN A 483 4.01 -26.92 39.12
C ASN A 483 5.21 -26.22 38.53
N PHE A 484 5.67 -26.72 37.38
CA PHE A 484 6.82 -26.10 36.74
C PHE A 484 6.48 -24.66 36.34
N ALA A 485 5.27 -24.47 35.84
CA ALA A 485 4.78 -23.17 35.43
C ALA A 485 4.68 -22.26 36.64
N ARG A 486 4.28 -22.85 37.75
CA ARG A 486 4.12 -22.11 38.99
C ARG A 486 5.43 -21.72 39.66
N ASN A 487 6.30 -22.69 39.87
CA ASN A 487 7.57 -22.45 40.57
C ASN A 487 8.83 -22.61 39.74
N GLY A 488 8.69 -23.10 38.51
CA GLY A 488 9.88 -23.33 37.71
C GLY A 488 10.50 -24.64 38.18
N ASN A 489 9.73 -25.42 38.93
CA ASN A 489 10.14 -26.72 39.48
C ASN A 489 8.90 -27.60 39.54
N PRO A 490 8.91 -28.73 38.80
CA PRO A 490 7.80 -29.69 38.72
C PRO A 490 7.43 -30.43 40.01
N ASN A 491 8.36 -30.45 40.96
CA ASN A 491 8.15 -31.14 42.23
C ASN A 491 7.05 -30.59 43.15
N GLY A 492 6.27 -31.50 43.69
CA GLY A 492 5.20 -31.11 44.58
C GLY A 492 4.75 -32.32 45.38
N GLU A 493 3.80 -32.14 46.27
CA GLU A 493 3.32 -33.26 47.07
C GLU A 493 2.46 -34.20 46.25
N GLY A 494 2.58 -35.48 46.53
CA GLY A 494 1.80 -36.47 45.82
C GLY A 494 2.48 -36.92 44.54
N LEU A 495 3.70 -36.43 44.32
CA LEU A 495 4.46 -36.75 43.12
C LEU A 495 5.87 -37.28 43.41
N PRO A 496 6.40 -38.13 42.52
CA PRO A 496 7.75 -38.69 42.68
C PRO A 496 8.71 -37.53 42.68
N HIS A 497 10.00 -37.81 42.89
CA HIS A 497 10.95 -36.72 42.89
C HIS A 497 11.64 -36.59 41.55
N TRP A 498 11.46 -35.44 40.92
CA TRP A 498 12.08 -35.17 39.63
C TRP A 498 13.37 -34.37 39.93
N PRO A 499 14.54 -35.01 39.78
CA PRO A 499 15.81 -34.34 40.04
C PRO A 499 16.14 -33.28 38.99
N GLU A 500 16.97 -32.31 39.39
CA GLU A 500 17.35 -31.27 38.45
C GLU A 500 18.40 -31.85 37.53
N TYR A 501 18.59 -31.22 36.39
CA TYR A 501 19.58 -31.69 35.42
C TYR A 501 20.93 -31.05 35.67
N ASN A 502 21.58 -31.46 36.76
CA ASN A 502 22.89 -30.96 37.14
C ASN A 502 23.98 -31.83 36.51
N GLN A 503 25.03 -32.11 37.27
CA GLN A 503 26.13 -32.93 36.74
C GLN A 503 25.78 -34.43 36.69
N LYS A 504 24.97 -34.90 37.64
CA LYS A 504 24.58 -36.31 37.65
C LYS A 504 23.66 -36.59 36.47
N GLU A 505 23.23 -35.51 35.82
CA GLU A 505 22.34 -35.59 34.69
C GLU A 505 21.14 -36.50 34.95
N GLY A 506 20.43 -36.20 36.03
CA GLY A 506 19.25 -36.97 36.37
C GLY A 506 18.07 -36.51 35.54
N TYR A 507 17.20 -37.46 35.21
CA TYR A 507 16.02 -37.18 34.40
C TYR A 507 14.89 -38.05 34.91
N LEU A 508 13.67 -37.73 34.49
CA LEU A 508 12.51 -38.48 34.90
C LEU A 508 11.99 -39.37 33.78
N GLN A 509 11.67 -40.61 34.15
CA GLN A 509 11.14 -41.61 33.24
C GLN A 509 9.64 -41.67 33.51
N ILE A 510 8.88 -40.94 32.71
CA ILE A 510 7.44 -40.89 32.86
C ILE A 510 6.77 -42.03 32.10
N GLY A 511 5.80 -42.66 32.73
CA GLY A 511 5.10 -43.77 32.10
C GLY A 511 4.25 -44.49 33.13
N ALA A 512 3.89 -45.74 32.83
CA ALA A 512 3.10 -46.54 33.75
C ALA A 512 3.83 -46.63 35.08
N ASN A 513 5.16 -46.72 35.01
CA ASN A 513 6.00 -46.77 36.20
C ASN A 513 6.97 -45.61 36.07
N THR A 514 6.65 -44.49 36.72
CA THR A 514 7.49 -43.31 36.66
C THR A 514 8.54 -43.29 37.76
N GLN A 515 9.79 -43.07 37.39
CA GLN A 515 10.87 -43.00 38.37
C GLN A 515 12.06 -42.27 37.76
N ALA A 516 12.98 -41.84 38.61
CA ALA A 516 14.17 -41.11 38.17
C ALA A 516 15.29 -42.03 37.65
N ALA A 517 16.18 -41.45 36.84
CA ALA A 517 17.31 -42.17 36.27
C ALA A 517 18.40 -41.14 35.99
N GLN A 518 19.53 -41.58 35.43
CA GLN A 518 20.61 -40.65 35.12
C GLN A 518 21.14 -40.84 33.71
N LYS A 519 21.90 -39.84 33.22
CA LYS A 519 22.47 -39.87 31.87
C LYS A 519 21.58 -40.40 30.76
N LEU A 520 20.76 -39.52 30.19
CA LEU A 520 19.87 -39.89 29.11
C LEU A 520 20.60 -39.81 27.76
N LYS A 521 20.56 -40.89 27.00
CA LYS A 521 21.22 -40.95 25.69
C LYS A 521 22.68 -40.53 25.77
N ASP A 522 23.26 -40.64 26.96
CA ASP A 522 24.64 -40.25 27.17
C ASP A 522 25.60 -40.91 26.17
N LYS A 523 25.43 -42.21 25.96
CA LYS A 523 26.24 -42.97 25.02
C LYS A 523 26.10 -42.45 23.60
N GLU A 524 24.84 -42.40 23.14
CA GLU A 524 24.50 -41.92 21.80
C GLU A 524 24.99 -40.49 21.55
N VAL A 525 24.92 -39.66 22.59
CA VAL A 525 25.37 -38.29 22.45
C VAL A 525 26.86 -38.28 22.16
N ALA A 526 27.63 -39.02 22.95
CA ALA A 526 29.08 -39.09 22.76
C ALA A 526 29.41 -39.59 21.37
N PHE A 527 28.79 -40.70 20.98
CA PHE A 527 29.02 -41.28 19.69
C PHE A 527 28.83 -40.27 18.55
N TRP A 528 27.60 -39.83 18.36
CA TRP A 528 27.28 -38.89 17.30
C TRP A 528 28.15 -37.65 17.26
N THR A 529 28.42 -37.05 18.41
CA THR A 529 29.26 -35.88 18.41
C THR A 529 30.59 -36.16 17.71
N ASN A 530 31.12 -37.37 17.92
CA ASN A 530 32.39 -37.81 17.32
C ASN A 530 32.27 -38.03 15.82
N LEU A 531 31.40 -38.95 15.43
CA LEU A 531 31.18 -39.23 14.01
C LEU A 531 31.02 -37.92 13.22
N PHE A 532 30.20 -37.01 13.73
CA PHE A 532 29.96 -35.72 13.07
C PHE A 532 31.17 -34.80 13.10
N ALA A 533 32.11 -35.06 14.01
CA ALA A 533 33.31 -34.23 14.12
C ALA A 533 34.11 -34.19 12.81
N LYS A 534 33.79 -35.09 11.88
CA LYS A 534 34.46 -35.17 10.59
C LYS A 534 34.23 -33.92 9.74
N SER B 3 -11.90 41.60 -15.17
CA SER B 3 -10.54 41.55 -14.66
C SER B 3 -9.94 40.14 -14.67
N SER B 4 -8.73 40.01 -14.14
CA SER B 4 -8.04 38.72 -14.08
C SER B 4 -8.84 37.74 -13.24
N PRO B 5 -8.92 36.47 -13.67
CA PRO B 5 -9.67 35.45 -12.92
C PRO B 5 -9.32 35.50 -11.42
N PRO B 6 -10.27 35.14 -10.55
CA PRO B 6 -10.11 35.12 -9.09
C PRO B 6 -9.07 34.10 -8.67
N VAL B 7 -8.13 34.52 -7.86
CA VAL B 7 -7.10 33.59 -7.38
C VAL B 7 -6.96 33.71 -5.89
N VAL B 8 -7.45 32.70 -5.20
CA VAL B 8 -7.43 32.64 -3.75
C VAL B 8 -6.35 31.70 -3.27
N ASP B 9 -5.73 32.04 -2.14
CA ASP B 9 -4.69 31.21 -1.58
C ASP B 9 -5.29 30.36 -0.45
N THR B 10 -5.06 29.05 -0.52
CA THR B 10 -5.55 28.10 0.49
C THR B 10 -4.33 27.41 1.10
N VAL B 11 -4.58 26.61 2.12
CA VAL B 11 -3.53 25.87 2.84
C VAL B 11 -2.67 24.97 1.97
N HIS B 12 -3.33 24.30 1.04
CA HIS B 12 -2.67 23.37 0.11
C HIS B 12 -2.14 24.06 -1.15
N GLY B 13 -2.54 25.29 -1.40
CA GLY B 13 -2.04 25.97 -2.58
C GLY B 13 -3.03 26.94 -3.18
N LYS B 14 -2.59 27.65 -4.21
CA LYS B 14 -3.43 28.62 -4.89
C LYS B 14 -4.47 27.95 -5.77
N VAL B 15 -5.65 28.58 -5.80
CA VAL B 15 -6.79 28.10 -6.58
C VAL B 15 -7.23 29.19 -7.53
N LEU B 16 -7.51 28.84 -8.77
CA LEU B 16 -7.96 29.79 -9.80
C LEU B 16 -9.44 29.54 -10.07
N GLY B 17 -10.19 30.61 -10.28
CA GLY B 17 -11.60 30.47 -10.56
C GLY B 17 -12.03 31.45 -11.64
N LYS B 18 -13.34 31.67 -11.76
CA LYS B 18 -13.87 32.59 -12.75
C LYS B 18 -15.05 33.40 -12.20
N PHE B 19 -15.10 34.68 -12.57
CA PHE B 19 -16.18 35.58 -12.15
C PHE B 19 -17.40 35.33 -12.99
N VAL B 20 -18.57 35.43 -12.37
CA VAL B 20 -19.84 35.25 -13.05
C VAL B 20 -20.84 36.24 -12.46
N SER B 21 -21.16 37.28 -13.23
CA SER B 21 -22.09 38.29 -12.76
C SER B 21 -23.53 37.87 -12.97
N LEU B 22 -24.38 38.22 -12.02
CA LEU B 22 -25.78 37.89 -12.10
C LEU B 22 -26.60 39.17 -12.36
N GLU B 23 -27.76 38.99 -12.97
CA GLU B 23 -28.65 40.09 -13.30
C GLU B 23 -29.04 40.88 -12.04
N GLY B 24 -28.75 42.17 -12.04
CA GLY B 24 -29.09 43.03 -10.92
C GLY B 24 -28.09 43.13 -9.79
N PHE B 25 -26.86 42.70 -10.04
CA PHE B 25 -25.82 42.74 -9.03
C PHE B 25 -24.52 43.17 -9.66
N ALA B 26 -24.01 44.31 -9.21
CA ALA B 26 -22.76 44.87 -9.71
C ALA B 26 -21.59 43.93 -9.46
N GLN B 27 -21.33 43.63 -8.19
CA GLN B 27 -20.22 42.74 -7.80
C GLN B 27 -20.41 41.33 -8.34
N PRO B 28 -19.60 40.93 -9.33
CA PRO B 28 -19.75 39.57 -9.86
C PRO B 28 -19.47 38.52 -8.79
N VAL B 29 -19.92 37.29 -9.02
CA VAL B 29 -19.71 36.19 -8.09
C VAL B 29 -18.52 35.33 -8.48
N ALA B 30 -17.66 35.02 -7.50
CA ALA B 30 -16.47 34.17 -7.74
C ALA B 30 -16.88 32.70 -7.62
N ILE B 31 -16.59 31.91 -8.65
CA ILE B 31 -16.94 30.49 -8.66
C ILE B 31 -15.72 29.57 -8.81
N PHE B 32 -15.60 28.59 -7.92
CA PHE B 32 -14.50 27.63 -7.96
C PHE B 32 -15.11 26.25 -8.01
N LEU B 33 -14.84 25.53 -9.10
CA LEU B 33 -15.37 24.20 -9.32
C LEU B 33 -14.34 23.10 -9.21
N GLY B 34 -14.65 22.07 -8.43
CA GLY B 34 -13.73 20.95 -8.30
C GLY B 34 -12.53 21.08 -7.39
N ILE B 35 -12.73 21.67 -6.23
CA ILE B 35 -11.64 21.82 -5.26
C ILE B 35 -11.57 20.51 -4.45
N PRO B 36 -10.39 19.88 -4.41
CA PRO B 36 -10.20 18.63 -3.66
C PRO B 36 -10.09 18.91 -2.16
N PHE B 37 -10.94 18.26 -1.37
CA PHE B 37 -10.89 18.46 0.09
C PHE B 37 -10.35 17.23 0.80
N ALA B 38 -10.04 16.20 0.03
CA ALA B 38 -9.49 14.96 0.58
C ALA B 38 -8.73 14.20 -0.51
N LYS B 39 -7.82 13.33 -0.09
CA LYS B 39 -7.03 12.53 -1.01
C LYS B 39 -7.93 11.52 -1.71
N PRO B 40 -7.76 11.37 -3.04
CA PRO B 40 -8.60 10.43 -3.79
C PRO B 40 -8.61 9.06 -3.11
N PRO B 41 -9.79 8.56 -2.72
CA PRO B 41 -9.95 7.26 -2.03
C PRO B 41 -9.82 6.06 -2.98
N LEU B 42 -8.63 5.90 -3.55
CA LEU B 42 -8.35 4.81 -4.47
C LEU B 42 -7.51 3.72 -3.83
N GLY B 43 -7.53 2.55 -4.47
CA GLY B 43 -6.75 1.43 -3.97
C GLY B 43 -7.04 1.04 -2.53
N PRO B 44 -6.00 1.00 -1.68
CA PRO B 44 -6.13 0.62 -0.27
C PRO B 44 -6.94 1.60 0.56
N LEU B 45 -7.17 2.79 0.02
CA LEU B 45 -7.93 3.81 0.71
C LEU B 45 -9.45 3.56 0.61
N ARG B 46 -9.87 2.68 -0.30
CA ARG B 46 -11.28 2.37 -0.43
C ARG B 46 -11.74 1.67 0.85
N PHE B 47 -12.91 2.06 1.36
CA PHE B 47 -13.47 1.52 2.61
C PHE B 47 -12.63 1.94 3.82
N THR B 48 -12.14 3.18 3.81
CA THR B 48 -11.35 3.74 4.91
C THR B 48 -11.63 5.24 5.01
N PRO B 49 -11.46 5.82 6.22
CA PRO B 49 -11.69 7.25 6.45
C PRO B 49 -10.92 8.11 5.44
N PRO B 50 -11.49 9.25 5.03
CA PRO B 50 -10.81 10.13 4.07
C PRO B 50 -9.55 10.78 4.61
N GLN B 51 -8.50 10.80 3.81
CA GLN B 51 -7.27 11.43 4.26
C GLN B 51 -7.10 12.76 3.59
N PRO B 52 -6.34 13.67 4.23
CA PRO B 52 -6.10 15.01 3.70
C PRO B 52 -5.61 15.02 2.27
N ALA B 53 -5.89 16.11 1.56
CA ALA B 53 -5.45 16.23 0.20
C ALA B 53 -4.02 16.74 0.17
N GLU B 54 -3.24 16.16 -0.74
CA GLU B 54 -1.84 16.52 -0.96
C GLU B 54 -1.82 17.94 -1.51
N PRO B 55 -0.88 18.76 -1.03
CA PRO B 55 -0.78 20.14 -1.51
C PRO B 55 -0.13 20.22 -2.91
N TRP B 56 -0.39 21.30 -3.65
CA TRP B 56 0.17 21.48 -5.00
C TRP B 56 1.18 22.61 -5.04
N SER B 57 2.05 22.57 -6.06
CA SER B 57 3.11 23.56 -6.20
C SER B 57 2.82 24.89 -6.89
N PHE B 58 1.83 24.94 -7.77
CA PHE B 58 1.59 26.22 -8.42
C PHE B 58 0.18 26.72 -8.23
N VAL B 59 -0.53 26.97 -9.33
CA VAL B 59 -1.90 27.42 -9.26
C VAL B 59 -2.86 26.37 -9.82
N LYS B 60 -3.80 25.94 -8.98
CA LYS B 60 -4.75 24.93 -9.42
C LYS B 60 -5.97 25.59 -10.09
N ASN B 61 -6.19 25.28 -11.36
CA ASN B 61 -7.34 25.82 -12.08
C ASN B 61 -8.58 25.10 -11.59
N ALA B 62 -9.44 25.79 -10.86
CA ALA B 62 -10.67 25.16 -10.39
C ALA B 62 -11.80 25.74 -11.22
N THR B 63 -11.83 25.36 -12.48
CA THR B 63 -12.83 25.86 -13.40
C THR B 63 -13.48 24.77 -14.23
N SER B 64 -13.47 23.55 -13.70
CA SER B 64 -14.05 22.43 -14.41
C SER B 64 -14.85 21.56 -13.43
N TYR B 65 -16.11 21.30 -13.76
CA TYR B 65 -16.94 20.49 -12.89
C TYR B 65 -16.28 19.16 -12.54
N PRO B 66 -16.32 18.76 -11.27
CA PRO B 66 -15.70 17.51 -10.85
C PRO B 66 -16.59 16.34 -11.24
N PRO B 67 -16.06 15.11 -11.17
CA PRO B 67 -16.87 13.93 -11.53
C PRO B 67 -17.83 13.65 -10.38
N MET B 68 -18.81 12.77 -10.60
CA MET B 68 -19.73 12.42 -9.51
C MET B 68 -19.29 11.03 -9.06
N CYS B 69 -19.39 10.77 -7.76
CA CYS B 69 -18.98 9.46 -7.25
C CYS B 69 -19.69 8.34 -8.00
N THR B 70 -18.98 7.24 -8.20
CA THR B 70 -19.49 6.07 -8.91
C THR B 70 -20.94 5.76 -8.51
N GLN B 71 -21.82 5.71 -9.49
CA GLN B 71 -23.22 5.43 -9.25
C GLN B 71 -23.90 4.96 -10.52
N ASP B 72 -25.17 4.62 -10.41
CA ASP B 72 -25.95 4.19 -11.55
C ASP B 72 -26.03 5.44 -12.40
N PRO B 73 -25.32 5.45 -13.53
CA PRO B 73 -25.30 6.59 -14.46
C PRO B 73 -26.67 7.02 -14.98
N LYS B 74 -27.55 6.07 -15.23
CA LYS B 74 -28.88 6.42 -15.73
C LYS B 74 -29.65 7.07 -14.60
N ALA B 75 -29.73 6.39 -13.46
CA ALA B 75 -30.45 6.94 -12.32
C ALA B 75 -29.85 8.28 -11.91
N GLY B 76 -28.52 8.37 -11.95
CA GLY B 76 -27.82 9.58 -11.55
C GLY B 76 -28.16 10.81 -12.37
N GLN B 77 -28.09 10.65 -13.69
CA GLN B 77 -28.41 11.72 -14.61
C GLN B 77 -29.90 12.07 -14.52
N LEU B 78 -30.75 11.07 -14.32
CA LEU B 78 -32.18 11.30 -14.22
C LEU B 78 -32.52 12.18 -13.03
N LEU B 79 -31.99 11.82 -11.87
CA LEU B 79 -32.26 12.61 -10.66
C LEU B 79 -31.70 14.01 -10.83
N SER B 80 -30.51 14.11 -11.40
CA SER B 80 -29.90 15.41 -11.60
C SER B 80 -30.80 16.31 -12.44
N GLU B 81 -31.31 15.77 -13.55
CA GLU B 81 -32.19 16.55 -14.44
C GLU B 81 -33.45 17.02 -13.72
N LEU B 82 -33.93 16.21 -12.78
CA LEU B 82 -35.14 16.52 -12.03
C LEU B 82 -34.90 17.49 -10.87
N PHE B 83 -33.68 17.54 -10.34
CA PHE B 83 -33.39 18.43 -9.23
C PHE B 83 -32.59 19.69 -9.58
N THR B 84 -31.88 19.67 -10.69
CA THR B 84 -31.08 20.82 -11.09
C THR B 84 -31.88 22.11 -11.08
N ASN B 85 -31.24 23.21 -10.69
CA ASN B 85 -31.92 24.49 -10.65
C ASN B 85 -31.47 25.39 -11.79
N ARG B 86 -30.46 24.94 -12.53
CA ARG B 86 -29.93 25.72 -13.64
C ARG B 86 -30.66 25.39 -14.94
N LYS B 87 -30.45 26.22 -15.95
CA LYS B 87 -31.08 26.04 -17.27
C LYS B 87 -30.95 24.60 -17.76
N GLU B 88 -29.86 24.32 -18.46
CA GLU B 88 -29.61 22.98 -18.97
C GLU B 88 -28.81 22.18 -17.95
N ASN B 89 -29.17 20.91 -17.81
CA ASN B 89 -28.49 20.02 -16.87
C ASN B 89 -27.05 19.82 -17.34
N ILE B 90 -26.11 19.75 -16.41
CA ILE B 90 -24.70 19.55 -16.74
C ILE B 90 -24.30 18.07 -16.67
N PRO B 91 -24.05 17.43 -17.83
CA PRO B 91 -23.66 16.01 -17.83
C PRO B 91 -22.33 15.85 -17.11
N LEU B 92 -22.25 14.84 -16.27
CA LEU B 92 -21.05 14.60 -15.50
C LEU B 92 -20.44 13.24 -15.82
N LYS B 93 -19.21 13.06 -15.37
CA LYS B 93 -18.48 11.81 -15.54
C LYS B 93 -18.49 11.10 -14.19
N LEU B 94 -18.30 9.78 -14.22
CA LEU B 94 -18.26 8.96 -13.01
C LEU B 94 -16.82 8.66 -12.64
N SER B 95 -16.55 8.62 -11.35
CA SER B 95 -15.21 8.32 -10.87
C SER B 95 -15.18 8.08 -9.37
N GLU B 96 -14.18 7.33 -8.90
CA GLU B 96 -14.02 7.07 -7.48
C GLU B 96 -13.35 8.30 -6.90
N ASP B 97 -12.66 9.03 -7.77
CA ASP B 97 -11.96 10.26 -7.42
C ASP B 97 -13.01 11.35 -7.57
N CYS B 98 -13.83 11.47 -6.53
CA CYS B 98 -14.93 12.42 -6.53
C CYS B 98 -15.00 13.30 -5.29
N LEU B 99 -14.07 13.13 -4.36
CA LEU B 99 -14.12 13.94 -3.15
C LEU B 99 -13.76 15.39 -3.44
N TYR B 100 -14.71 16.13 -4.00
CA TYR B 100 -14.51 17.54 -4.33
C TYR B 100 -15.66 18.38 -3.78
N LEU B 101 -15.51 19.70 -3.86
CA LEU B 101 -16.55 20.62 -3.43
C LEU B 101 -16.53 21.84 -4.34
N ASN B 102 -17.68 22.50 -4.49
CA ASN B 102 -17.78 23.70 -5.32
C ASN B 102 -18.09 24.90 -4.45
N ILE B 103 -17.46 26.03 -4.72
CA ILE B 103 -17.70 27.25 -3.93
C ILE B 103 -18.25 28.43 -4.73
N TYR B 104 -19.18 29.16 -4.11
CA TYR B 104 -19.76 30.33 -4.74
C TYR B 104 -19.71 31.46 -3.71
N THR B 105 -18.78 32.38 -3.91
CA THR B 105 -18.64 33.52 -3.00
C THR B 105 -18.91 34.84 -3.72
N PRO B 106 -19.85 35.62 -3.19
CA PRO B 106 -20.21 36.92 -3.76
C PRO B 106 -19.37 38.02 -3.11
N ALA B 107 -18.50 37.62 -2.20
CA ALA B 107 -17.64 38.56 -1.50
C ALA B 107 -16.59 39.18 -2.40
N ASP B 108 -16.07 40.34 -1.99
CA ASP B 108 -15.03 41.01 -2.76
C ASP B 108 -13.70 40.53 -2.19
N LEU B 109 -13.17 39.48 -2.81
CA LEU B 109 -11.92 38.86 -2.40
C LEU B 109 -10.77 39.85 -2.17
N THR B 110 -10.82 41.01 -2.82
CA THR B 110 -9.75 42.00 -2.67
C THR B 110 -9.75 42.57 -1.25
N LYS B 111 -10.88 42.41 -0.55
CA LYS B 111 -11.03 42.91 0.81
C LYS B 111 -11.06 41.74 1.81
N LYS B 112 -11.45 42.02 3.04
CA LYS B 112 -11.55 40.99 4.07
C LYS B 112 -13.02 40.89 4.47
N ASN B 113 -13.65 39.79 4.07
CA ASN B 113 -15.05 39.58 4.40
C ASN B 113 -15.26 38.32 5.19
N ARG B 114 -16.30 38.33 6.02
CA ARG B 114 -16.67 37.18 6.84
C ARG B 114 -18.16 36.90 6.74
N LEU B 115 -18.61 36.54 5.53
CA LEU B 115 -20.03 36.25 5.29
C LEU B 115 -20.39 34.87 5.83
N PRO B 116 -21.67 34.65 6.14
CA PRO B 116 -22.05 33.33 6.65
C PRO B 116 -21.87 32.28 5.55
N VAL B 117 -21.50 31.05 5.95
CA VAL B 117 -21.28 29.98 4.98
C VAL B 117 -22.38 28.94 5.05
N MET B 118 -22.85 28.51 3.89
CA MET B 118 -23.90 27.52 3.85
C MET B 118 -23.45 26.32 3.03
N VAL B 119 -23.25 25.20 3.72
CA VAL B 119 -22.80 23.97 3.07
C VAL B 119 -23.97 23.09 2.69
N TRP B 120 -24.06 22.77 1.40
CA TRP B 120 -25.13 21.93 0.90
C TRP B 120 -24.78 20.46 0.71
N ILE B 121 -25.60 19.58 1.28
CA ILE B 121 -25.38 18.15 1.14
C ILE B 121 -26.47 17.57 0.23
N HIS B 122 -26.10 17.13 -0.96
CA HIS B 122 -27.11 16.63 -1.88
C HIS B 122 -27.73 15.32 -1.42
N GLY B 123 -28.92 15.03 -1.95
CA GLY B 123 -29.60 13.81 -1.61
C GLY B 123 -29.45 12.84 -2.76
N GLY B 124 -30.17 11.72 -2.66
CA GLY B 124 -30.11 10.70 -3.68
C GLY B 124 -30.11 9.33 -3.02
N GLY B 125 -30.71 9.27 -1.84
CA GLY B 125 -30.80 8.02 -1.10
C GLY B 125 -29.45 7.41 -0.76
N LEU B 126 -28.41 8.24 -0.77
CA LEU B 126 -27.05 7.78 -0.47
C LEU B 126 -26.58 6.77 -1.52
N MET B 127 -27.23 6.77 -2.67
CA MET B 127 -26.88 5.85 -3.75
C MET B 127 -26.48 6.60 -5.02
N VAL B 128 -27.05 7.79 -5.19
CA VAL B 128 -26.80 8.64 -6.37
C VAL B 128 -26.78 10.13 -6.01
N GLY B 129 -26.38 10.97 -6.97
CA GLY B 129 -26.34 12.40 -6.71
C GLY B 129 -25.00 13.06 -6.99
N ALA B 130 -24.94 14.38 -6.87
CA ALA B 130 -23.72 15.14 -7.10
C ALA B 130 -23.91 16.56 -6.59
N ALA B 131 -22.85 17.34 -6.51
CA ALA B 131 -22.97 18.71 -6.04
C ALA B 131 -23.22 19.64 -7.22
N SER B 132 -22.55 19.38 -8.34
CA SER B 132 -22.66 20.19 -9.56
C SER B 132 -24.09 20.47 -10.03
N THR B 133 -25.01 19.58 -9.65
CA THR B 133 -26.44 19.65 -9.97
C THR B 133 -27.02 20.96 -9.40
N TYR B 134 -26.48 21.41 -8.27
CA TYR B 134 -26.96 22.63 -7.64
C TYR B 134 -26.04 23.83 -7.85
N ASP B 135 -26.56 24.86 -8.49
CA ASP B 135 -25.81 26.08 -8.77
C ASP B 135 -26.19 27.11 -7.71
N GLY B 136 -25.18 27.62 -6.99
CA GLY B 136 -25.44 28.59 -5.95
C GLY B 136 -25.28 30.05 -6.33
N LEU B 137 -25.04 30.30 -7.62
CA LEU B 137 -24.87 31.66 -8.11
C LEU B 137 -25.98 32.60 -7.63
N ALA B 138 -27.21 32.13 -7.73
CA ALA B 138 -28.34 32.94 -7.32
C ALA B 138 -28.35 33.20 -5.80
N LEU B 139 -28.43 32.14 -5.01
CA LEU B 139 -28.47 32.25 -3.55
C LEU B 139 -27.35 33.08 -2.95
N ALA B 140 -26.16 32.91 -3.51
CA ALA B 140 -24.97 33.62 -3.05
C ALA B 140 -25.10 35.11 -3.30
N ALA B 141 -25.72 35.48 -4.41
CA ALA B 141 -25.87 36.89 -4.75
C ALA B 141 -27.05 37.52 -4.01
N HIS B 142 -28.25 37.00 -4.23
CA HIS B 142 -29.44 37.55 -3.60
C HIS B 142 -29.36 37.72 -2.08
N GLU B 143 -28.67 36.81 -1.40
CA GLU B 143 -28.55 36.88 0.06
C GLU B 143 -27.15 37.12 0.58
N ASN B 144 -26.23 37.33 -0.33
CA ASN B 144 -24.85 37.60 0.02
C ASN B 144 -24.31 36.67 1.09
N VAL B 145 -24.23 35.39 0.74
CA VAL B 145 -23.71 34.32 1.60
C VAL B 145 -22.81 33.43 0.73
N VAL B 146 -21.78 32.84 1.33
CA VAL B 146 -20.86 31.97 0.62
C VAL B 146 -21.47 30.58 0.54
N VAL B 147 -21.86 30.12 -0.65
CA VAL B 147 -22.45 28.80 -0.78
C VAL B 147 -21.46 27.72 -1.17
N VAL B 148 -21.52 26.61 -0.47
CA VAL B 148 -20.60 25.51 -0.74
C VAL B 148 -21.33 24.20 -0.97
N THR B 149 -21.06 23.56 -2.10
CA THR B 149 -21.68 22.28 -2.37
C THR B 149 -20.60 21.22 -2.32
N ILE B 150 -20.83 20.21 -1.49
CA ILE B 150 -19.89 19.11 -1.29
C ILE B 150 -20.38 17.78 -1.83
N GLN B 151 -19.45 16.84 -2.01
CA GLN B 151 -19.76 15.49 -2.47
C GLN B 151 -19.20 14.50 -1.45
N TYR B 152 -19.63 13.26 -1.56
CA TYR B 152 -19.22 12.20 -0.65
C TYR B 152 -19.46 10.84 -1.27
N ARG B 153 -18.62 9.87 -0.91
CA ARG B 153 -18.74 8.52 -1.44
C ARG B 153 -20.16 7.98 -1.29
N LEU B 154 -20.64 7.36 -2.36
CA LEU B 154 -21.99 6.80 -2.41
C LEU B 154 -22.01 5.30 -2.56
N GLY B 155 -23.15 4.71 -2.18
CA GLY B 155 -23.30 3.27 -2.28
C GLY B 155 -22.21 2.48 -1.61
N ILE B 156 -21.79 1.39 -2.26
CA ILE B 156 -20.75 0.49 -1.74
C ILE B 156 -19.50 1.22 -1.29
N TRP B 157 -19.01 2.15 -2.11
CA TRP B 157 -17.81 2.91 -1.82
C TRP B 157 -17.90 3.73 -0.53
N GLY B 158 -19.08 4.25 -0.24
CA GLY B 158 -19.22 5.07 0.94
C GLY B 158 -20.04 4.51 2.08
N PHE B 159 -20.50 3.28 1.97
CA PHE B 159 -21.34 2.73 3.03
C PHE B 159 -21.28 1.23 3.31
N PHE B 160 -20.34 0.53 2.70
CA PHE B 160 -20.22 -0.91 2.92
C PHE B 160 -19.62 -1.19 4.30
N SER B 161 -20.37 -1.95 5.09
CA SER B 161 -19.95 -2.26 6.45
C SER B 161 -20.02 -3.75 6.78
N THR B 162 -18.96 -4.26 7.40
CA THR B 162 -18.92 -5.67 7.79
C THR B 162 -19.38 -5.81 9.24
N GLY B 163 -19.77 -4.69 9.85
CA GLY B 163 -20.23 -4.73 11.23
C GLY B 163 -19.14 -4.69 12.28
N ASP B 164 -17.89 -4.80 11.86
CA ASP B 164 -16.76 -4.77 12.79
C ASP B 164 -15.72 -3.72 12.40
N GLU B 165 -14.53 -3.83 12.99
CA GLU B 165 -13.47 -2.87 12.75
C GLU B 165 -12.81 -2.98 11.39
N HIS B 166 -12.98 -4.12 10.73
CA HIS B 166 -12.38 -4.29 9.42
C HIS B 166 -13.05 -3.39 8.38
N SER B 167 -14.24 -2.90 8.71
CA SER B 167 -15.00 -2.02 7.81
C SER B 167 -16.24 -1.47 8.55
N ARG B 168 -16.01 -0.57 9.51
CA ARG B 168 -17.10 0.02 10.27
C ARG B 168 -18.22 0.56 9.41
N GLY B 169 -17.85 1.35 8.41
CA GLY B 169 -18.85 1.93 7.51
C GLY B 169 -19.00 3.42 7.70
N ASN B 170 -19.98 4.02 7.01
CA ASN B 170 -20.25 5.45 7.08
C ASN B 170 -19.16 6.30 6.46
N TRP B 171 -18.49 5.74 5.46
CA TRP B 171 -17.41 6.45 4.78
C TRP B 171 -17.93 7.75 4.18
N GLY B 172 -19.15 7.69 3.63
CA GLY B 172 -19.77 8.86 3.02
C GLY B 172 -19.99 9.97 4.02
N HIS B 173 -20.42 9.58 5.22
CA HIS B 173 -20.67 10.53 6.31
C HIS B 173 -19.34 11.14 6.78
N LEU B 174 -18.28 10.33 6.77
CA LEU B 174 -16.94 10.81 7.17
C LEU B 174 -16.44 11.83 6.11
N ASP B 175 -16.76 11.60 4.84
CA ASP B 175 -16.35 12.55 3.82
C ASP B 175 -16.99 13.91 4.06
N GLN B 176 -18.25 13.88 4.49
CA GLN B 176 -18.96 15.12 4.77
C GLN B 176 -18.25 15.83 5.93
N VAL B 177 -17.92 15.08 6.97
CA VAL B 177 -17.24 15.69 8.11
C VAL B 177 -15.91 16.29 7.71
N ALA B 178 -15.23 15.64 6.78
CA ALA B 178 -13.94 16.11 6.31
C ALA B 178 -14.12 17.40 5.52
N ALA B 179 -15.19 17.50 4.74
CA ALA B 179 -15.44 18.71 3.96
C ALA B 179 -15.72 19.86 4.93
N LEU B 180 -16.35 19.54 6.06
CA LEU B 180 -16.66 20.57 7.02
C LEU B 180 -15.37 21.11 7.63
N ARG B 181 -14.40 20.24 7.89
CA ARG B 181 -13.13 20.70 8.46
C ARG B 181 -12.37 21.53 7.43
N TRP B 182 -12.48 21.14 6.18
CA TRP B 182 -11.79 21.85 5.10
C TRP B 182 -12.26 23.29 5.12
N VAL B 183 -13.57 23.46 5.31
CA VAL B 183 -14.21 24.77 5.35
C VAL B 183 -13.71 25.61 6.54
N GLN B 184 -13.63 24.99 7.71
CA GLN B 184 -13.15 25.70 8.88
C GLN B 184 -11.72 26.16 8.66
N ASP B 185 -10.96 25.43 7.85
CA ASP B 185 -9.57 25.79 7.63
C ASP B 185 -9.26 26.67 6.44
N ASN B 186 -10.18 26.75 5.49
CA ASN B 186 -9.91 27.53 4.29
C ASN B 186 -10.97 28.56 3.91
N ILE B 187 -12.22 28.33 4.31
CA ILE B 187 -13.31 29.21 3.89
C ILE B 187 -13.08 30.71 4.04
N ALA B 188 -12.29 31.07 5.05
CA ALA B 188 -11.96 32.47 5.30
C ALA B 188 -11.21 33.08 4.11
N SER B 189 -10.56 32.23 3.31
CA SER B 189 -9.82 32.68 2.14
C SER B 189 -10.75 33.07 1.00
N PHE B 190 -12.03 32.73 1.15
CA PHE B 190 -13.02 33.05 0.13
C PHE B 190 -14.01 34.10 0.61
N GLY B 191 -13.69 34.75 1.73
CA GLY B 191 -14.56 35.77 2.26
C GLY B 191 -15.70 35.18 3.08
N GLY B 192 -15.50 33.99 3.61
CA GLY B 192 -16.53 33.36 4.42
C GLY B 192 -16.15 33.31 5.89
N ASN B 193 -17.12 33.45 6.77
CA ASN B 193 -16.83 33.39 8.19
C ASN B 193 -16.93 31.97 8.73
N PRO B 194 -15.79 31.33 9.03
CA PRO B 194 -15.83 29.96 9.55
C PRO B 194 -16.53 29.87 10.89
N GLY B 195 -16.75 31.03 11.52
CA GLY B 195 -17.42 31.08 12.79
C GLY B 195 -18.92 30.97 12.63
N SER B 196 -19.40 31.07 11.40
CA SER B 196 -20.83 30.98 11.14
C SER B 196 -21.12 30.08 9.95
N VAL B 197 -21.09 28.77 10.17
CA VAL B 197 -21.36 27.84 9.09
C VAL B 197 -22.68 27.11 9.31
N THR B 198 -23.47 27.04 8.25
CA THR B 198 -24.75 26.37 8.29
C THR B 198 -24.79 25.21 7.31
N ILE B 199 -25.11 24.01 7.81
CA ILE B 199 -25.21 22.85 6.93
C ILE B 199 -26.69 22.60 6.61
N PHE B 200 -27.00 22.37 5.35
CA PHE B 200 -28.37 22.09 4.95
C PHE B 200 -28.34 21.12 3.79
N GLY B 201 -29.36 20.27 3.71
CA GLY B 201 -29.42 19.30 2.63
C GLY B 201 -30.82 18.76 2.54
N GLU B 202 -31.15 18.15 1.41
CA GLU B 202 -32.49 17.60 1.19
C GLU B 202 -32.43 16.09 1.00
N SER B 203 -33.47 15.39 1.43
CA SER B 203 -33.58 13.94 1.30
C SER B 203 -32.43 13.25 2.06
N ALA B 204 -31.68 12.37 1.37
CA ALA B 204 -30.54 11.68 2.00
C ALA B 204 -29.59 12.74 2.57
N GLY B 205 -29.60 13.92 1.95
CA GLY B 205 -28.77 15.00 2.43
C GLY B 205 -29.38 15.52 3.72
N GLY B 206 -30.71 15.45 3.80
CA GLY B 206 -31.41 15.88 4.98
C GLY B 206 -31.05 14.96 6.14
N GLU B 207 -31.23 13.66 5.90
CA GLU B 207 -30.91 12.65 6.90
C GLU B 207 -29.46 12.78 7.37
N SER B 208 -28.58 13.14 6.45
CA SER B 208 -27.16 13.29 6.74
C SER B 208 -26.97 14.43 7.72
N VAL B 209 -27.76 15.48 7.55
CA VAL B 209 -27.69 16.64 8.44
C VAL B 209 -28.08 16.20 9.84
N SER B 210 -29.20 15.48 9.93
CA SER B 210 -29.69 14.98 11.21
C SER B 210 -28.61 14.13 11.90
N VAL B 211 -27.99 13.26 11.11
CA VAL B 211 -26.92 12.38 11.60
C VAL B 211 -25.75 13.21 12.10
N LEU B 212 -25.36 14.25 11.34
CA LEU B 212 -24.25 15.07 11.75
C LEU B 212 -24.55 15.85 13.01
N VAL B 213 -25.82 16.17 13.21
CA VAL B 213 -26.28 16.91 14.38
C VAL B 213 -26.25 16.04 15.65
N LEU B 214 -26.13 14.72 15.45
CA LEU B 214 -26.09 13.77 16.56
C LEU B 214 -24.68 13.19 16.74
N SER B 215 -23.79 13.43 15.78
CA SER B 215 -22.43 12.90 15.86
C SER B 215 -21.41 13.76 16.58
N PRO B 216 -20.58 13.12 17.43
CA PRO B 216 -19.56 13.85 18.18
C PRO B 216 -18.45 14.34 17.26
N LEU B 217 -18.32 13.72 16.10
CA LEU B 217 -17.27 14.09 15.15
C LEU B 217 -17.51 15.44 14.49
N ALA B 218 -18.78 15.78 14.26
CA ALA B 218 -19.08 17.04 13.60
C ALA B 218 -19.12 18.19 14.57
N LYS B 219 -19.11 17.88 15.86
CA LYS B 219 -19.14 18.91 16.91
C LYS B 219 -18.23 20.10 16.59
N ASN B 220 -18.82 21.29 16.57
CA ASN B 220 -18.07 22.54 16.31
C ASN B 220 -17.66 22.78 14.86
N LEU B 221 -18.18 21.96 13.96
CA LEU B 221 -17.89 22.10 12.53
C LEU B 221 -18.98 22.88 11.82
N PHE B 222 -20.03 23.22 12.56
CA PHE B 222 -21.15 23.99 12.05
C PHE B 222 -21.88 24.65 13.23
N HIS B 223 -22.78 25.60 12.94
CA HIS B 223 -23.49 26.30 14.00
C HIS B 223 -25.00 26.33 13.82
N ARG B 224 -25.47 25.79 12.70
CA ARG B 224 -26.91 25.76 12.40
C ARG B 224 -27.15 24.65 11.38
N ALA B 225 -28.33 24.06 11.42
CA ALA B 225 -28.62 22.98 10.48
C ALA B 225 -30.05 23.06 9.98
N ILE B 226 -30.26 22.52 8.78
CA ILE B 226 -31.58 22.51 8.16
C ILE B 226 -31.77 21.19 7.42
N SER B 227 -32.82 20.47 7.77
CA SER B 227 -33.15 19.20 7.10
C SER B 227 -34.41 19.36 6.25
N GLU B 228 -34.25 19.10 4.95
CA GLU B 228 -35.35 19.20 4.00
C GLU B 228 -35.81 17.82 3.56
N SER B 229 -36.98 17.40 4.05
CA SER B 229 -37.53 16.10 3.69
C SER B 229 -36.56 14.97 4.01
N GLY B 230 -36.14 14.87 5.27
CA GLY B 230 -35.21 13.81 5.65
C GLY B 230 -34.53 13.98 6.99
N VAL B 231 -34.61 12.95 7.84
CA VAL B 231 -33.97 12.97 9.15
C VAL B 231 -33.40 11.60 9.52
N ALA B 232 -32.62 11.58 10.61
CA ALA B 232 -31.98 10.37 11.11
C ALA B 232 -32.99 9.29 11.52
N LEU B 233 -34.25 9.67 11.73
CA LEU B 233 -35.28 8.71 12.09
C LEU B 233 -35.91 8.09 10.84
N THR B 234 -35.55 8.60 9.66
CA THR B 234 -36.08 8.05 8.42
C THR B 234 -35.50 6.65 8.25
N SER B 235 -36.22 5.68 8.79
CA SER B 235 -35.81 4.28 8.76
C SER B 235 -34.97 3.84 7.56
N VAL B 236 -35.59 3.81 6.39
CA VAL B 236 -34.92 3.36 5.16
C VAL B 236 -33.44 3.74 5.00
N LEU B 237 -33.03 4.86 5.59
CA LEU B 237 -31.65 5.30 5.45
C LEU B 237 -30.73 4.86 6.59
N VAL B 238 -31.28 4.24 7.63
CA VAL B 238 -30.48 3.79 8.77
C VAL B 238 -30.66 2.30 9.04
N LYS B 239 -29.57 1.55 8.87
CA LYS B 239 -29.54 0.11 9.07
C LYS B 239 -29.36 -0.26 10.54
N LYS B 240 -30.37 -0.87 11.14
CA LYS B 240 -30.29 -1.28 12.54
C LYS B 240 -30.22 -2.80 12.69
N GLY B 241 -29.37 -3.27 13.60
CA GLY B 241 -29.22 -4.68 13.81
C GLY B 241 -27.93 -5.20 13.20
N ASP B 242 -27.85 -6.50 12.99
CA ASP B 242 -26.66 -7.09 12.41
C ASP B 242 -26.63 -6.83 10.90
N VAL B 243 -25.57 -6.15 10.46
CA VAL B 243 -25.38 -5.80 9.05
C VAL B 243 -24.50 -6.78 8.29
N LYS B 244 -24.05 -7.83 8.97
CA LYS B 244 -23.18 -8.83 8.37
C LYS B 244 -23.79 -9.53 7.15
N PRO B 245 -25.07 -9.93 7.23
CA PRO B 245 -25.75 -10.61 6.12
C PRO B 245 -25.69 -9.80 4.84
N LEU B 246 -25.73 -8.48 4.97
CA LEU B 246 -25.68 -7.62 3.79
C LEU B 246 -24.27 -7.65 3.19
N ALA B 247 -23.26 -7.46 4.05
CA ALA B 247 -21.89 -7.47 3.57
C ALA B 247 -21.58 -8.73 2.78
N GLU B 248 -22.03 -9.87 3.27
CA GLU B 248 -21.78 -11.14 2.60
C GLU B 248 -22.55 -11.27 1.28
N GLN B 249 -23.78 -10.77 1.27
CA GLN B 249 -24.58 -10.82 0.07
C GLN B 249 -23.89 -10.02 -1.05
N ILE B 250 -23.33 -8.87 -0.69
CA ILE B 250 -22.63 -8.03 -1.64
C ILE B 250 -21.36 -8.73 -2.13
N ALA B 251 -20.62 -9.30 -1.19
CA ALA B 251 -19.38 -9.99 -1.48
C ALA B 251 -19.60 -11.18 -2.41
N ILE B 252 -20.60 -11.99 -2.10
CA ILE B 252 -20.87 -13.15 -2.93
C ILE B 252 -21.12 -12.69 -4.36
N THR B 253 -21.95 -11.66 -4.51
CA THR B 253 -22.28 -11.09 -5.81
C THR B 253 -21.03 -10.62 -6.55
N ALA B 254 -20.12 -10.01 -5.81
CA ALA B 254 -18.88 -9.49 -6.36
C ALA B 254 -17.90 -10.62 -6.67
N GLY B 255 -18.25 -11.83 -6.26
CA GLY B 255 -17.39 -12.97 -6.50
C GLY B 255 -16.26 -13.05 -5.47
N CYS B 256 -16.60 -12.81 -4.20
CA CYS B 256 -15.63 -12.85 -3.11
C CYS B 256 -16.01 -13.87 -2.04
N LYS B 257 -15.00 -14.47 -1.41
CA LYS B 257 -15.24 -15.44 -0.33
C LYS B 257 -15.77 -14.70 0.90
N THR B 258 -16.36 -15.44 1.83
CA THR B 258 -16.87 -14.83 3.05
C THR B 258 -16.26 -15.45 4.30
N THR B 259 -15.11 -16.10 4.15
CA THR B 259 -14.43 -16.75 5.26
C THR B 259 -14.39 -15.88 6.52
N THR B 260 -14.05 -14.61 6.35
CA THR B 260 -14.00 -13.70 7.48
C THR B 260 -14.27 -12.31 6.93
N SER B 261 -14.28 -11.33 7.82
CA SER B 261 -14.53 -9.96 7.42
C SER B 261 -13.38 -9.35 6.65
N ALA B 262 -12.17 -9.58 7.15
CA ALA B 262 -10.95 -9.07 6.56
C ALA B 262 -10.74 -9.66 5.18
N VAL B 263 -11.15 -10.90 5.01
CA VAL B 263 -11.02 -11.55 3.71
C VAL B 263 -11.96 -10.92 2.69
N MET B 264 -13.14 -10.50 3.14
CA MET B 264 -14.10 -9.89 2.23
C MET B 264 -13.60 -8.52 1.78
N VAL B 265 -13.28 -7.66 2.77
CA VAL B 265 -12.80 -6.31 2.53
C VAL B 265 -11.57 -6.32 1.62
N HIS B 266 -10.68 -7.27 1.87
CA HIS B 266 -9.49 -7.37 1.07
C HIS B 266 -9.86 -7.69 -0.37
N CYS B 267 -10.75 -8.65 -0.52
CA CYS B 267 -11.18 -9.04 -1.85
C CYS B 267 -11.89 -7.90 -2.56
N LEU B 268 -12.82 -7.23 -1.87
CA LEU B 268 -13.54 -6.14 -2.51
C LEU B 268 -12.60 -4.99 -2.89
N ARG B 269 -11.50 -4.80 -2.15
CA ARG B 269 -10.59 -3.72 -2.50
C ARG B 269 -9.88 -4.02 -3.80
N GLN B 270 -9.79 -5.31 -4.12
CA GLN B 270 -9.12 -5.76 -5.34
C GLN B 270 -10.02 -5.55 -6.54
N LYS B 271 -11.32 -5.48 -6.32
CA LYS B 271 -12.25 -5.28 -7.44
C LYS B 271 -12.08 -3.94 -8.11
N THR B 272 -12.42 -3.88 -9.38
CA THR B 272 -12.28 -2.64 -10.11
C THR B 272 -13.55 -1.83 -9.91
N GLU B 273 -13.52 -0.57 -10.35
CA GLU B 273 -14.67 0.30 -10.26
C GLU B 273 -15.79 -0.34 -11.05
N GLU B 274 -15.54 -0.69 -12.30
CA GLU B 274 -16.59 -1.29 -13.13
C GLU B 274 -17.13 -2.56 -12.51
N GLU B 275 -16.27 -3.32 -11.84
CA GLU B 275 -16.71 -4.56 -11.21
C GLU B 275 -17.69 -4.27 -10.07
N LEU B 276 -17.46 -3.19 -9.32
CA LEU B 276 -18.34 -2.84 -8.21
C LEU B 276 -19.59 -2.09 -8.68
N LEU B 277 -19.52 -1.49 -9.87
CA LEU B 277 -20.68 -0.78 -10.40
C LEU B 277 -21.65 -1.85 -10.89
N GLU B 278 -21.13 -2.90 -11.50
CA GLU B 278 -21.96 -3.99 -11.99
C GLU B 278 -22.67 -4.67 -10.83
N THR B 279 -21.93 -4.91 -9.75
CA THR B 279 -22.48 -5.53 -8.55
C THR B 279 -23.66 -4.66 -8.12
N THR B 280 -23.43 -3.35 -8.08
CA THR B 280 -24.46 -2.38 -7.68
C THR B 280 -25.72 -2.58 -8.52
N LEU B 281 -25.56 -2.50 -9.84
CA LEU B 281 -26.70 -2.68 -10.74
C LEU B 281 -27.44 -3.99 -10.47
N LYS B 282 -26.70 -5.08 -10.23
CA LYS B 282 -27.34 -6.37 -9.96
C LYS B 282 -28.19 -6.32 -8.69
N MET B 283 -27.67 -5.67 -7.65
CA MET B 283 -28.38 -5.58 -6.37
C MET B 283 -29.70 -4.82 -6.48
N LYS B 284 -29.88 -4.04 -7.54
CA LYS B 284 -31.10 -3.25 -7.75
C LYS B 284 -31.56 -2.57 -6.46
N PHE B 285 -30.84 -1.50 -6.09
CA PHE B 285 -31.11 -0.76 -4.87
C PHE B 285 -32.25 0.25 -4.84
N LEU B 286 -32.53 0.94 -5.94
CA LEU B 286 -33.59 1.94 -5.89
C LEU B 286 -34.87 1.55 -6.62
N SER B 287 -35.33 0.33 -6.39
CA SER B 287 -36.54 -0.16 -7.01
C SER B 287 -37.26 -1.14 -6.10
N LEU B 288 -38.58 -0.98 -6.01
CA LEU B 288 -39.39 -1.84 -5.17
C LEU B 288 -39.31 -3.30 -5.62
N ASP B 289 -38.82 -4.16 -4.73
CA ASP B 289 -38.72 -5.59 -5.03
C ASP B 289 -40.07 -6.26 -4.83
N LEU B 290 -40.60 -6.84 -5.91
CA LEU B 290 -41.89 -7.50 -5.88
C LEU B 290 -41.75 -9.00 -5.63
N GLN B 291 -40.94 -9.66 -6.45
CA GLN B 291 -40.73 -11.12 -6.34
C GLN B 291 -39.76 -11.49 -5.22
N GLY B 292 -40.31 -11.76 -4.04
CA GLY B 292 -39.50 -12.12 -2.90
C GLY B 292 -40.12 -11.68 -1.58
N ASP B 293 -39.44 -12.00 -0.48
CA ASP B 293 -39.92 -11.64 0.85
C ASP B 293 -39.55 -10.19 1.14
N PRO B 294 -40.54 -9.38 1.53
CA PRO B 294 -40.40 -7.95 1.86
C PRO B 294 -39.29 -7.67 2.87
N ARG B 295 -39.16 -8.55 3.85
CA ARG B 295 -38.15 -8.41 4.89
C ARG B 295 -36.74 -8.80 4.43
N GLU B 296 -36.62 -9.18 3.16
CA GLU B 296 -35.31 -9.56 2.60
C GLU B 296 -34.87 -8.62 1.47
N SER B 297 -35.62 -7.54 1.27
CA SER B 297 -35.29 -6.56 0.24
C SER B 297 -34.29 -5.55 0.79
N GLN B 298 -33.17 -5.39 0.10
CA GLN B 298 -32.13 -4.46 0.53
C GLN B 298 -32.17 -3.18 -0.30
N PRO B 299 -32.87 -2.15 0.20
CA PRO B 299 -32.99 -0.86 -0.50
C PRO B 299 -31.66 -0.10 -0.68
N LEU B 300 -30.79 -0.18 0.33
CA LEU B 300 -29.49 0.50 0.28
C LEU B 300 -28.57 0.14 1.45
N LEU B 301 -27.42 0.79 1.50
CA LEU B 301 -26.46 0.54 2.56
C LEU B 301 -26.38 1.78 3.43
N GLY B 302 -27.52 2.31 3.83
CA GLY B 302 -27.52 3.51 4.63
C GLY B 302 -26.54 3.59 5.80
N THR B 303 -26.78 4.59 6.62
CA THR B 303 -25.99 4.86 7.81
C THR B 303 -26.03 3.65 8.76
N VAL B 304 -24.98 3.50 9.57
CA VAL B 304 -24.90 2.42 10.56
C VAL B 304 -24.34 2.98 11.87
N ILE B 305 -24.35 2.14 12.89
CA ILE B 305 -23.83 2.55 14.19
C ILE B 305 -22.43 1.97 14.27
N ASP B 306 -21.47 2.73 13.78
CA ASP B 306 -20.08 2.32 13.72
C ASP B 306 -19.29 2.46 15.00
N GLY B 307 -19.81 3.21 15.96
CA GLY B 307 -19.07 3.40 17.18
C GLY B 307 -18.15 4.60 17.04
N MET B 308 -18.11 5.23 15.87
CA MET B 308 -17.28 6.41 15.66
C MET B 308 -18.12 7.67 15.42
N LEU B 309 -18.81 7.71 14.27
CA LEU B 309 -19.68 8.81 13.90
C LEU B 309 -20.89 8.79 14.82
N LEU B 310 -21.52 7.63 14.94
CA LEU B 310 -22.68 7.48 15.81
C LEU B 310 -22.40 6.41 16.87
N LEU B 311 -22.47 6.79 18.14
CA LEU B 311 -22.24 5.86 19.22
C LEU B 311 -23.44 4.94 19.47
N LYS B 312 -24.60 5.32 18.93
CA LYS B 312 -25.79 4.51 19.07
C LYS B 312 -26.93 4.98 18.17
N THR B 313 -28.01 4.21 18.10
CA THR B 313 -29.12 4.60 17.23
C THR B 313 -29.57 6.03 17.49
N PRO B 314 -30.12 6.68 16.45
CA PRO B 314 -30.62 8.04 16.53
C PRO B 314 -31.66 8.16 17.65
N GLU B 315 -32.50 7.13 17.78
CA GLU B 315 -33.52 7.13 18.82
C GLU B 315 -32.82 7.28 20.18
N GLU B 316 -31.85 6.41 20.43
CA GLU B 316 -31.10 6.43 21.69
C GLU B 316 -30.36 7.75 21.93
N LEU B 317 -29.62 8.20 20.93
CA LEU B 317 -28.86 9.44 21.04
C LEU B 317 -29.70 10.67 21.33
N GLN B 318 -30.73 10.91 20.54
CA GLN B 318 -31.57 12.07 20.75
C GLN B 318 -32.31 12.00 22.09
N ALA B 319 -32.60 10.79 22.55
CA ALA B 319 -33.29 10.61 23.83
C ALA B 319 -32.56 11.31 24.97
N GLU B 320 -31.25 11.52 24.81
CA GLU B 320 -30.45 12.20 25.83
C GLU B 320 -30.34 13.69 25.54
N ARG B 321 -30.16 14.49 26.58
CA ARG B 321 -30.03 15.93 26.42
C ARG B 321 -28.69 16.43 26.93
N ASN B 322 -27.62 15.82 26.45
CA ASN B 322 -26.27 16.21 26.86
C ASN B 322 -25.36 16.27 25.63
N PHE B 323 -25.70 17.18 24.72
CA PHE B 323 -24.94 17.34 23.50
C PHE B 323 -25.05 18.77 22.98
N HIS B 324 -23.97 19.24 22.33
CA HIS B 324 -23.90 20.59 21.78
C HIS B 324 -25.09 20.87 20.85
N THR B 325 -26.01 21.68 21.33
CA THR B 325 -27.20 22.02 20.56
C THR B 325 -27.01 23.28 19.71
N VAL B 326 -27.70 23.30 18.57
CA VAL B 326 -27.66 24.44 17.66
C VAL B 326 -29.05 24.63 17.04
N PRO B 327 -29.33 25.83 16.52
CA PRO B 327 -30.64 26.07 15.91
C PRO B 327 -30.87 25.06 14.78
N TYR B 328 -31.95 24.30 14.87
CA TYR B 328 -32.21 23.31 13.84
C TYR B 328 -33.58 23.52 13.16
N MET B 329 -33.58 23.61 11.83
CA MET B 329 -34.83 23.79 11.09
C MET B 329 -35.21 22.48 10.37
N VAL B 330 -36.36 21.90 10.73
CA VAL B 330 -36.83 20.66 10.11
C VAL B 330 -38.17 20.89 9.38
N GLY B 331 -38.19 20.61 8.07
CA GLY B 331 -39.40 20.81 7.30
C GLY B 331 -39.72 19.66 6.35
N ILE B 332 -40.97 19.59 5.90
CA ILE B 332 -41.40 18.54 4.99
C ILE B 332 -42.25 19.18 3.90
N ASN B 333 -42.65 18.40 2.92
CA ASN B 333 -43.47 18.89 1.83
C ASN B 333 -44.88 18.30 1.93
N LYS B 334 -45.83 18.92 1.24
CA LYS B 334 -47.23 18.47 1.26
C LYS B 334 -47.43 17.05 0.76
N GLN B 335 -46.80 16.71 -0.35
CA GLN B 335 -46.95 15.36 -0.90
C GLN B 335 -45.62 14.73 -1.21
N GLU B 336 -44.85 14.42 -0.15
CA GLU B 336 -43.53 13.82 -0.30
C GLU B 336 -43.57 12.59 -1.20
N PHE B 337 -44.59 11.75 -1.03
CA PHE B 337 -44.69 10.56 -1.84
C PHE B 337 -45.66 10.80 -2.98
N GLY B 338 -45.69 12.02 -3.48
CA GLY B 338 -46.61 12.36 -4.56
C GLY B 338 -46.37 11.69 -5.91
N TRP B 339 -45.21 11.92 -6.51
CA TRP B 339 -44.93 11.34 -7.81
C TRP B 339 -43.46 10.94 -7.97
N LEU B 340 -42.56 11.88 -7.66
CA LEU B 340 -41.12 11.67 -7.80
C LEU B 340 -40.62 10.31 -7.31
N ILE B 341 -40.64 10.08 -6.00
CA ILE B 341 -40.15 8.83 -5.43
C ILE B 341 -40.81 7.57 -5.99
N PRO B 342 -42.16 7.51 -6.01
CA PRO B 342 -42.86 6.34 -6.54
C PRO B 342 -42.43 6.01 -7.97
N MET B 343 -42.27 7.06 -8.78
CA MET B 343 -41.87 6.91 -10.18
C MET B 343 -40.47 6.32 -10.33
N LEU B 344 -39.51 6.88 -9.61
CA LEU B 344 -38.15 6.41 -9.65
C LEU B 344 -38.05 4.95 -9.23
N MET B 345 -38.68 4.63 -8.10
CA MET B 345 -38.66 3.27 -7.59
C MET B 345 -39.51 2.32 -8.41
N SER B 346 -40.22 2.88 -9.39
CA SER B 346 -41.08 2.09 -10.27
C SER B 346 -42.21 1.42 -9.48
N TYR B 347 -42.95 2.21 -8.70
CA TYR B 347 -44.04 1.68 -7.91
C TYR B 347 -45.17 1.12 -8.76
N PRO B 348 -45.74 -0.03 -8.36
CA PRO B 348 -46.84 -0.72 -9.05
C PRO B 348 -48.03 0.17 -9.38
N LEU B 349 -48.37 1.07 -8.46
CA LEU B 349 -49.49 1.99 -8.66
C LEU B 349 -49.45 2.61 -10.05
N SER B 350 -50.35 2.15 -10.92
CA SER B 350 -50.41 2.67 -12.29
C SER B 350 -51.85 2.76 -12.76
N GLU B 351 -52.74 2.11 -12.03
CA GLU B 351 -54.16 2.11 -12.38
C GLU B 351 -54.84 3.42 -12.00
N GLY B 352 -54.27 4.11 -11.00
CA GLY B 352 -54.86 5.37 -10.59
C GLY B 352 -55.85 5.20 -9.46
N GLN B 353 -56.00 3.96 -9.00
CA GLN B 353 -56.92 3.65 -7.90
C GLN B 353 -56.47 2.36 -7.22
N LEU B 354 -57.05 2.07 -6.07
CA LEU B 354 -56.71 0.86 -5.34
C LEU B 354 -57.76 0.52 -4.28
N ASP B 355 -57.78 -0.73 -3.84
CA ASP B 355 -58.72 -1.17 -2.81
C ASP B 355 -57.95 -1.71 -1.62
N GLN B 356 -58.59 -1.70 -0.45
CA GLN B 356 -57.98 -2.17 0.79
C GLN B 356 -57.11 -3.41 0.63
N LYS B 357 -57.69 -4.46 0.03
CA LYS B 357 -57.00 -5.73 -0.18
C LYS B 357 -55.68 -5.57 -0.93
N THR B 358 -55.72 -4.84 -2.04
CA THR B 358 -54.54 -4.61 -2.86
C THR B 358 -53.59 -3.64 -2.15
N ALA B 359 -54.17 -2.69 -1.43
CA ALA B 359 -53.38 -1.70 -0.69
C ALA B 359 -52.50 -2.42 0.32
N MET B 360 -53.11 -3.28 1.14
CA MET B 360 -52.39 -4.04 2.15
C MET B 360 -51.36 -4.95 1.49
N SER B 361 -51.64 -5.34 0.25
CA SER B 361 -50.75 -6.20 -0.52
C SER B 361 -49.52 -5.43 -0.96
N LEU B 362 -49.74 -4.20 -1.42
CA LEU B 362 -48.64 -3.36 -1.86
C LEU B 362 -47.86 -2.84 -0.66
N LEU B 363 -48.58 -2.34 0.34
CA LEU B 363 -47.98 -1.82 1.56
C LEU B 363 -47.00 -2.82 2.18
N TRP B 364 -47.32 -4.10 2.02
CA TRP B 364 -46.49 -5.17 2.56
C TRP B 364 -45.11 -5.15 1.90
N LYS B 365 -45.08 -5.24 0.58
CA LYS B 365 -43.83 -5.24 -0.19
C LYS B 365 -43.05 -3.94 0.02
N SER B 366 -43.73 -2.94 0.59
CA SER B 366 -43.13 -1.65 0.86
C SER B 366 -42.43 -1.71 2.21
N TYR B 367 -42.30 -2.92 2.76
CA TYR B 367 -41.67 -3.11 4.06
C TYR B 367 -40.32 -2.41 4.19
N PRO B 368 -39.41 -2.59 3.20
CA PRO B 368 -38.09 -1.97 3.25
C PRO B 368 -38.10 -0.44 3.25
N LEU B 369 -39.29 0.15 3.24
CA LEU B 369 -39.42 1.60 3.22
C LEU B 369 -40.18 2.12 4.44
N VAL B 370 -41.31 1.49 4.74
CA VAL B 370 -42.15 1.91 5.85
C VAL B 370 -41.88 1.11 7.12
N CYS B 371 -41.45 -0.14 6.96
CA CYS B 371 -41.17 -0.99 8.11
C CYS B 371 -42.44 -1.25 8.92
N ILE B 372 -43.42 -1.89 8.30
CA ILE B 372 -44.67 -2.19 8.98
C ILE B 372 -44.89 -3.70 9.03
N ALA B 373 -45.00 -4.22 10.25
CA ALA B 373 -45.23 -5.66 10.47
C ALA B 373 -46.51 -6.07 9.76
N LYS B 374 -46.54 -7.28 9.22
CA LYS B 374 -47.71 -7.78 8.50
C LYS B 374 -48.95 -7.82 9.39
N GLU B 375 -48.73 -7.68 10.70
CA GLU B 375 -49.80 -7.71 11.68
C GLU B 375 -50.37 -6.30 11.88
N LEU B 376 -49.64 -5.30 11.39
CA LEU B 376 -50.08 -3.92 11.52
C LEU B 376 -50.59 -3.39 10.18
N ILE B 377 -50.41 -4.18 9.12
CA ILE B 377 -50.85 -3.78 7.78
C ILE B 377 -52.34 -3.43 7.71
N PRO B 378 -53.22 -4.36 8.15
CA PRO B 378 -54.67 -4.09 8.11
C PRO B 378 -55.08 -2.79 8.79
N GLU B 379 -54.73 -2.64 10.06
CA GLU B 379 -55.08 -1.45 10.82
C GLU B 379 -54.56 -0.17 10.16
N ALA B 380 -53.31 -0.19 9.73
CA ALA B 380 -52.69 0.96 9.09
C ALA B 380 -53.44 1.34 7.83
N THR B 381 -53.78 0.34 7.02
CA THR B 381 -54.51 0.56 5.77
C THR B 381 -55.92 1.11 6.04
N GLU B 382 -56.54 0.59 7.10
CA GLU B 382 -57.90 1.00 7.51
C GLU B 382 -57.91 2.44 7.99
N LYS B 383 -56.88 2.80 8.77
CA LYS B 383 -56.77 4.15 9.30
C LYS B 383 -56.75 5.22 8.22
N TYR B 384 -56.13 4.92 7.07
CA TYR B 384 -56.03 5.90 5.99
C TYR B 384 -56.99 5.68 4.82
N LEU B 385 -57.36 4.43 4.57
CA LEU B 385 -58.27 4.12 3.47
C LEU B 385 -59.68 3.71 3.91
N GLY B 386 -59.88 3.63 5.23
CA GLY B 386 -61.18 3.25 5.75
C GLY B 386 -62.24 4.32 5.59
N GLY B 387 -62.17 5.05 4.47
CA GLY B 387 -63.13 6.11 4.22
C GLY B 387 -63.92 5.90 2.94
N THR B 388 -63.91 6.91 2.09
CA THR B 388 -64.64 6.85 0.82
C THR B 388 -64.43 5.53 0.08
N ASP B 389 -65.45 5.14 -0.68
CA ASP B 389 -65.44 3.92 -1.46
C ASP B 389 -64.68 4.17 -2.76
N ASP B 390 -64.35 5.43 -2.97
CA ASP B 390 -63.61 5.86 -4.15
C ASP B 390 -62.23 5.21 -4.19
N THR B 391 -62.06 4.23 -5.07
CA THR B 391 -60.78 3.54 -5.19
C THR B 391 -59.68 4.55 -5.51
N VAL B 392 -60.04 5.59 -6.26
CA VAL B 392 -59.09 6.64 -6.64
C VAL B 392 -58.67 7.47 -5.45
N LYS B 393 -59.62 7.86 -4.61
CA LYS B 393 -59.31 8.66 -3.43
C LYS B 393 -58.55 7.80 -2.41
N LYS B 394 -58.57 6.48 -2.61
CA LYS B 394 -57.87 5.58 -1.70
C LYS B 394 -56.38 5.64 -2.02
N LYS B 395 -56.05 5.43 -3.29
CA LYS B 395 -54.67 5.48 -3.76
C LYS B 395 -54.01 6.77 -3.29
N ASP B 396 -54.76 7.87 -3.29
CA ASP B 396 -54.20 9.14 -2.86
C ASP B 396 -53.93 9.14 -1.37
N LEU B 397 -54.79 8.49 -0.60
CA LEU B 397 -54.62 8.42 0.85
C LEU B 397 -53.54 7.39 1.20
N PHE B 398 -53.27 6.50 0.24
CA PHE B 398 -52.24 5.47 0.41
C PHE B 398 -50.86 6.10 0.35
N LEU B 399 -50.72 7.11 -0.52
CA LEU B 399 -49.46 7.81 -0.67
C LEU B 399 -49.24 8.68 0.57
N ASP B 400 -50.28 9.33 1.04
CA ASP B 400 -50.14 10.14 2.23
C ASP B 400 -49.77 9.21 3.39
N LEU B 401 -50.22 7.96 3.28
CA LEU B 401 -49.94 6.96 4.30
C LEU B 401 -48.44 6.70 4.38
N ILE B 402 -47.82 6.53 3.21
CA ILE B 402 -46.39 6.25 3.14
C ILE B 402 -45.54 7.46 3.48
N ALA B 403 -45.94 8.63 2.99
CA ALA B 403 -45.19 9.85 3.24
C ALA B 403 -45.12 10.20 4.73
N ASP B 404 -46.20 9.93 5.45
CA ASP B 404 -46.27 10.24 6.89
C ASP B 404 -45.32 9.39 7.72
N VAL B 405 -45.12 8.15 7.29
CA VAL B 405 -44.24 7.23 7.98
C VAL B 405 -42.77 7.49 7.66
N MET B 406 -42.48 7.88 6.42
CA MET B 406 -41.11 8.14 6.03
C MET B 406 -40.61 9.56 6.35
N PHE B 407 -41.45 10.57 6.17
CA PHE B 407 -40.96 11.92 6.44
C PHE B 407 -41.79 12.64 7.48
N GLY B 408 -43.09 12.61 7.29
CA GLY B 408 -44.00 13.28 8.21
C GLY B 408 -43.72 13.07 9.68
N VAL B 409 -44.16 11.93 10.21
CA VAL B 409 -43.98 11.64 11.64
C VAL B 409 -42.54 11.77 12.12
N PRO B 410 -41.58 11.15 11.42
CA PRO B 410 -40.16 11.21 11.79
C PRO B 410 -39.67 12.65 11.99
N SER B 411 -39.92 13.50 10.99
CA SER B 411 -39.50 14.89 11.02
C SER B 411 -40.02 15.64 12.23
N VAL B 412 -41.30 15.44 12.54
CA VAL B 412 -41.92 16.09 13.68
C VAL B 412 -41.28 15.61 14.99
N ILE B 413 -41.08 14.30 15.10
CA ILE B 413 -40.47 13.72 16.29
C ILE B 413 -39.11 14.35 16.54
N VAL B 414 -38.24 14.33 15.54
CA VAL B 414 -36.92 14.93 15.66
C VAL B 414 -37.04 16.38 16.10
N ALA B 415 -38.01 17.09 15.52
CA ALA B 415 -38.23 18.48 15.87
C ALA B 415 -38.61 18.67 17.34
N ARG B 416 -39.43 17.75 17.85
CA ARG B 416 -39.86 17.80 19.25
C ARG B 416 -38.72 17.57 20.21
N ASN B 417 -37.95 16.51 19.94
CA ASN B 417 -36.80 16.18 20.78
C ASN B 417 -35.78 17.32 20.79
N HIS B 418 -35.53 17.91 19.63
CA HIS B 418 -34.56 19.00 19.56
C HIS B 418 -35.05 20.17 20.39
N ARG B 419 -36.36 20.36 20.36
CA ARG B 419 -37.02 21.41 21.12
C ARG B 419 -36.82 21.14 22.61
N ASP B 420 -37.22 19.93 23.05
CA ASP B 420 -37.10 19.53 24.44
C ASP B 420 -35.66 19.54 24.93
N ALA B 421 -34.72 19.38 24.00
CA ALA B 421 -33.31 19.37 24.36
C ALA B 421 -32.91 20.77 24.79
N GLY B 422 -33.78 21.74 24.51
CA GLY B 422 -33.50 23.12 24.87
C GLY B 422 -32.77 23.92 23.81
N ALA B 423 -32.95 23.52 22.56
CA ALA B 423 -32.28 24.19 21.44
C ALA B 423 -33.31 24.76 20.48
N PRO B 424 -33.02 25.93 19.90
CA PRO B 424 -33.91 26.60 18.94
C PRO B 424 -34.32 25.66 17.80
N THR B 425 -35.62 25.42 17.66
CA THR B 425 -36.14 24.55 16.62
C THR B 425 -37.17 25.25 15.75
N TYR B 426 -37.24 24.88 14.48
CA TYR B 426 -38.17 25.46 13.53
C TYR B 426 -38.69 24.40 12.57
N MET B 427 -39.94 24.55 12.15
CA MET B 427 -40.54 23.60 11.22
C MET B 427 -41.30 24.36 10.14
N TYR B 428 -41.51 23.70 9.00
CA TYR B 428 -42.25 24.28 7.89
C TYR B 428 -42.84 23.17 7.04
N GLU B 429 -43.91 23.51 6.32
CA GLU B 429 -44.55 22.55 5.42
C GLU B 429 -44.68 23.22 4.07
N PHE B 430 -43.75 22.90 3.17
CA PHE B 430 -43.76 23.47 1.82
C PHE B 430 -44.87 22.83 1.02
N GLN B 431 -45.76 23.68 0.50
CA GLN B 431 -46.87 23.25 -0.32
C GLN B 431 -46.94 24.12 -1.55
N TYR B 432 -46.31 23.68 -2.62
CA TYR B 432 -46.30 24.44 -3.87
C TYR B 432 -45.96 23.52 -5.03
N ARG B 433 -46.33 23.93 -6.24
CA ARG B 433 -46.03 23.15 -7.44
C ARG B 433 -45.24 24.00 -8.40
N PRO B 434 -43.92 23.81 -8.42
CA PRO B 434 -43.06 24.58 -9.33
C PRO B 434 -43.40 24.42 -10.81
N SER B 435 -43.07 25.44 -11.59
CA SER B 435 -43.33 25.40 -13.03
C SER B 435 -42.33 24.48 -13.72
N PHE B 436 -41.20 24.24 -13.05
CA PHE B 436 -40.14 23.40 -13.57
C PHE B 436 -40.40 21.91 -13.43
N SER B 437 -41.56 21.55 -12.90
CA SER B 437 -41.90 20.14 -12.72
C SER B 437 -41.80 19.38 -14.04
N SER B 438 -41.90 18.05 -13.96
CA SER B 438 -41.80 17.20 -15.13
C SER B 438 -43.14 17.11 -15.84
N ASP B 439 -43.11 16.75 -17.11
CA ASP B 439 -44.31 16.64 -17.93
C ASP B 439 -45.15 15.44 -17.51
N MET B 440 -44.49 14.40 -17.06
CA MET B 440 -45.19 13.19 -16.62
C MET B 440 -45.87 13.42 -15.28
N LYS B 441 -45.48 14.48 -14.58
CA LYS B 441 -46.04 14.80 -13.27
C LYS B 441 -47.45 15.37 -13.36
N PRO B 442 -48.43 14.68 -12.74
CA PRO B 442 -49.82 15.15 -12.77
C PRO B 442 -49.98 16.49 -12.05
N LYS B 443 -50.56 17.46 -12.75
CA LYS B 443 -50.78 18.79 -12.19
C LYS B 443 -51.61 18.77 -10.93
N THR B 444 -52.13 17.61 -10.56
CA THR B 444 -52.94 17.50 -9.35
C THR B 444 -52.04 17.26 -8.14
N VAL B 445 -50.73 17.33 -8.36
CA VAL B 445 -49.75 17.12 -7.29
C VAL B 445 -49.08 18.43 -6.88
N ILE B 446 -49.00 18.64 -5.56
CA ILE B 446 -48.40 19.86 -5.02
C ILE B 446 -47.57 19.50 -3.79
N GLY B 447 -46.36 20.06 -3.73
CA GLY B 447 -45.50 19.77 -2.59
C GLY B 447 -44.93 18.36 -2.70
N ASP B 448 -44.42 18.04 -3.88
CA ASP B 448 -43.83 16.74 -4.11
C ASP B 448 -42.43 16.74 -3.52
N HIS B 449 -41.80 15.58 -3.53
CA HIS B 449 -40.44 15.44 -3.00
C HIS B 449 -39.47 16.30 -3.82
N GLY B 450 -38.77 17.21 -3.15
CA GLY B 450 -37.81 18.06 -3.84
C GLY B 450 -38.34 19.34 -4.47
N ASP B 451 -39.63 19.61 -4.33
CA ASP B 451 -40.17 20.83 -4.93
C ASP B 451 -39.62 22.12 -4.32
N GLU B 452 -39.27 22.10 -3.04
CA GLU B 452 -38.77 23.29 -2.37
C GLU B 452 -37.38 23.68 -2.87
N LEU B 453 -36.70 22.72 -3.49
CA LEU B 453 -35.35 22.95 -4.02
C LEU B 453 -35.26 24.14 -4.97
N PHE B 454 -36.26 24.28 -5.82
CA PHE B 454 -36.30 25.38 -6.80
C PHE B 454 -36.39 26.78 -6.20
N SER B 455 -37.07 26.90 -5.05
CA SER B 455 -37.21 28.18 -4.35
C SER B 455 -35.89 28.42 -3.59
N VAL B 456 -35.41 27.39 -2.92
CA VAL B 456 -34.17 27.48 -2.15
C VAL B 456 -32.99 27.95 -3.01
N PHE B 457 -32.72 27.27 -4.12
CA PHE B 457 -31.59 27.68 -4.97
C PHE B 457 -31.89 28.74 -6.02
N GLY B 458 -33.02 29.42 -5.87
CA GLY B 458 -33.40 30.47 -6.79
C GLY B 458 -33.43 30.06 -8.25
N ALA B 459 -34.04 28.90 -8.53
CA ALA B 459 -34.12 28.42 -9.90
C ALA B 459 -34.77 29.44 -10.83
N PRO B 460 -35.80 30.19 -10.35
CA PRO B 460 -36.49 31.19 -11.16
C PRO B 460 -35.59 32.34 -11.63
N PHE B 461 -34.35 32.37 -11.15
CA PHE B 461 -33.42 33.41 -11.56
C PHE B 461 -32.39 32.89 -12.53
N LEU B 462 -32.50 31.62 -12.92
CA LEU B 462 -31.53 31.01 -13.82
C LEU B 462 -32.25 30.39 -15.00
N LYS B 463 -33.42 29.81 -14.72
CA LYS B 463 -34.23 29.19 -15.76
C LYS B 463 -35.18 30.25 -16.32
N GLU B 464 -35.99 29.84 -17.30
CA GLU B 464 -36.93 30.75 -17.93
C GLU B 464 -38.39 30.29 -17.87
N GLY B 465 -39.30 31.27 -17.77
CA GLY B 465 -40.72 30.98 -17.68
C GLY B 465 -41.32 31.12 -16.30
N ALA B 466 -40.53 31.62 -15.34
CA ALA B 466 -41.00 31.77 -13.97
C ALA B 466 -41.90 33.00 -13.82
N SER B 467 -43.10 32.81 -13.25
CA SER B 467 -44.01 33.94 -13.05
C SER B 467 -43.50 34.83 -11.93
N GLU B 468 -44.04 36.04 -11.85
CA GLU B 468 -43.66 37.00 -10.82
C GLU B 468 -44.03 36.39 -9.48
N GLU B 469 -45.05 35.55 -9.49
CA GLU B 469 -45.50 34.90 -8.26
C GLU B 469 -44.47 33.85 -7.84
N GLU B 470 -43.98 33.10 -8.82
CA GLU B 470 -43.00 32.07 -8.55
C GLU B 470 -41.63 32.65 -8.21
N ILE B 471 -41.38 33.86 -8.70
CA ILE B 471 -40.13 34.55 -8.45
C ILE B 471 -40.07 35.10 -7.03
N ARG B 472 -41.17 35.68 -6.59
CA ARG B 472 -41.23 36.24 -5.25
C ARG B 472 -41.12 35.13 -4.22
N LEU B 473 -41.85 34.04 -4.44
CA LEU B 473 -41.82 32.90 -3.52
C LEU B 473 -40.37 32.53 -3.22
N SER B 474 -39.57 32.43 -4.27
CA SER B 474 -38.17 32.08 -4.14
C SER B 474 -37.42 33.14 -3.33
N LYS B 475 -37.56 34.40 -3.71
CA LYS B 475 -36.88 35.50 -3.00
C LYS B 475 -37.17 35.41 -1.50
N MET B 476 -38.36 34.93 -1.16
CA MET B 476 -38.78 34.80 0.22
C MET B 476 -38.08 33.63 0.91
N VAL B 477 -38.09 32.47 0.27
CA VAL B 477 -37.43 31.30 0.83
C VAL B 477 -35.94 31.60 1.05
N MET B 478 -35.25 32.08 0.01
CA MET B 478 -33.82 32.39 0.14
C MET B 478 -33.51 33.32 1.30
N LYS B 479 -34.38 34.31 1.52
CA LYS B 479 -34.20 35.26 2.61
C LYS B 479 -34.45 34.55 3.96
N PHE B 480 -35.50 33.74 4.01
CA PHE B 480 -35.82 33.00 5.22
C PHE B 480 -34.65 32.13 5.60
N TRP B 481 -34.12 31.41 4.63
CA TRP B 481 -32.97 30.51 4.82
C TRP B 481 -31.72 31.28 5.24
N ALA B 482 -31.36 32.29 4.45
CA ALA B 482 -30.20 33.12 4.72
C ALA B 482 -30.27 33.81 6.08
N ASN B 483 -31.44 34.25 6.51
CA ASN B 483 -31.54 34.91 7.81
C ASN B 483 -31.20 33.88 8.87
N PHE B 484 -31.68 32.65 8.69
CA PHE B 484 -31.43 31.57 9.64
C PHE B 484 -29.94 31.31 9.73
N ALA B 485 -29.25 31.33 8.59
CA ALA B 485 -27.82 31.10 8.56
C ALA B 485 -27.11 32.25 9.28
N ARG B 486 -27.75 33.41 9.31
CA ARG B 486 -27.15 34.57 9.97
C ARG B 486 -27.40 34.61 11.48
N ASN B 487 -28.67 34.60 11.89
CA ASN B 487 -28.99 34.68 13.31
C ASN B 487 -29.54 33.39 13.93
N GLY B 488 -29.62 32.30 13.17
CA GLY B 488 -30.17 31.08 13.72
C GLY B 488 -31.65 31.31 13.94
N ASN B 489 -32.18 32.32 13.25
CA ASN B 489 -33.59 32.73 13.30
C ASN B 489 -33.99 33.14 11.88
N PRO B 490 -35.01 32.51 11.29
CA PRO B 490 -35.44 32.85 9.93
C PRO B 490 -36.06 34.23 9.75
N ASN B 491 -36.78 34.67 10.78
CA ASN B 491 -37.49 35.95 10.79
C ASN B 491 -36.66 37.14 10.33
N GLY B 492 -37.36 38.09 9.73
CA GLY B 492 -36.74 39.31 9.22
C GLY B 492 -37.81 40.30 8.77
N GLU B 493 -37.40 41.53 8.49
CA GLU B 493 -38.35 42.55 8.05
C GLU B 493 -38.74 42.32 6.59
N GLY B 494 -40.04 42.35 6.31
CA GLY B 494 -40.53 42.13 4.96
C GLY B 494 -40.94 40.69 4.72
N LEU B 495 -40.74 39.85 5.72
CA LEU B 495 -41.07 38.44 5.64
C LEU B 495 -42.08 38.11 6.72
N PRO B 496 -43.05 37.21 6.42
CA PRO B 496 -44.06 36.82 7.40
C PRO B 496 -43.40 36.40 8.71
N HIS B 497 -44.22 36.10 9.70
CA HIS B 497 -43.67 35.71 10.99
C HIS B 497 -43.60 34.20 11.11
N TRP B 498 -42.42 33.71 11.44
CA TRP B 498 -42.18 32.29 11.59
C TRP B 498 -42.05 31.96 13.08
N PRO B 499 -43.08 31.30 13.65
CA PRO B 499 -43.08 30.93 15.07
C PRO B 499 -42.05 29.83 15.31
N GLU B 500 -41.29 29.99 16.39
CA GLU B 500 -40.28 29.00 16.74
C GLU B 500 -41.03 27.78 17.22
N TYR B 501 -40.64 26.61 16.74
CA TYR B 501 -41.30 25.37 17.15
C TYR B 501 -41.09 25.11 18.64
N ASN B 502 -42.07 25.48 19.46
CA ASN B 502 -41.98 25.24 20.90
C ASN B 502 -43.19 24.46 21.34
N GLN B 503 -43.56 24.61 22.62
CA GLN B 503 -44.71 23.89 23.15
C GLN B 503 -45.98 24.06 22.34
N LYS B 504 -46.19 25.26 21.80
CA LYS B 504 -47.36 25.53 20.98
C LYS B 504 -47.25 24.72 19.69
N GLU B 505 -46.00 24.41 19.32
CA GLU B 505 -45.73 23.64 18.11
C GLU B 505 -46.21 24.38 16.87
N GLY B 506 -45.76 25.62 16.73
CA GLY B 506 -46.15 26.41 15.58
C GLY B 506 -45.14 26.25 14.46
N TYR B 507 -45.63 26.01 13.26
CA TYR B 507 -44.77 25.84 12.10
C TYR B 507 -45.23 26.80 11.00
N LEU B 508 -44.37 27.05 10.02
CA LEU B 508 -44.71 27.94 8.92
C LEU B 508 -45.11 27.15 7.68
N GLN B 509 -46.15 27.63 7.01
CA GLN B 509 -46.65 27.01 5.77
C GLN B 509 -46.19 27.90 4.62
N ILE B 510 -45.37 27.34 3.73
CA ILE B 510 -44.85 28.08 2.59
C ILE B 510 -45.53 27.68 1.29
N GLY B 511 -45.94 28.70 0.52
CA GLY B 511 -46.59 28.45 -0.75
C GLY B 511 -47.20 29.72 -1.32
N ALA B 512 -48.23 29.56 -2.13
CA ALA B 512 -48.90 30.70 -2.74
C ALA B 512 -49.20 31.71 -1.65
N ASN B 513 -49.55 31.22 -0.47
CA ASN B 513 -49.83 32.09 0.67
C ASN B 513 -49.09 31.53 1.89
N THR B 514 -48.03 32.24 2.28
CA THR B 514 -47.20 31.84 3.41
C THR B 514 -47.75 32.40 4.73
N GLN B 515 -48.25 31.50 5.57
CA GLN B 515 -48.81 31.88 6.85
C GLN B 515 -48.47 30.84 7.92
N ALA B 516 -48.41 31.30 9.17
CA ALA B 516 -48.09 30.41 10.29
C ALA B 516 -49.26 29.50 10.59
N ALA B 517 -48.95 28.38 11.26
CA ALA B 517 -49.95 27.40 11.67
C ALA B 517 -49.42 26.72 12.92
N GLN B 518 -50.04 25.61 13.32
CA GLN B 518 -49.63 24.89 14.52
C GLN B 518 -49.84 23.38 14.42
N LYS B 519 -49.16 22.66 15.33
CA LYS B 519 -49.24 21.20 15.41
C LYS B 519 -49.29 20.49 14.08
N LEU B 520 -48.14 20.44 13.42
CA LEU B 520 -48.03 19.79 12.13
C LEU B 520 -48.05 18.27 12.30
N LYS B 521 -48.96 17.61 11.60
CA LYS B 521 -49.10 16.16 11.62
C LYS B 521 -49.25 15.64 13.04
N ASP B 522 -49.51 16.56 13.97
CA ASP B 522 -49.64 16.23 15.39
C ASP B 522 -50.47 14.98 15.60
N LYS B 523 -51.58 14.91 14.88
CA LYS B 523 -52.50 13.79 14.95
C LYS B 523 -51.84 12.52 14.41
N GLU B 524 -51.32 12.61 13.18
CA GLU B 524 -50.65 11.48 12.54
C GLU B 524 -49.57 10.84 13.40
N VAL B 525 -48.78 11.68 14.07
CA VAL B 525 -47.71 11.21 14.94
C VAL B 525 -48.32 10.28 15.98
N ALA B 526 -49.25 10.82 16.77
CA ALA B 526 -49.90 10.04 17.81
C ALA B 526 -50.25 8.63 17.32
N PHE B 527 -51.04 8.56 16.26
CA PHE B 527 -51.44 7.27 15.73
C PHE B 527 -50.29 6.27 15.59
N TRP B 528 -49.29 6.64 14.80
CA TRP B 528 -48.16 5.76 14.56
C TRP B 528 -47.32 5.46 15.80
N THR B 529 -47.22 6.43 16.69
CA THR B 529 -46.44 6.22 17.91
C THR B 529 -47.01 5.03 18.70
N ASN B 530 -48.32 4.83 18.61
CA ASN B 530 -48.98 3.73 19.30
C ASN B 530 -48.96 2.46 18.46
N LEU B 531 -49.30 2.58 17.18
CA LEU B 531 -49.30 1.44 16.27
C LEU B 531 -47.91 0.81 16.23
N PHE B 532 -46.88 1.64 16.09
CA PHE B 532 -45.51 1.15 16.04
C PHE B 532 -45.10 0.49 17.34
N ALA B 533 -45.83 0.79 18.41
CA ALA B 533 -45.55 0.18 19.70
C ALA B 533 -46.18 -1.21 19.72
N LYS B 534 -46.43 -1.74 18.51
CA LYS B 534 -47.04 -3.05 18.32
C LYS B 534 -48.42 -3.11 18.97
N SER C 3 44.92 -10.25 -2.01
CA SER C 3 44.52 -10.34 -0.61
C SER C 3 43.04 -10.75 -0.45
N SER C 4 42.41 -10.32 0.64
CA SER C 4 41.00 -10.66 0.90
C SER C 4 40.06 -9.57 0.37
N PRO C 5 38.82 -9.95 0.01
CA PRO C 5 37.83 -9.00 -0.51
C PRO C 5 37.62 -7.80 0.43
N PRO C 6 37.56 -6.58 -0.13
CA PRO C 6 37.34 -5.37 0.67
C PRO C 6 35.97 -5.37 1.33
N VAL C 7 35.91 -4.99 2.60
CA VAL C 7 34.63 -4.93 3.32
C VAL C 7 34.49 -3.56 3.97
N VAL C 8 33.66 -2.71 3.36
CA VAL C 8 33.44 -1.37 3.88
C VAL C 8 32.13 -1.31 4.62
N ASP C 9 32.07 -0.47 5.65
CA ASP C 9 30.88 -0.33 6.45
C ASP C 9 30.14 0.96 6.06
N THR C 10 28.88 0.81 5.65
CA THR C 10 28.08 1.96 5.26
C THR C 10 26.99 2.15 6.29
N VAL C 11 26.22 3.22 6.11
CA VAL C 11 25.13 3.53 7.03
C VAL C 11 24.11 2.41 7.17
N HIS C 12 23.77 1.78 6.05
CA HIS C 12 22.77 0.73 6.06
C HIS C 12 23.33 -0.67 6.12
N GLY C 13 24.63 -0.80 6.38
CA GLY C 13 25.21 -2.13 6.46
C GLY C 13 26.56 -2.31 5.80
N LYS C 14 27.18 -3.44 6.09
CA LYS C 14 28.49 -3.74 5.53
C LYS C 14 28.36 -4.23 4.09
N VAL C 15 29.27 -3.77 3.24
CA VAL C 15 29.29 -4.14 1.85
C VAL C 15 30.60 -4.83 1.47
N LEU C 16 30.51 -5.88 0.67
CA LEU C 16 31.67 -6.65 0.23
C LEU C 16 31.93 -6.43 -1.27
N GLY C 17 33.19 -6.22 -1.63
CA GLY C 17 33.54 -6.01 -3.01
C GLY C 17 34.62 -6.96 -3.52
N LYS C 18 35.52 -6.44 -4.35
CA LYS C 18 36.61 -7.23 -4.89
C LYS C 18 37.74 -6.31 -5.33
N PHE C 19 38.96 -6.85 -5.33
CA PHE C 19 40.13 -6.10 -5.75
C PHE C 19 40.43 -6.38 -7.21
N VAL C 20 40.77 -5.35 -7.95
CA VAL C 20 41.10 -5.50 -9.35
C VAL C 20 42.35 -4.71 -9.65
N SER C 21 43.28 -5.33 -10.38
CA SER C 21 44.53 -4.69 -10.74
C SER C 21 44.59 -4.32 -12.21
N LEU C 22 45.02 -3.08 -12.46
CA LEU C 22 45.15 -2.57 -13.81
C LEU C 22 46.62 -2.68 -14.21
N GLU C 23 46.85 -3.14 -15.43
CA GLU C 23 48.21 -3.33 -15.97
C GLU C 23 49.18 -2.25 -15.54
N GLY C 24 50.22 -2.63 -14.79
CA GLY C 24 51.22 -1.66 -14.36
C GLY C 24 51.05 -1.03 -12.99
N PHE C 25 49.81 -0.94 -12.51
CA PHE C 25 49.55 -0.33 -11.21
C PHE C 25 49.63 -1.35 -10.07
N ALA C 26 50.49 -1.05 -9.11
CA ALA C 26 50.68 -1.93 -7.96
C ALA C 26 49.44 -1.79 -7.07
N GLN C 27 48.99 -0.56 -6.89
CA GLN C 27 47.82 -0.27 -6.08
C GLN C 27 46.57 -0.89 -6.70
N PRO C 28 45.97 -1.86 -6.01
CA PRO C 28 44.75 -2.50 -6.52
C PRO C 28 43.54 -1.61 -6.27
N VAL C 29 42.60 -1.63 -7.21
CA VAL C 29 41.39 -0.82 -7.10
C VAL C 29 40.22 -1.61 -6.50
N ALA C 30 39.60 -1.03 -5.48
CA ALA C 30 38.47 -1.66 -4.82
C ALA C 30 37.20 -1.34 -5.64
N ILE C 31 36.52 -2.41 -6.05
CA ILE C 31 35.32 -2.29 -6.85
C ILE C 31 34.08 -2.91 -6.21
N PHE C 32 33.02 -2.10 -6.09
CA PHE C 32 31.73 -2.50 -5.52
C PHE C 32 30.68 -2.31 -6.61
N LEU C 33 29.88 -3.35 -6.83
CA LEU C 33 28.84 -3.30 -7.86
C LEU C 33 27.48 -3.60 -7.29
N GLY C 34 26.51 -2.74 -7.59
CA GLY C 34 25.15 -2.94 -7.14
C GLY C 34 24.84 -2.50 -5.72
N ILE C 35 25.35 -1.35 -5.30
CA ILE C 35 25.05 -0.87 -3.96
C ILE C 35 23.76 -0.06 -4.05
N PRO C 36 22.71 -0.51 -3.33
CA PRO C 36 21.43 0.22 -3.36
C PRO C 36 21.52 1.56 -2.65
N PHE C 37 20.93 2.60 -3.23
CA PHE C 37 20.96 3.90 -2.58
C PHE C 37 19.53 4.37 -2.35
N ALA C 38 18.59 3.46 -2.51
CA ALA C 38 17.18 3.78 -2.31
C ALA C 38 16.34 2.51 -2.26
N LYS C 39 15.09 2.65 -1.82
CA LYS C 39 14.20 1.52 -1.76
C LYS C 39 13.69 1.24 -3.17
N PRO C 40 13.55 -0.04 -3.56
CA PRO C 40 13.07 -0.39 -4.90
C PRO C 40 11.72 0.28 -5.20
N PRO C 41 11.65 1.15 -6.23
CA PRO C 41 10.41 1.85 -6.59
C PRO C 41 9.33 0.96 -7.19
N LEU C 42 8.96 -0.08 -6.46
CA LEU C 42 7.95 -1.04 -6.90
C LEU C 42 6.58 -0.77 -6.29
N GLY C 43 5.55 -1.23 -6.99
CA GLY C 43 4.17 -1.09 -6.54
C GLY C 43 3.74 0.34 -6.31
N PRO C 44 3.25 0.67 -5.11
CA PRO C 44 2.83 2.05 -4.87
C PRO C 44 3.94 3.10 -4.97
N LEU C 45 5.20 2.66 -4.90
CA LEU C 45 6.34 3.59 -4.97
C LEU C 45 6.69 4.05 -6.39
N ARG C 46 5.92 3.59 -7.37
CA ARG C 46 6.15 3.97 -8.76
C ARG C 46 5.64 5.40 -8.91
N PHE C 47 6.27 6.20 -9.76
CA PHE C 47 5.86 7.58 -9.99
C PHE C 47 5.85 8.38 -8.67
N THR C 48 6.76 8.03 -7.76
CA THR C 48 6.88 8.76 -6.51
C THR C 48 8.37 8.98 -6.25
N PRO C 49 8.68 9.89 -5.32
CA PRO C 49 10.10 10.17 -5.01
C PRO C 49 10.76 8.93 -4.44
N PRO C 50 12.08 8.77 -4.66
CA PRO C 50 12.79 7.61 -4.13
C PRO C 50 12.87 7.70 -2.62
N GLN C 51 12.71 6.57 -1.94
CA GLN C 51 12.79 6.58 -0.50
C GLN C 51 14.08 5.91 -0.03
N PRO C 52 14.55 6.25 1.18
CA PRO C 52 15.78 5.66 1.70
C PRO C 52 15.74 4.12 1.68
N ALA C 53 16.88 3.51 1.42
CA ALA C 53 16.99 2.05 1.38
C ALA C 53 16.96 1.43 2.78
N GLU C 54 16.29 0.29 2.91
CA GLU C 54 16.19 -0.42 4.20
C GLU C 54 17.57 -1.02 4.56
N PRO C 55 17.96 -0.93 5.85
CA PRO C 55 19.24 -1.47 6.32
C PRO C 55 19.27 -3.00 6.37
N TRP C 56 20.43 -3.57 6.07
CA TRP C 56 20.61 -5.02 6.07
C TRP C 56 21.42 -5.51 7.27
N SER C 57 21.13 -6.73 7.71
CA SER C 57 21.79 -7.31 8.86
C SER C 57 23.28 -7.64 8.72
N PHE C 58 23.61 -8.68 7.99
CA PHE C 58 25.01 -9.04 7.89
C PHE C 58 25.77 -8.36 6.76
N VAL C 59 26.68 -9.10 6.14
CA VAL C 59 27.48 -8.56 5.05
C VAL C 59 26.78 -8.77 3.71
N LYS C 60 26.71 -7.71 2.91
CA LYS C 60 26.05 -7.78 1.62
C LYS C 60 27.06 -7.91 0.48
N ASN C 61 26.97 -8.98 -0.29
CA ASN C 61 27.90 -9.13 -1.42
C ASN C 61 27.56 -8.13 -2.52
N ALA C 62 28.38 -7.12 -2.70
CA ALA C 62 28.19 -6.13 -3.76
C ALA C 62 29.16 -6.52 -4.88
N THR C 63 29.02 -7.74 -5.40
CA THR C 63 29.94 -8.22 -6.41
C THR C 63 29.29 -8.69 -7.69
N SER C 64 28.22 -8.02 -8.09
CA SER C 64 27.49 -8.43 -9.28
C SER C 64 26.92 -7.18 -9.95
N TYR C 65 26.84 -7.18 -11.27
CA TYR C 65 26.29 -6.01 -11.98
C TYR C 65 24.79 -5.89 -11.74
N PRO C 66 24.34 -4.68 -11.39
CA PRO C 66 22.92 -4.46 -11.14
C PRO C 66 22.11 -4.44 -12.42
N PRO C 67 20.77 -4.49 -12.30
CA PRO C 67 19.92 -4.47 -13.49
C PRO C 67 19.90 -3.04 -13.98
N MET C 68 19.63 -2.84 -15.26
CA MET C 68 19.54 -1.49 -15.76
C MET C 68 18.04 -1.19 -15.76
N CYS C 69 17.66 0.09 -15.60
CA CYS C 69 16.25 0.44 -15.54
C CYS C 69 15.45 0.02 -16.78
N THR C 70 14.20 -0.40 -16.60
CA THR C 70 13.37 -0.85 -17.72
C THR C 70 13.42 0.14 -18.88
N GLN C 71 13.74 -0.38 -20.06
CA GLN C 71 13.86 0.44 -21.26
C GLN C 71 13.69 -0.50 -22.45
N ASP C 72 13.84 0.04 -23.65
CA ASP C 72 13.77 -0.74 -24.88
C ASP C 72 15.01 -1.60 -24.81
N PRO C 73 14.84 -2.92 -24.60
CA PRO C 73 15.99 -3.83 -24.51
C PRO C 73 16.97 -3.75 -25.69
N LYS C 74 16.44 -3.64 -26.90
CA LYS C 74 17.28 -3.56 -28.10
C LYS C 74 18.04 -2.23 -28.17
N ALA C 75 17.31 -1.12 -28.04
CA ALA C 75 17.90 0.22 -28.08
C ALA C 75 18.94 0.39 -26.98
N GLY C 76 18.62 -0.15 -25.80
CA GLY C 76 19.52 -0.06 -24.67
C GLY C 76 20.76 -0.89 -24.84
N GLN C 77 20.62 -2.03 -25.51
CA GLN C 77 21.77 -2.88 -25.74
C GLN C 77 22.69 -2.25 -26.77
N LEU C 78 22.11 -1.61 -27.78
CA LEU C 78 22.90 -0.99 -28.82
C LEU C 78 23.77 0.14 -28.27
N LEU C 79 23.14 1.07 -27.56
CA LEU C 79 23.87 2.19 -26.98
C LEU C 79 24.96 1.69 -26.03
N SER C 80 24.68 0.63 -25.28
CA SER C 80 25.67 0.09 -24.37
C SER C 80 26.92 -0.39 -25.12
N GLU C 81 26.74 -1.03 -26.27
CA GLU C 81 27.88 -1.52 -27.04
C GLU C 81 28.63 -0.41 -27.78
N LEU C 82 27.93 0.70 -28.04
CA LEU C 82 28.52 1.83 -28.75
C LEU C 82 29.24 2.84 -27.85
N PHE C 83 29.01 2.76 -26.54
CA PHE C 83 29.62 3.68 -25.59
C PHE C 83 30.53 2.97 -24.57
N THR C 84 30.37 1.67 -24.40
CA THR C 84 31.18 0.98 -23.42
C THR C 84 32.68 1.19 -23.65
N ASN C 85 33.43 1.33 -22.56
CA ASN C 85 34.87 1.53 -22.65
C ASN C 85 35.60 0.24 -22.28
N ARG C 86 34.86 -0.73 -21.74
CA ARG C 86 35.47 -1.99 -21.38
C ARG C 86 35.49 -2.87 -22.64
N LYS C 87 36.42 -3.82 -22.67
CA LYS C 87 36.59 -4.72 -23.81
C LYS C 87 35.28 -5.39 -24.22
N GLU C 88 34.90 -6.45 -23.51
CA GLU C 88 33.66 -7.15 -23.83
C GLU C 88 32.48 -6.42 -23.22
N ASN C 89 31.36 -6.38 -23.94
CA ASN C 89 30.16 -5.71 -23.42
C ASN C 89 29.37 -6.62 -22.50
N ILE C 90 29.13 -6.14 -21.28
CA ILE C 90 28.40 -6.86 -20.26
C ILE C 90 26.90 -6.92 -20.54
N PRO C 91 26.33 -8.13 -20.60
CA PRO C 91 24.90 -8.29 -20.85
C PRO C 91 24.13 -7.90 -19.60
N LEU C 92 23.22 -6.93 -19.73
CA LEU C 92 22.44 -6.48 -18.58
C LEU C 92 20.99 -6.98 -18.60
N LYS C 93 20.39 -6.89 -17.43
CA LYS C 93 19.02 -7.30 -17.22
C LYS C 93 18.16 -6.07 -16.95
N LEU C 94 16.87 -6.18 -17.20
CA LEU C 94 15.95 -5.08 -16.99
C LEU C 94 15.14 -5.32 -15.72
N SER C 95 14.80 -4.23 -15.02
CA SER C 95 13.99 -4.31 -13.82
C SER C 95 13.67 -2.92 -13.29
N GLU C 96 12.51 -2.76 -12.64
CA GLU C 96 12.16 -1.46 -12.08
C GLU C 96 13.07 -1.27 -10.85
N ASP C 97 13.63 -2.39 -10.40
CA ASP C 97 14.53 -2.41 -9.26
C ASP C 97 15.92 -2.12 -9.84
N CYS C 98 16.19 -0.85 -10.08
CA CYS C 98 17.44 -0.43 -10.69
C CYS C 98 18.11 0.75 -10.01
N LEU C 99 17.70 1.08 -8.79
CA LEU C 99 18.30 2.22 -8.10
C LEU C 99 19.59 1.86 -7.38
N TYR C 100 20.61 1.51 -8.17
CA TYR C 100 21.91 1.14 -7.64
C TYR C 100 22.98 2.05 -8.24
N LEU C 101 24.18 1.96 -7.67
CA LEU C 101 25.33 2.72 -8.12
C LEU C 101 26.58 1.85 -7.97
N ASN C 102 27.56 2.08 -8.82
CA ASN C 102 28.80 1.32 -8.76
C ASN C 102 29.93 2.22 -8.29
N ILE C 103 30.81 1.71 -7.43
CA ILE C 103 31.92 2.50 -6.92
C ILE C 103 33.29 1.93 -7.32
N TYR C 104 34.19 2.84 -7.69
CA TYR C 104 35.56 2.50 -8.06
C TYR C 104 36.51 3.42 -7.30
N THR C 105 37.23 2.85 -6.33
CA THR C 105 38.15 3.61 -5.48
C THR C 105 39.58 3.05 -5.45
N PRO C 106 40.58 3.90 -5.75
CA PRO C 106 41.99 3.48 -5.73
C PRO C 106 42.58 3.75 -4.33
N ALA C 107 41.76 4.26 -3.43
CA ALA C 107 42.19 4.57 -2.07
C ALA C 107 42.52 3.33 -1.27
N ASP C 108 43.46 3.47 -0.33
CA ASP C 108 43.86 2.35 0.51
C ASP C 108 42.91 2.31 1.69
N LEU C 109 41.86 1.51 1.54
CA LEU C 109 40.82 1.37 2.54
C LEU C 109 41.34 1.14 3.94
N THR C 110 42.50 0.53 4.07
CA THR C 110 43.07 0.27 5.38
C THR C 110 43.45 1.56 6.11
N LYS C 111 43.41 2.68 5.38
CA LYS C 111 43.75 3.96 5.98
C LYS C 111 42.76 5.03 5.55
N LYS C 112 42.62 6.08 6.36
CA LYS C 112 41.70 7.17 6.05
C LYS C 112 42.17 7.91 4.80
N ASN C 113 41.26 8.09 3.86
CA ASN C 113 41.56 8.76 2.60
C ASN C 113 40.42 9.69 2.21
N ARG C 114 40.77 10.87 1.69
CA ARG C 114 39.77 11.84 1.25
C ARG C 114 40.03 12.20 -0.22
N LEU C 115 39.99 11.21 -1.10
CA LEU C 115 40.24 11.45 -2.52
C LEU C 115 39.06 12.13 -3.20
N PRO C 116 39.33 12.91 -4.25
CA PRO C 116 38.18 13.57 -4.89
C PRO C 116 37.20 12.54 -5.45
N VAL C 117 35.91 12.85 -5.39
CA VAL C 117 34.86 11.95 -5.89
C VAL C 117 34.24 12.45 -7.19
N MET C 118 34.22 11.57 -8.20
CA MET C 118 33.62 11.92 -9.49
C MET C 118 32.41 11.01 -9.70
N VAL C 119 31.22 11.62 -9.74
CA VAL C 119 29.98 10.88 -9.91
C VAL C 119 29.52 11.01 -11.35
N TRP C 120 29.41 9.87 -12.02
CA TRP C 120 29.02 9.83 -13.41
C TRP C 120 27.53 9.59 -13.67
N ILE C 121 26.97 10.41 -14.55
CA ILE C 121 25.57 10.29 -14.92
C ILE C 121 25.48 9.93 -16.41
N HIS C 122 25.09 8.70 -16.70
CA HIS C 122 24.98 8.23 -18.07
C HIS C 122 23.89 8.94 -18.85
N GLY C 123 23.99 8.88 -20.18
CA GLY C 123 22.99 9.50 -21.03
C GLY C 123 22.17 8.45 -21.77
N GLY C 124 21.31 8.91 -22.68
CA GLY C 124 20.45 8.04 -23.45
C GLY C 124 19.06 8.65 -23.63
N GLY C 125 18.99 9.97 -23.75
CA GLY C 125 17.72 10.66 -23.94
C GLY C 125 16.68 10.48 -22.85
N LEU C 126 17.14 10.03 -21.68
CA LEU C 126 16.30 9.77 -20.51
C LEU C 126 15.39 8.57 -20.73
N MET C 127 15.64 7.85 -21.83
CA MET C 127 14.86 6.67 -22.20
C MET C 127 15.60 5.34 -22.07
N VAL C 128 16.91 5.36 -22.29
CA VAL C 128 17.73 4.17 -22.19
C VAL C 128 19.07 4.53 -21.56
N GLY C 129 19.87 3.51 -21.21
CA GLY C 129 21.17 3.74 -20.61
C GLY C 129 21.37 2.90 -19.35
N ALA C 130 22.56 2.95 -18.78
CA ALA C 130 22.89 2.20 -17.57
C ALA C 130 24.26 2.62 -17.09
N ALA C 131 24.56 2.37 -15.82
CA ALA C 131 25.85 2.74 -15.27
C ALA C 131 26.92 1.68 -15.53
N SER C 132 26.55 0.41 -15.53
CA SER C 132 27.52 -0.67 -15.76
C SER C 132 28.26 -0.52 -17.09
N THR C 133 27.65 0.20 -18.02
CA THR C 133 28.25 0.46 -19.33
C THR C 133 29.64 1.13 -19.17
N TYR C 134 29.78 2.02 -18.21
CA TYR C 134 31.03 2.72 -17.98
C TYR C 134 31.90 2.17 -16.85
N ASP C 135 33.07 1.62 -17.20
CA ASP C 135 33.99 1.05 -16.21
C ASP C 135 34.93 2.15 -15.69
N GLY C 136 34.93 2.36 -14.37
CA GLY C 136 35.76 3.40 -13.78
C GLY C 136 37.17 3.00 -13.36
N LEU C 137 37.55 1.78 -13.69
CA LEU C 137 38.86 1.27 -13.34
C LEU C 137 40.01 2.16 -13.81
N ALA C 138 40.08 2.41 -15.11
CA ALA C 138 41.16 3.21 -15.67
C ALA C 138 41.29 4.62 -15.07
N LEU C 139 40.21 5.39 -15.05
CA LEU C 139 40.25 6.74 -14.51
C LEU C 139 40.63 6.77 -13.04
N ALA C 140 40.01 5.89 -12.26
CA ALA C 140 40.27 5.84 -10.83
C ALA C 140 41.74 5.57 -10.55
N ALA C 141 42.32 4.66 -11.32
CA ALA C 141 43.70 4.31 -11.12
C ALA C 141 44.69 5.34 -11.66
N HIS C 142 44.44 5.85 -12.86
CA HIS C 142 45.33 6.82 -13.49
C HIS C 142 45.40 8.21 -12.82
N GLU C 143 44.28 8.72 -12.34
CA GLU C 143 44.27 10.04 -11.72
C GLU C 143 43.99 9.97 -10.21
N ASN C 144 43.89 8.75 -9.70
CA ASN C 144 43.65 8.49 -8.29
C ASN C 144 42.46 9.27 -7.74
N VAL C 145 41.27 8.89 -8.18
CA VAL C 145 40.03 9.54 -7.76
C VAL C 145 38.97 8.44 -7.67
N VAL C 146 38.05 8.59 -6.73
CA VAL C 146 36.99 7.61 -6.57
C VAL C 146 35.95 7.87 -7.67
N VAL C 147 35.65 6.82 -8.44
CA VAL C 147 34.66 6.95 -9.51
C VAL C 147 33.36 6.28 -9.09
N VAL C 148 32.27 7.02 -9.22
CA VAL C 148 30.95 6.51 -8.86
C VAL C 148 29.99 6.60 -10.04
N THR C 149 29.49 5.46 -10.54
CA THR C 149 28.53 5.51 -11.64
C THR C 149 27.14 5.28 -11.03
N ILE C 150 26.20 6.19 -11.30
CA ILE C 150 24.85 6.03 -10.73
C ILE C 150 23.74 5.74 -11.75
N GLN C 151 22.63 5.20 -11.29
CA GLN C 151 21.52 4.95 -12.20
C GLN C 151 20.29 5.74 -11.77
N TYR C 152 19.32 5.87 -12.66
CA TYR C 152 18.09 6.59 -12.36
C TYR C 152 16.94 6.14 -13.25
N ARG C 153 15.72 6.21 -12.72
CA ARG C 153 14.55 5.77 -13.48
C ARG C 153 14.40 6.50 -14.80
N LEU C 154 14.18 5.73 -15.86
CA LEU C 154 14.03 6.23 -17.24
C LEU C 154 12.62 6.14 -17.81
N GLY C 155 12.42 6.84 -18.92
CA GLY C 155 11.15 6.84 -19.60
C GLY C 155 9.95 7.10 -18.70
N ILE C 156 8.89 6.34 -18.92
CA ILE C 156 7.65 6.47 -18.15
C ILE C 156 7.87 6.38 -16.65
N TRP C 157 8.69 5.41 -16.24
CA TRP C 157 8.98 5.19 -14.83
C TRP C 157 9.63 6.39 -14.15
N GLY C 158 10.56 7.05 -14.85
CA GLY C 158 11.26 8.18 -14.26
C GLY C 158 10.81 9.57 -14.62
N PHE C 159 9.98 9.72 -15.64
CA PHE C 159 9.54 11.06 -16.03
C PHE C 159 8.06 11.28 -16.34
N PHE C 160 7.21 10.31 -16.01
CA PHE C 160 5.78 10.48 -16.24
C PHE C 160 5.24 11.58 -15.34
N SER C 161 4.61 12.58 -15.95
CA SER C 161 4.07 13.72 -15.23
C SER C 161 2.65 14.12 -15.69
N THR C 162 1.74 14.30 -14.73
CA THR C 162 0.35 14.70 -15.03
C THR C 162 0.20 16.22 -14.90
N GLY C 163 1.30 16.90 -14.64
CA GLY C 163 1.25 18.34 -14.50
C GLY C 163 0.78 18.82 -13.14
N ASP C 164 0.40 17.91 -12.25
CA ASP C 164 -0.07 18.35 -10.94
C ASP C 164 0.51 17.53 -9.78
N GLU C 165 -0.02 17.74 -8.58
CA GLU C 165 0.47 17.05 -7.38
C GLU C 165 0.25 15.53 -7.39
N HIS C 166 -0.58 15.04 -8.29
CA HIS C 166 -0.86 13.60 -8.37
C HIS C 166 0.33 12.82 -8.97
N SER C 167 1.20 13.54 -9.69
CA SER C 167 2.40 12.96 -10.32
C SER C 167 3.21 14.12 -10.94
N ARG C 168 3.87 14.88 -10.07
CA ARG C 168 4.68 16.00 -10.51
C ARG C 168 5.68 15.63 -11.60
N GLY C 169 6.40 14.53 -11.40
CA GLY C 169 7.37 14.13 -12.39
C GLY C 169 8.81 14.25 -11.93
N ASN C 170 9.72 14.28 -12.90
CA ASN C 170 11.16 14.36 -12.65
C ASN C 170 11.65 13.32 -11.61
N TRP C 171 10.95 12.19 -11.54
CA TRP C 171 11.31 11.10 -10.62
C TRP C 171 12.78 10.75 -10.85
N GLY C 172 13.15 10.69 -12.13
CA GLY C 172 14.50 10.37 -12.54
C GLY C 172 15.58 11.27 -11.99
N HIS C 173 15.31 12.57 -11.94
CA HIS C 173 16.28 13.52 -11.40
C HIS C 173 16.36 13.41 -9.88
N LEU C 174 15.24 13.10 -9.24
CA LEU C 174 15.21 12.95 -7.79
C LEU C 174 16.08 11.78 -7.37
N ASP C 175 16.17 10.79 -8.26
CA ASP C 175 17.00 9.62 -8.03
C ASP C 175 18.47 10.09 -8.06
N GLN C 176 18.80 10.93 -9.04
CA GLN C 176 20.14 11.45 -9.19
C GLN C 176 20.48 12.21 -7.91
N VAL C 177 19.50 12.89 -7.34
CA VAL C 177 19.73 13.61 -6.09
C VAL C 177 19.95 12.63 -4.95
N ALA C 178 19.11 11.60 -4.86
CA ALA C 178 19.20 10.60 -3.80
C ALA C 178 20.57 9.94 -3.77
N ALA C 179 21.03 9.49 -4.93
CA ALA C 179 22.32 8.85 -5.02
C ALA C 179 23.40 9.84 -4.59
N LEU C 180 23.17 11.14 -4.82
CA LEU C 180 24.16 12.14 -4.40
C LEU C 180 24.15 12.33 -2.90
N ARG C 181 22.98 12.24 -2.28
CA ARG C 181 22.97 12.38 -0.84
C ARG C 181 23.65 11.12 -0.29
N TRP C 182 23.41 9.98 -0.91
CA TRP C 182 24.03 8.75 -0.43
C TRP C 182 25.55 8.90 -0.39
N VAL C 183 26.09 9.55 -1.42
CA VAL C 183 27.53 9.80 -1.55
C VAL C 183 28.04 10.66 -0.41
N GLN C 184 27.32 11.72 -0.12
CA GLN C 184 27.70 12.62 0.96
C GLN C 184 27.65 11.91 2.31
N ASP C 185 26.94 10.80 2.38
CA ASP C 185 26.79 10.08 3.62
C ASP C 185 27.65 8.85 3.76
N ASN C 186 28.25 8.39 2.67
CA ASN C 186 29.04 7.17 2.74
C ASN C 186 30.39 7.20 2.07
N ILE C 187 30.59 8.09 1.11
CA ILE C 187 31.83 8.09 0.36
C ILE C 187 33.11 7.99 1.20
N ALA C 188 33.13 8.68 2.35
CA ALA C 188 34.28 8.66 3.23
C ALA C 188 34.71 7.23 3.55
N SER C 189 33.76 6.32 3.71
CA SER C 189 34.09 4.92 4.00
C SER C 189 34.72 4.26 2.79
N PHE C 190 34.80 4.97 1.67
CA PHE C 190 35.45 4.39 0.52
C PHE C 190 36.70 5.15 0.15
N GLY C 191 37.14 6.01 1.07
CA GLY C 191 38.35 6.78 0.86
C GLY C 191 38.15 8.02 0.03
N GLY C 192 36.89 8.43 -0.10
CA GLY C 192 36.56 9.61 -0.87
C GLY C 192 36.21 10.78 0.02
N ASN C 193 36.45 11.99 -0.49
CA ASN C 193 36.16 13.19 0.26
C ASN C 193 34.80 13.80 -0.09
N PRO C 194 33.82 13.66 0.81
CA PRO C 194 32.51 14.24 0.50
C PRO C 194 32.53 15.73 0.28
N GLY C 195 33.49 16.41 0.90
CA GLY C 195 33.58 17.84 0.74
C GLY C 195 34.08 18.24 -0.65
N SER C 196 34.33 17.24 -1.48
CA SER C 196 34.80 17.49 -2.84
C SER C 196 34.25 16.46 -3.81
N VAL C 197 33.01 16.68 -4.24
CA VAL C 197 32.38 15.77 -5.16
C VAL C 197 32.14 16.48 -6.49
N THR C 198 32.51 15.82 -7.57
CA THR C 198 32.32 16.41 -8.88
C THR C 198 31.33 15.56 -9.66
N ILE C 199 30.30 16.20 -10.20
CA ILE C 199 29.33 15.49 -11.00
C ILE C 199 29.62 15.75 -12.46
N PHE C 200 29.48 14.71 -13.28
CA PHE C 200 29.71 14.86 -14.72
C PHE C 200 28.94 13.81 -15.48
N GLY C 201 28.38 14.22 -16.62
CA GLY C 201 27.62 13.29 -17.44
C GLY C 201 27.65 13.68 -18.90
N GLU C 202 27.20 12.78 -19.78
CA GLU C 202 27.21 13.05 -21.21
C GLU C 202 25.78 12.98 -21.78
N SER C 203 25.47 13.85 -22.74
CA SER C 203 24.14 13.86 -23.37
C SER C 203 23.04 14.11 -22.32
N ALA C 204 22.16 13.13 -22.11
CA ALA C 204 21.10 13.30 -21.11
C ALA C 204 21.76 13.41 -19.73
N GLY C 205 22.94 12.82 -19.60
CA GLY C 205 23.68 12.89 -18.35
C GLY C 205 24.22 14.29 -18.19
N GLY C 206 24.44 14.93 -19.34
CA GLY C 206 24.94 16.29 -19.39
C GLY C 206 23.82 17.25 -19.03
N GLU C 207 22.66 17.08 -19.65
CA GLU C 207 21.53 17.93 -19.33
C GLU C 207 21.14 17.76 -17.86
N SER C 208 21.37 16.58 -17.30
CA SER C 208 21.01 16.39 -15.89
C SER C 208 21.89 17.25 -14.99
N VAL C 209 23.20 17.25 -15.27
CA VAL C 209 24.17 18.03 -14.51
C VAL C 209 23.73 19.49 -14.59
N SER C 210 23.39 19.91 -15.80
CA SER C 210 22.94 21.26 -16.03
C SER C 210 21.71 21.58 -15.17
N VAL C 211 20.83 20.60 -15.00
CA VAL C 211 19.62 20.76 -14.19
C VAL C 211 19.94 20.84 -12.69
N LEU C 212 20.82 19.96 -12.23
CA LEU C 212 21.21 19.97 -10.83
C LEU C 212 21.93 21.26 -10.48
N VAL C 213 22.69 21.79 -11.43
CA VAL C 213 23.43 23.03 -11.20
C VAL C 213 22.46 24.17 -10.95
N LEU C 214 21.26 24.05 -11.50
CA LEU C 214 20.20 25.05 -11.40
C LEU C 214 19.14 24.73 -10.34
N SER C 215 19.21 23.55 -9.72
CA SER C 215 18.23 23.14 -8.73
C SER C 215 18.58 23.48 -7.28
N PRO C 216 17.62 24.07 -6.55
CA PRO C 216 17.83 24.45 -5.14
C PRO C 216 17.99 23.22 -4.26
N LEU C 217 17.51 22.07 -4.75
CA LEU C 217 17.62 20.85 -3.98
C LEU C 217 19.00 20.23 -4.05
N ALA C 218 19.66 20.39 -5.20
CA ALA C 218 20.96 19.80 -5.39
C ALA C 218 22.08 20.53 -4.67
N LYS C 219 21.84 21.81 -4.37
CA LYS C 219 22.83 22.65 -3.68
C LYS C 219 23.48 21.91 -2.51
N ASN C 220 24.81 21.96 -2.44
CA ASN C 220 25.57 21.31 -1.37
C ASN C 220 25.77 19.81 -1.50
N LEU C 221 25.47 19.27 -2.67
CA LEU C 221 25.62 17.83 -2.90
C LEU C 221 26.79 17.56 -3.85
N PHE C 222 27.31 18.64 -4.43
CA PHE C 222 28.46 18.60 -5.34
C PHE C 222 29.19 19.94 -5.35
N HIS C 223 30.47 19.94 -5.69
CA HIS C 223 31.25 21.18 -5.71
C HIS C 223 31.86 21.53 -7.06
N ARG C 224 31.68 20.64 -8.04
CA ARG C 224 32.20 20.85 -9.37
C ARG C 224 31.32 20.12 -10.37
N ALA C 225 31.06 20.79 -11.49
CA ALA C 225 30.19 20.25 -12.50
C ALA C 225 30.83 20.22 -13.89
N ILE C 226 30.50 19.18 -14.65
CA ILE C 226 30.99 18.99 -16.00
C ILE C 226 29.86 18.47 -16.88
N SER C 227 29.47 19.25 -17.89
CA SER C 227 28.41 18.83 -18.83
C SER C 227 29.03 18.55 -20.19
N GLU C 228 29.02 17.27 -20.56
CA GLU C 228 29.55 16.79 -21.82
C GLU C 228 28.45 16.59 -22.88
N SER C 229 28.35 17.50 -23.84
CA SER C 229 27.35 17.36 -24.91
C SER C 229 25.90 17.32 -24.41
N GLY C 230 25.45 18.38 -23.75
CA GLY C 230 24.09 18.40 -23.26
C GLY C 230 23.90 19.30 -22.07
N VAL C 231 22.98 20.24 -22.18
CA VAL C 231 22.71 21.16 -21.09
C VAL C 231 21.20 21.38 -20.96
N ALA C 232 20.82 22.20 -19.98
CA ALA C 232 19.43 22.49 -19.68
C ALA C 232 18.70 23.20 -20.81
N LEU C 233 19.46 23.80 -21.71
CA LEU C 233 18.87 24.52 -22.84
C LEU C 233 18.66 23.63 -24.08
N THR C 234 18.95 22.35 -23.94
CA THR C 234 18.75 21.39 -25.02
C THR C 234 17.25 21.04 -24.94
N SER C 235 16.44 21.91 -25.53
CA SER C 235 14.99 21.80 -25.55
C SER C 235 14.35 20.43 -25.69
N VAL C 236 14.94 19.57 -26.50
CA VAL C 236 14.38 18.25 -26.70
C VAL C 236 14.10 17.54 -25.39
N LEU C 237 14.95 17.79 -24.39
CA LEU C 237 14.85 17.16 -23.09
C LEU C 237 14.02 17.88 -22.03
N VAL C 238 13.53 19.08 -22.34
CA VAL C 238 12.73 19.83 -21.38
C VAL C 238 11.33 20.12 -21.90
N LYS C 239 10.31 19.74 -21.15
CA LYS C 239 8.94 19.97 -21.58
C LYS C 239 8.39 21.26 -21.02
N LYS C 240 7.78 22.07 -21.87
CA LYS C 240 7.24 23.32 -21.40
C LYS C 240 5.77 23.40 -21.81
N GLY C 241 4.99 24.12 -21.03
CA GLY C 241 3.58 24.24 -21.36
C GLY C 241 2.82 23.19 -20.58
N ASP C 242 1.61 22.88 -21.05
CA ASP C 242 0.79 21.89 -20.37
C ASP C 242 1.22 20.49 -20.79
N VAL C 243 1.69 19.71 -19.82
CA VAL C 243 2.15 18.34 -20.10
C VAL C 243 1.01 17.33 -20.08
N LYS C 244 -0.14 17.79 -19.61
CA LYS C 244 -1.34 16.97 -19.49
C LYS C 244 -1.65 16.13 -20.76
N PRO C 245 -1.47 16.71 -21.96
CA PRO C 245 -1.74 15.97 -23.21
C PRO C 245 -0.87 14.71 -23.34
N LEU C 246 0.43 14.83 -23.10
CA LEU C 246 1.34 13.68 -23.21
C LEU C 246 0.91 12.60 -22.23
N ALA C 247 0.55 13.00 -21.01
CA ALA C 247 0.12 12.05 -19.99
C ALA C 247 -1.09 11.27 -20.50
N GLU C 248 -2.10 12.00 -20.97
CA GLU C 248 -3.31 11.38 -21.47
C GLU C 248 -3.04 10.46 -22.66
N GLN C 249 -2.10 10.83 -23.51
CA GLN C 249 -1.77 10.01 -24.66
C GLN C 249 -1.16 8.70 -24.17
N ILE C 250 -0.33 8.79 -23.14
CA ILE C 250 0.32 7.61 -22.59
C ILE C 250 -0.69 6.71 -21.89
N ALA C 251 -1.56 7.31 -21.08
CA ALA C 251 -2.57 6.56 -20.38
C ALA C 251 -3.41 5.77 -21.37
N ILE C 252 -3.80 6.42 -22.47
CA ILE C 252 -4.61 5.75 -23.47
C ILE C 252 -3.85 4.61 -24.11
N THR C 253 -2.62 4.86 -24.52
CA THR C 253 -1.84 3.82 -25.15
C THR C 253 -1.69 2.64 -24.21
N ALA C 254 -1.72 2.88 -22.91
CA ALA C 254 -1.59 1.81 -21.94
C ALA C 254 -2.96 1.22 -21.66
N GLY C 255 -4.01 1.82 -22.24
CA GLY C 255 -5.36 1.32 -22.04
C GLY C 255 -5.98 1.75 -20.73
N CYS C 256 -5.68 2.98 -20.33
CA CYS C 256 -6.18 3.56 -19.09
C CYS C 256 -7.16 4.70 -19.38
N LYS C 257 -8.12 4.92 -18.47
CA LYS C 257 -9.07 6.02 -18.63
C LYS C 257 -8.33 7.30 -18.28
N THR C 258 -8.91 8.44 -18.64
CA THR C 258 -8.28 9.73 -18.34
C THR C 258 -9.29 10.67 -17.69
N THR C 259 -10.13 10.15 -16.81
CA THR C 259 -11.16 10.99 -16.20
C THR C 259 -10.56 12.12 -15.35
N THR C 260 -9.45 11.84 -14.67
CA THR C 260 -8.76 12.83 -13.85
C THR C 260 -7.29 12.40 -13.76
N SER C 261 -6.46 13.25 -13.18
CA SER C 261 -5.05 12.92 -13.04
C SER C 261 -4.88 11.69 -12.14
N ALA C 262 -5.47 11.75 -10.94
CA ALA C 262 -5.38 10.64 -9.99
C ALA C 262 -5.81 9.34 -10.62
N VAL C 263 -6.85 9.39 -11.44
CA VAL C 263 -7.33 8.18 -12.11
C VAL C 263 -6.24 7.59 -12.98
N MET C 264 -5.59 8.43 -13.77
CA MET C 264 -4.52 8.01 -14.66
C MET C 264 -3.37 7.35 -13.89
N VAL C 265 -2.83 8.08 -12.93
CA VAL C 265 -1.71 7.58 -12.11
C VAL C 265 -2.06 6.26 -11.43
N HIS C 266 -3.26 6.16 -10.88
CA HIS C 266 -3.67 4.93 -10.22
C HIS C 266 -3.67 3.77 -11.20
N CYS C 267 -4.31 3.98 -12.35
CA CYS C 267 -4.38 2.97 -13.36
C CYS C 267 -2.99 2.53 -13.78
N LEU C 268 -2.15 3.47 -14.18
CA LEU C 268 -0.78 3.13 -14.58
C LEU C 268 0.00 2.40 -13.50
N ARG C 269 -0.27 2.70 -12.22
CA ARG C 269 0.42 2.02 -11.11
C ARG C 269 -0.03 0.57 -10.96
N GLN C 270 -1.13 0.22 -11.62
CA GLN C 270 -1.64 -1.13 -11.55
C GLN C 270 -1.08 -1.95 -12.70
N LYS C 271 -0.44 -1.31 -13.67
CA LYS C 271 0.08 -2.07 -14.80
C LYS C 271 1.38 -2.79 -14.47
N THR C 272 1.66 -3.88 -15.17
CA THR C 272 2.89 -4.61 -14.93
C THR C 272 4.04 -3.87 -15.59
N GLU C 273 5.26 -4.23 -15.21
CA GLU C 273 6.45 -3.64 -15.80
C GLU C 273 6.38 -3.83 -17.31
N GLU C 274 6.11 -5.07 -17.74
CA GLU C 274 6.06 -5.38 -19.17
C GLU C 274 4.97 -4.64 -19.91
N GLU C 275 3.85 -4.40 -19.26
CA GLU C 275 2.77 -3.67 -19.90
C GLU C 275 3.24 -2.24 -20.20
N LEU C 276 3.98 -1.64 -19.26
CA LEU C 276 4.48 -0.28 -19.48
C LEU C 276 5.62 -0.30 -20.50
N LEU C 277 6.34 -1.42 -20.59
CA LEU C 277 7.41 -1.52 -21.55
C LEU C 277 6.82 -1.73 -22.96
N GLU C 278 5.64 -2.32 -23.03
CA GLU C 278 4.99 -2.53 -24.32
C GLU C 278 4.42 -1.19 -24.77
N THR C 279 3.93 -0.45 -23.80
CA THR C 279 3.38 0.86 -24.09
C THR C 279 4.51 1.71 -24.65
N THR C 280 5.69 1.51 -24.09
CA THR C 280 6.88 2.24 -24.51
C THR C 280 7.20 1.98 -25.97
N LEU C 281 7.23 0.69 -26.33
CA LEU C 281 7.52 0.29 -27.69
C LEU C 281 6.43 0.81 -28.63
N LYS C 282 5.18 0.73 -28.19
CA LYS C 282 4.09 1.24 -29.01
C LYS C 282 4.32 2.71 -29.34
N MET C 283 4.78 3.46 -28.34
CA MET C 283 5.04 4.89 -28.47
C MET C 283 6.13 5.21 -29.48
N LYS C 284 7.10 4.30 -29.65
CA LYS C 284 8.19 4.51 -30.60
C LYS C 284 8.84 5.87 -30.35
N PHE C 285 9.48 6.00 -29.19
CA PHE C 285 10.10 7.26 -28.81
C PHE C 285 11.27 7.81 -29.63
N LEU C 286 12.48 7.35 -29.33
CA LEU C 286 13.68 7.85 -30.01
C LEU C 286 13.88 7.46 -31.48
N SER C 287 12.97 7.92 -32.31
CA SER C 287 13.01 7.67 -33.74
C SER C 287 12.16 8.76 -34.38
N LEU C 288 12.70 9.39 -35.42
CA LEU C 288 12.02 10.48 -36.10
C LEU C 288 10.77 10.08 -36.88
N ASP C 289 9.64 10.71 -36.51
CA ASP C 289 8.37 10.47 -37.17
C ASP C 289 8.35 11.31 -38.44
N LEU C 290 8.18 10.64 -39.57
CA LEU C 290 8.18 11.29 -40.87
C LEU C 290 6.78 11.54 -41.43
N GLN C 291 5.76 11.06 -40.73
CA GLN C 291 4.39 11.23 -41.20
C GLN C 291 3.44 11.71 -40.09
N GLY C 292 2.82 12.86 -40.34
CA GLY C 292 1.90 13.41 -39.37
C GLY C 292 2.10 14.90 -39.21
N ASP C 293 2.34 15.33 -37.97
CA ASP C 293 2.56 16.73 -37.68
C ASP C 293 3.75 16.83 -36.74
N PRO C 294 4.86 17.40 -37.23
CA PRO C 294 6.09 17.58 -36.45
C PRO C 294 5.86 18.25 -35.09
N ARG C 295 4.88 19.14 -35.02
CA ARG C 295 4.58 19.87 -33.79
C ARG C 295 3.92 18.99 -32.74
N GLU C 296 3.44 17.82 -33.15
CA GLU C 296 2.77 16.89 -32.25
C GLU C 296 3.65 15.68 -31.94
N SER C 297 4.67 15.45 -32.76
CA SER C 297 5.57 14.33 -32.56
C SER C 297 6.12 14.30 -31.14
N GLN C 298 6.10 13.13 -30.53
CA GLN C 298 6.60 12.95 -29.18
C GLN C 298 7.96 12.26 -29.20
N PRO C 299 9.05 13.03 -29.10
CA PRO C 299 10.40 12.48 -29.11
C PRO C 299 10.70 11.64 -27.87
N LEU C 300 10.22 12.11 -26.72
CA LEU C 300 10.43 11.41 -25.45
C LEU C 300 9.75 12.11 -24.27
N LEU C 301 9.96 11.56 -23.09
CA LEU C 301 9.41 12.10 -21.84
C LEU C 301 10.64 12.68 -21.16
N GLY C 302 10.77 13.99 -21.15
CA GLY C 302 11.93 14.57 -20.51
C GLY C 302 11.61 15.25 -19.19
N THR C 303 12.43 16.24 -18.89
CA THR C 303 12.37 17.07 -17.69
C THR C 303 11.21 18.06 -17.73
N VAL C 304 10.57 18.29 -16.58
CA VAL C 304 9.47 19.25 -16.49
C VAL C 304 9.76 20.17 -15.31
N ILE C 305 8.87 21.12 -15.07
CA ILE C 305 9.01 22.05 -13.96
C ILE C 305 8.05 21.54 -12.89
N ASP C 306 8.49 20.61 -12.07
CA ASP C 306 7.65 20.02 -11.03
C ASP C 306 7.25 20.99 -9.93
N GLY C 307 8.20 21.82 -9.51
CA GLY C 307 7.92 22.75 -8.43
C GLY C 307 8.64 22.33 -7.16
N MET C 308 9.44 21.27 -7.28
CA MET C 308 10.22 20.74 -6.18
C MET C 308 11.69 20.83 -6.55
N LEU C 309 12.02 20.23 -7.70
CA LEU C 309 13.38 20.23 -8.25
C LEU C 309 13.58 21.53 -9.03
N LEU C 310 12.61 21.88 -9.87
CA LEU C 310 12.70 23.11 -10.67
C LEU C 310 11.48 24.00 -10.46
N LEU C 311 11.72 25.19 -9.91
CA LEU C 311 10.66 26.16 -9.65
C LEU C 311 10.24 26.91 -10.91
N LYS C 312 11.11 26.91 -11.92
CA LYS C 312 10.78 27.54 -13.18
C LYS C 312 11.70 27.06 -14.28
N THR C 313 11.40 27.45 -15.51
CA THR C 313 12.19 27.03 -16.64
C THR C 313 13.65 27.42 -16.50
N PRO C 314 14.54 26.64 -17.11
CA PRO C 314 15.98 26.94 -17.04
C PRO C 314 16.29 28.37 -17.53
N GLU C 315 15.59 28.81 -18.57
CA GLU C 315 15.80 30.14 -19.13
C GLU C 315 15.66 31.21 -18.06
N GLU C 316 14.62 31.08 -17.24
CA GLU C 316 14.37 32.06 -16.19
C GLU C 316 15.35 31.88 -15.04
N LEU C 317 15.65 30.63 -14.71
CA LEU C 317 16.58 30.31 -13.63
C LEU C 317 17.96 30.93 -13.78
N GLN C 318 18.61 30.67 -14.91
CA GLN C 318 19.96 31.19 -15.14
C GLN C 318 20.02 32.70 -15.13
N ALA C 319 18.86 33.33 -15.13
CA ALA C 319 18.80 34.79 -15.12
C ALA C 319 19.31 35.32 -13.77
N GLU C 320 18.73 34.84 -12.67
CA GLU C 320 19.11 35.26 -11.34
C GLU C 320 20.60 35.10 -11.01
N ARG C 321 21.10 35.97 -10.14
CA ARG C 321 22.50 35.94 -9.70
C ARG C 321 22.51 35.44 -8.26
N ASN C 322 21.41 35.66 -7.55
CA ASN C 322 21.26 35.23 -6.16
C ASN C 322 21.11 33.72 -6.12
N PHE C 323 22.23 33.02 -6.25
CA PHE C 323 22.23 31.57 -6.24
C PHE C 323 23.65 31.04 -6.07
N HIS C 324 23.77 29.88 -5.44
CA HIS C 324 25.06 29.25 -5.20
C HIS C 324 25.68 28.80 -6.52
N THR C 325 26.94 29.17 -6.72
CA THR C 325 27.65 28.84 -7.95
C THR C 325 28.94 28.05 -7.71
N VAL C 326 29.25 27.15 -8.64
CA VAL C 326 30.45 26.33 -8.52
C VAL C 326 31.15 26.22 -9.87
N PRO C 327 32.40 25.72 -9.89
CA PRO C 327 33.14 25.57 -11.14
C PRO C 327 32.34 24.67 -12.07
N TYR C 328 32.13 25.14 -13.29
CA TYR C 328 31.35 24.40 -14.27
C TYR C 328 32.13 24.31 -15.59
N MET C 329 32.18 23.10 -16.17
CA MET C 329 32.86 22.91 -17.45
C MET C 329 31.86 22.40 -18.46
N VAL C 330 31.60 23.19 -19.49
CA VAL C 330 30.64 22.85 -20.52
C VAL C 330 31.37 22.55 -21.83
N GLY C 331 31.24 21.35 -22.36
CA GLY C 331 31.92 21.03 -23.61
C GLY C 331 31.03 20.44 -24.68
N ILE C 332 31.47 20.49 -25.95
CA ILE C 332 30.69 19.93 -27.05
C ILE C 332 31.64 19.26 -28.04
N ASN C 333 31.10 18.40 -28.91
CA ASN C 333 31.94 17.75 -29.91
C ASN C 333 31.80 18.45 -31.25
N LYS C 334 32.82 18.27 -32.10
CA LYS C 334 32.86 18.89 -33.41
C LYS C 334 31.59 18.65 -34.24
N GLN C 335 31.19 17.39 -34.35
CA GLN C 335 30.01 17.01 -35.11
C GLN C 335 29.00 16.25 -34.24
N GLU C 336 28.21 16.96 -33.44
CA GLU C 336 27.24 16.31 -32.55
C GLU C 336 26.18 15.49 -33.27
N PHE C 337 25.79 15.92 -34.45
CA PHE C 337 24.79 15.19 -35.20
C PHE C 337 25.46 14.45 -36.37
N GLY C 338 26.73 14.10 -36.16
CA GLY C 338 27.49 13.40 -37.18
C GLY C 338 26.92 12.08 -37.67
N TRP C 339 26.97 11.06 -36.84
CA TRP C 339 26.47 9.76 -37.24
C TRP C 339 25.54 9.13 -36.20
N LEU C 340 26.04 9.00 -34.98
CA LEU C 340 25.32 8.38 -33.87
C LEU C 340 23.83 8.67 -33.77
N ILE C 341 23.47 9.89 -33.39
CA ILE C 341 22.07 10.23 -33.23
C ILE C 341 21.21 9.97 -34.47
N PRO C 342 21.64 10.47 -35.65
CA PRO C 342 20.87 10.26 -36.88
C PRO C 342 20.66 8.77 -37.14
N MET C 343 21.73 7.98 -37.00
CA MET C 343 21.67 6.55 -37.21
C MET C 343 20.66 5.91 -36.25
N LEU C 344 20.64 6.34 -34.99
CA LEU C 344 19.73 5.79 -33.99
C LEU C 344 18.28 6.17 -34.20
N MET C 345 18.04 7.41 -34.64
CA MET C 345 16.69 7.90 -34.88
C MET C 345 16.17 7.60 -36.27
N SER C 346 16.97 6.89 -37.06
CA SER C 346 16.57 6.54 -38.41
C SER C 346 16.20 7.75 -39.26
N TYR C 347 17.21 8.47 -39.73
CA TYR C 347 16.99 9.63 -40.58
C TYR C 347 16.96 9.23 -42.05
N PRO C 348 16.18 9.96 -42.86
CA PRO C 348 16.02 9.73 -44.30
C PRO C 348 17.32 9.90 -45.10
N LEU C 349 18.40 10.27 -44.41
CA LEU C 349 19.69 10.48 -45.06
C LEU C 349 20.35 9.15 -45.41
N SER C 350 20.25 8.74 -46.66
CA SER C 350 20.84 7.47 -47.08
C SER C 350 21.63 7.57 -48.37
N GLU C 351 21.27 8.56 -49.18
CA GLU C 351 21.93 8.78 -50.45
C GLU C 351 23.30 9.38 -50.22
N GLY C 352 23.43 10.13 -49.13
CA GLY C 352 24.70 10.75 -48.78
C GLY C 352 24.81 12.19 -49.24
N GLN C 353 23.68 12.75 -49.68
CA GLN C 353 23.62 14.13 -50.15
C GLN C 353 22.23 14.69 -49.93
N LEU C 354 22.06 16.00 -50.07
CA LEU C 354 20.76 16.62 -49.84
C LEU C 354 20.66 18.00 -50.50
N ASP C 355 19.46 18.38 -50.93
CA ASP C 355 19.28 19.68 -51.57
C ASP C 355 18.41 20.61 -50.70
N GLN C 356 18.42 21.89 -51.05
CA GLN C 356 17.66 22.91 -50.33
C GLN C 356 16.18 22.58 -50.10
N LYS C 357 15.53 22.02 -51.13
CA LYS C 357 14.12 21.66 -51.04
C LYS C 357 13.84 20.55 -50.02
N THR C 358 14.63 19.48 -50.08
CA THR C 358 14.44 18.36 -49.17
C THR C 358 14.95 18.68 -47.78
N ALA C 359 15.80 19.70 -47.72
CA ALA C 359 16.39 20.16 -46.48
C ALA C 359 15.32 20.84 -45.64
N MET C 360 14.66 21.83 -46.24
CA MET C 360 13.60 22.56 -45.56
C MET C 360 12.52 21.61 -45.06
N SER C 361 12.21 20.62 -45.88
CA SER C 361 11.19 19.64 -45.52
C SER C 361 11.65 18.84 -44.30
N LEU C 362 12.87 18.32 -44.35
CA LEU C 362 13.39 17.55 -43.23
C LEU C 362 13.48 18.37 -41.95
N LEU C 363 14.01 19.58 -42.06
CA LEU C 363 14.15 20.46 -40.90
C LEU C 363 12.83 20.60 -40.17
N TRP C 364 11.74 20.66 -40.93
CA TRP C 364 10.41 20.79 -40.36
C TRP C 364 10.06 19.53 -39.57
N LYS C 365 10.19 18.37 -40.19
CA LYS C 365 9.87 17.12 -39.50
C LYS C 365 10.77 16.95 -38.28
N SER C 366 11.89 17.66 -38.27
CA SER C 366 12.84 17.61 -37.17
C SER C 366 12.41 18.55 -36.05
N TYR C 367 11.17 19.03 -36.15
CA TYR C 367 10.62 19.94 -35.17
C TYR C 367 10.82 19.50 -33.72
N PRO C 368 10.46 18.25 -33.40
CA PRO C 368 10.63 17.78 -32.02
C PRO C 368 12.06 17.84 -31.49
N LEU C 369 13.01 18.17 -32.35
CA LEU C 369 14.42 18.25 -31.96
C LEU C 369 14.92 19.68 -31.87
N VAL C 370 14.73 20.43 -32.94
CA VAL C 370 15.19 21.80 -32.99
C VAL C 370 14.09 22.82 -32.70
N CYS C 371 12.85 22.35 -32.57
CA CYS C 371 11.72 23.23 -32.30
C CYS C 371 11.78 24.53 -33.10
N ILE C 372 12.02 24.44 -34.41
CA ILE C 372 12.09 25.62 -35.27
C ILE C 372 10.74 25.85 -35.95
N ALA C 373 10.30 27.10 -35.95
CA ALA C 373 9.03 27.45 -36.58
C ALA C 373 9.07 27.05 -38.03
N LYS C 374 7.92 27.04 -38.68
CA LYS C 374 7.86 26.66 -40.07
C LYS C 374 8.16 27.85 -41.00
N GLU C 375 7.98 29.06 -40.51
CA GLU C 375 8.25 30.23 -41.34
C GLU C 375 9.72 30.60 -41.24
N LEU C 376 10.38 30.07 -40.23
CA LEU C 376 11.78 30.35 -40.02
C LEU C 376 12.65 29.37 -40.79
N ILE C 377 12.10 28.23 -41.16
CA ILE C 377 12.84 27.21 -41.88
C ILE C 377 13.65 27.74 -43.07
N PRO C 378 13.05 28.58 -43.91
CA PRO C 378 13.73 29.13 -45.09
C PRO C 378 15.01 29.91 -44.76
N GLU C 379 14.90 30.82 -43.81
CA GLU C 379 16.03 31.64 -43.41
C GLU C 379 17.13 30.79 -42.77
N ALA C 380 16.73 29.84 -41.92
CA ALA C 380 17.71 28.98 -41.26
C ALA C 380 18.48 28.11 -42.26
N THR C 381 17.76 27.47 -43.17
CA THR C 381 18.35 26.60 -44.19
C THR C 381 19.24 27.37 -45.16
N GLU C 382 18.83 28.60 -45.50
CA GLU C 382 19.61 29.43 -46.42
C GLU C 382 20.90 29.93 -45.75
N LYS C 383 20.85 30.12 -44.44
CA LYS C 383 22.02 30.60 -43.72
C LYS C 383 23.09 29.52 -43.55
N TYR C 384 22.66 28.25 -43.57
CA TYR C 384 23.60 27.14 -43.42
C TYR C 384 23.94 26.40 -44.72
N LEU C 385 22.95 26.23 -45.59
CA LEU C 385 23.18 25.50 -46.83
C LEU C 385 23.38 26.36 -48.06
N GLY C 386 23.17 27.67 -47.93
CA GLY C 386 23.34 28.55 -49.07
C GLY C 386 24.79 28.67 -49.50
N GLY C 387 25.68 27.99 -48.79
CA GLY C 387 27.10 28.04 -49.11
C GLY C 387 27.42 27.55 -50.50
N THR C 388 27.83 26.29 -50.62
CA THR C 388 28.16 25.70 -51.92
C THR C 388 26.94 25.09 -52.59
N ASP C 389 27.19 24.52 -53.77
CA ASP C 389 26.16 23.89 -54.60
C ASP C 389 26.31 22.38 -54.47
N ASP C 390 27.34 21.97 -53.72
CA ASP C 390 27.63 20.57 -53.48
C ASP C 390 26.57 19.96 -52.59
N THR C 391 25.75 19.08 -53.15
CA THR C 391 24.70 18.45 -52.37
C THR C 391 25.25 17.70 -51.16
N VAL C 392 26.42 17.09 -51.31
CA VAL C 392 27.01 16.36 -50.19
C VAL C 392 27.39 17.32 -49.05
N LYS C 393 27.90 18.50 -49.40
CA LYS C 393 28.28 19.49 -48.39
C LYS C 393 27.04 20.07 -47.74
N LYS C 394 25.96 20.16 -48.49
CA LYS C 394 24.69 20.67 -47.98
C LYS C 394 24.15 19.69 -46.94
N LYS C 395 24.41 18.40 -47.14
CA LYS C 395 23.95 17.38 -46.21
C LYS C 395 24.76 17.46 -44.92
N ASP C 396 26.06 17.75 -45.06
CA ASP C 396 26.91 17.86 -43.89
C ASP C 396 26.64 19.18 -43.14
N LEU C 397 26.41 20.25 -43.88
CA LEU C 397 26.13 21.54 -43.28
C LEU C 397 24.75 21.56 -42.63
N PHE C 398 23.92 20.58 -43.01
CA PHE C 398 22.57 20.43 -42.48
C PHE C 398 22.68 19.75 -41.12
N LEU C 399 23.66 18.87 -41.01
CA LEU C 399 23.90 18.17 -39.76
C LEU C 399 24.51 19.15 -38.76
N ASP C 400 25.25 20.13 -39.28
CA ASP C 400 25.87 21.14 -38.42
C ASP C 400 24.77 22.06 -37.89
N LEU C 401 23.72 22.17 -38.68
CA LEU C 401 22.56 22.99 -38.33
C LEU C 401 21.93 22.40 -37.07
N ILE C 402 21.55 21.12 -37.13
CA ILE C 402 20.92 20.45 -36.00
C ILE C 402 21.79 20.42 -34.75
N ALA C 403 23.08 20.16 -34.94
CA ALA C 403 24.03 20.10 -33.83
C ALA C 403 24.15 21.44 -33.10
N ASP C 404 24.17 22.53 -33.87
CA ASP C 404 24.26 23.86 -33.29
C ASP C 404 23.05 24.18 -32.43
N VAL C 405 21.87 23.89 -32.96
CA VAL C 405 20.63 24.15 -32.23
C VAL C 405 20.47 23.23 -31.00
N MET C 406 20.88 21.97 -31.11
CA MET C 406 20.74 21.08 -29.95
C MET C 406 21.85 21.17 -28.91
N PHE C 407 23.07 21.47 -29.34
CA PHE C 407 24.16 21.54 -28.40
C PHE C 407 25.06 22.78 -28.49
N GLY C 408 25.50 23.13 -29.69
CA GLY C 408 26.37 24.28 -29.86
C GLY C 408 25.91 25.56 -29.19
N VAL C 409 24.84 26.14 -29.69
CA VAL C 409 24.33 27.38 -29.13
C VAL C 409 23.93 27.26 -27.65
N PRO C 410 23.10 26.25 -27.31
CA PRO C 410 22.66 26.04 -25.92
C PRO C 410 23.83 26.01 -24.93
N SER C 411 24.83 25.18 -25.24
CA SER C 411 26.02 25.04 -24.40
C SER C 411 26.74 26.37 -24.17
N VAL C 412 26.97 27.16 -25.22
CA VAL C 412 27.65 28.43 -25.03
C VAL C 412 26.84 29.42 -24.17
N ILE C 413 25.56 29.56 -24.49
CA ILE C 413 24.65 30.43 -23.73
C ILE C 413 24.66 30.03 -22.26
N VAL C 414 24.60 28.73 -21.99
CA VAL C 414 24.61 28.29 -20.60
C VAL C 414 25.93 28.68 -19.97
N ALA C 415 27.03 28.56 -20.71
CA ALA C 415 28.34 28.92 -20.17
C ALA C 415 28.46 30.42 -19.88
N ARG C 416 28.05 31.25 -20.83
CA ARG C 416 28.14 32.69 -20.66
C ARG C 416 27.35 33.17 -19.45
N ASN C 417 26.24 32.49 -19.17
CA ASN C 417 25.40 32.85 -18.04
C ASN C 417 26.06 32.51 -16.72
N HIS C 418 26.67 31.32 -16.68
CA HIS C 418 27.38 30.86 -15.50
C HIS C 418 28.55 31.82 -15.28
N ARG C 419 29.18 32.20 -16.39
CA ARG C 419 30.33 33.11 -16.35
C ARG C 419 29.96 34.47 -15.79
N ASP C 420 28.93 35.07 -16.37
CA ASP C 420 28.51 36.38 -15.92
C ASP C 420 27.87 36.28 -14.55
N ALA C 421 27.54 35.05 -14.14
CA ALA C 421 26.93 34.85 -12.83
C ALA C 421 28.00 35.02 -11.75
N GLY C 422 29.26 34.98 -12.17
CA GLY C 422 30.36 35.16 -11.25
C GLY C 422 31.03 33.89 -10.82
N ALA C 423 30.88 32.82 -11.60
CA ALA C 423 31.50 31.56 -11.22
C ALA C 423 32.46 31.09 -12.29
N PRO C 424 33.53 30.41 -11.88
CA PRO C 424 34.52 29.90 -12.84
C PRO C 424 33.84 29.01 -13.89
N THR C 425 34.06 29.33 -15.15
CA THR C 425 33.48 28.57 -16.26
C THR C 425 34.60 28.08 -17.17
N TYR C 426 34.37 27.00 -17.91
CA TYR C 426 35.38 26.47 -18.82
C TYR C 426 34.65 25.76 -19.94
N MET C 427 35.16 25.86 -21.17
CA MET C 427 34.55 25.18 -22.32
C MET C 427 35.59 24.49 -23.17
N TYR C 428 35.15 23.54 -24.00
CA TYR C 428 36.07 22.84 -24.88
C TYR C 428 35.33 22.31 -26.08
N GLU C 429 36.08 21.91 -27.11
CA GLU C 429 35.47 21.34 -28.30
C GLU C 429 36.32 20.13 -28.68
N PHE C 430 35.76 18.94 -28.45
CA PHE C 430 36.46 17.69 -28.75
C PHE C 430 36.36 17.37 -30.24
N GLN C 431 37.52 17.19 -30.87
CA GLN C 431 37.59 16.88 -32.28
C GLN C 431 38.56 15.73 -32.54
N TYR C 432 38.08 14.50 -32.41
CA TYR C 432 38.92 13.35 -32.66
C TYR C 432 38.04 12.17 -33.04
N ARG C 433 38.63 11.15 -33.65
CA ARG C 433 37.86 9.97 -34.03
C ARG C 433 38.43 8.73 -33.38
N PRO C 434 37.82 8.27 -32.28
CA PRO C 434 38.35 7.07 -31.60
C PRO C 434 38.42 5.82 -32.48
N SER C 435 39.41 4.97 -32.21
CA SER C 435 39.60 3.73 -32.96
C SER C 435 38.57 2.71 -32.49
N PHE C 436 37.72 3.12 -31.57
CA PHE C 436 36.72 2.23 -31.03
C PHE C 436 35.37 2.53 -31.65
N SER C 437 35.36 3.35 -32.70
CA SER C 437 34.13 3.69 -33.39
C SER C 437 33.55 2.47 -34.06
N SER C 438 32.28 2.57 -34.41
CA SER C 438 31.58 1.49 -35.08
C SER C 438 32.13 1.35 -36.49
N ASP C 439 32.04 0.13 -37.03
CA ASP C 439 32.51 -0.16 -38.38
C ASP C 439 31.55 0.43 -39.38
N MET C 440 30.38 0.83 -38.90
CA MET C 440 29.37 1.40 -39.77
C MET C 440 29.45 2.90 -39.85
N LYS C 441 30.36 3.51 -39.09
CA LYS C 441 30.48 4.95 -39.15
C LYS C 441 31.58 5.33 -40.12
N PRO C 442 31.27 6.23 -41.07
CA PRO C 442 32.30 6.65 -42.04
C PRO C 442 33.47 7.30 -41.31
N LYS C 443 34.67 7.01 -41.81
CA LYS C 443 35.91 7.52 -41.25
C LYS C 443 36.05 9.03 -41.37
N THR C 444 35.09 9.64 -42.06
CA THR C 444 35.10 11.09 -42.26
C THR C 444 34.46 11.84 -41.09
N VAL C 445 33.85 11.09 -40.18
CA VAL C 445 33.19 11.67 -39.02
C VAL C 445 34.16 11.80 -37.86
N ILE C 446 34.45 13.05 -37.51
CA ILE C 446 35.37 13.35 -36.43
C ILE C 446 34.64 14.17 -35.38
N GLY C 447 34.65 13.68 -34.15
CA GLY C 447 34.01 14.40 -33.06
C GLY C 447 32.51 14.17 -33.03
N ASP C 448 32.12 12.94 -33.31
CA ASP C 448 30.73 12.56 -33.30
C ASP C 448 30.22 12.49 -31.86
N HIS C 449 28.90 12.46 -31.70
CA HIS C 449 28.30 12.40 -30.37
C HIS C 449 28.86 11.20 -29.57
N GLY C 450 29.37 11.49 -28.38
CA GLY C 450 29.91 10.47 -27.51
C GLY C 450 31.36 10.04 -27.72
N ASP C 451 32.03 10.61 -28.70
CA ASP C 451 33.42 10.25 -29.01
C ASP C 451 34.41 10.56 -27.89
N GLU C 452 34.14 11.59 -27.10
CA GLU C 452 35.05 11.97 -26.03
C GLU C 452 35.06 10.93 -24.92
N LEU C 453 33.92 10.29 -24.71
CA LEU C 453 33.78 9.27 -23.67
C LEU C 453 34.92 8.27 -23.63
N PHE C 454 35.55 8.03 -24.77
CA PHE C 454 36.64 7.08 -24.85
C PHE C 454 37.93 7.59 -24.25
N SER C 455 38.13 8.90 -24.30
CA SER C 455 39.32 9.50 -23.73
C SER C 455 39.06 9.69 -22.24
N VAL C 456 37.87 10.19 -21.92
CA VAL C 456 37.48 10.42 -20.54
C VAL C 456 37.58 9.16 -19.69
N PHE C 457 37.16 8.02 -20.22
CA PHE C 457 37.24 6.78 -19.43
C PHE C 457 38.39 5.86 -19.76
N GLY C 458 39.46 6.43 -20.31
CA GLY C 458 40.64 5.67 -20.64
C GLY C 458 40.37 4.38 -21.38
N ALA C 459 39.52 4.41 -22.40
CA ALA C 459 39.27 3.19 -23.16
C ALA C 459 40.59 2.57 -23.65
N PRO C 460 41.57 3.40 -24.09
CA PRO C 460 42.87 2.91 -24.59
C PRO C 460 43.61 1.98 -23.63
N PHE C 461 43.24 2.04 -22.35
CA PHE C 461 43.87 1.20 -21.33
C PHE C 461 43.01 0.02 -20.93
N LEU C 462 41.92 -0.23 -21.66
CA LEU C 462 41.04 -1.37 -21.35
C LEU C 462 40.74 -2.16 -22.61
N LYS C 463 40.82 -1.50 -23.75
CA LYS C 463 40.57 -2.18 -25.02
C LYS C 463 41.87 -2.39 -25.78
N GLU C 464 41.77 -2.59 -27.10
CA GLU C 464 42.94 -2.85 -27.91
C GLU C 464 42.95 -2.08 -29.23
N GLY C 465 44.16 -1.92 -29.77
CA GLY C 465 44.31 -1.24 -31.04
C GLY C 465 44.51 0.26 -30.95
N ALA C 466 44.50 0.78 -29.73
CA ALA C 466 44.68 2.22 -29.52
C ALA C 466 46.11 2.61 -29.82
N SER C 467 46.28 3.49 -30.81
CA SER C 467 47.61 3.95 -31.18
C SER C 467 48.15 4.79 -30.02
N GLU C 468 49.47 4.91 -29.93
CA GLU C 468 50.06 5.70 -28.86
C GLU C 468 49.48 7.12 -28.86
N GLU C 469 49.20 7.65 -30.04
CA GLU C 469 48.65 8.99 -30.17
C GLU C 469 47.30 9.10 -29.45
N GLU C 470 46.50 8.05 -29.57
CA GLU C 470 45.18 7.99 -28.94
C GLU C 470 45.36 7.75 -27.46
N ILE C 471 46.34 6.91 -27.11
CA ILE C 471 46.61 6.61 -25.73
C ILE C 471 47.04 7.89 -25.04
N ARG C 472 47.82 8.70 -25.76
CA ARG C 472 48.29 9.96 -25.23
C ARG C 472 47.12 10.92 -24.99
N LEU C 473 46.22 11.03 -25.98
CA LEU C 473 45.05 11.90 -25.87
C LEU C 473 44.23 11.55 -24.64
N SER C 474 44.05 10.27 -24.41
CA SER C 474 43.28 9.83 -23.26
C SER C 474 43.92 10.29 -21.96
N LYS C 475 45.23 10.08 -21.83
CA LYS C 475 45.95 10.48 -20.62
C LYS C 475 45.77 11.96 -20.30
N MET C 476 45.88 12.79 -21.33
CA MET C 476 45.71 14.22 -21.17
C MET C 476 44.29 14.54 -20.69
N VAL C 477 43.29 13.98 -21.39
CA VAL C 477 41.90 14.20 -21.03
C VAL C 477 41.61 13.84 -19.57
N MET C 478 41.96 12.64 -19.14
CA MET C 478 41.70 12.25 -17.76
C MET C 478 42.38 13.21 -16.78
N LYS C 479 43.54 13.74 -17.16
CA LYS C 479 44.27 14.68 -16.31
C LYS C 479 43.42 15.92 -16.11
N PHE C 480 43.16 16.64 -17.19
CA PHE C 480 42.36 17.84 -17.15
C PHE C 480 41.14 17.65 -16.24
N TRP C 481 40.39 16.58 -16.47
CA TRP C 481 39.21 16.25 -15.70
C TRP C 481 39.53 16.17 -14.21
N ALA C 482 40.37 15.19 -13.85
CA ALA C 482 40.78 15.01 -12.47
C ALA C 482 41.34 16.31 -11.87
N ASN C 483 42.12 17.08 -12.63
CA ASN C 483 42.65 18.36 -12.12
C ASN C 483 41.49 19.27 -11.80
N PHE C 484 40.51 19.30 -12.70
CA PHE C 484 39.32 20.11 -12.52
C PHE C 484 38.59 19.63 -11.28
N ALA C 485 38.51 18.31 -11.11
CA ALA C 485 37.85 17.74 -9.94
C ALA C 485 38.57 18.21 -8.69
N ARG C 486 39.89 18.10 -8.72
CA ARG C 486 40.74 18.50 -7.59
C ARG C 486 40.67 19.96 -7.23
N ASN C 487 40.88 20.83 -8.20
CA ASN C 487 40.90 22.26 -7.94
C ASN C 487 39.87 23.12 -8.63
N GLY C 488 38.92 22.51 -9.33
CA GLY C 488 37.93 23.32 -10.02
C GLY C 488 38.65 24.09 -11.12
N ASN C 489 39.77 23.54 -11.56
CA ASN C 489 40.60 24.12 -12.63
C ASN C 489 41.33 22.97 -13.31
N PRO C 490 41.22 22.87 -14.65
CA PRO C 490 41.87 21.80 -15.40
C PRO C 490 43.39 21.91 -15.54
N ASN C 491 43.89 23.14 -15.51
CA ASN C 491 45.32 23.40 -15.65
C ASN C 491 46.23 22.65 -14.69
N GLY C 492 47.40 22.27 -15.19
CA GLY C 492 48.38 21.56 -14.40
C GLY C 492 49.62 21.33 -15.24
N GLU C 493 50.80 21.50 -14.67
CA GLU C 493 52.03 21.33 -15.43
C GLU C 493 52.03 20.03 -16.23
N GLY C 494 52.58 20.08 -17.43
CA GLY C 494 52.64 18.90 -18.27
C GLY C 494 51.49 18.85 -19.26
N LEU C 495 50.59 19.82 -19.16
CA LEU C 495 49.40 19.88 -20.03
C LEU C 495 49.23 21.25 -20.70
N PRO C 496 48.71 21.29 -21.95
CA PRO C 496 48.52 22.57 -22.64
C PRO C 496 47.73 23.50 -21.74
N HIS C 497 47.83 24.79 -21.97
CA HIS C 497 47.12 25.73 -21.11
C HIS C 497 45.67 25.86 -21.50
N TRP C 498 44.80 25.78 -20.49
CA TRP C 498 43.38 25.92 -20.71
C TRP C 498 42.90 27.22 -20.11
N PRO C 499 42.61 28.21 -20.95
CA PRO C 499 42.15 29.50 -20.45
C PRO C 499 40.75 29.41 -19.85
N GLU C 500 40.50 30.25 -18.86
CA GLU C 500 39.19 30.29 -18.21
C GLU C 500 38.20 30.94 -19.17
N TYR C 501 36.97 30.45 -19.17
CA TYR C 501 35.96 31.02 -20.04
C TYR C 501 35.42 32.30 -19.44
N ASN C 502 36.12 33.40 -19.70
CA ASN C 502 35.73 34.72 -19.22
C ASN C 502 35.16 35.51 -20.39
N GLN C 503 35.39 36.82 -20.40
CA GLN C 503 34.88 37.66 -21.47
C GLN C 503 35.56 37.43 -22.82
N LYS C 504 36.82 37.00 -22.80
CA LYS C 504 37.55 36.73 -24.04
C LYS C 504 37.00 35.44 -24.64
N GLU C 505 36.16 34.76 -23.85
CA GLU C 505 35.55 33.50 -24.25
C GLU C 505 36.57 32.51 -24.79
N GLY C 506 37.64 32.31 -24.03
CA GLY C 506 38.65 31.38 -24.44
C GLY C 506 38.28 29.96 -24.06
N TYR C 507 38.48 29.03 -24.98
CA TYR C 507 38.16 27.64 -24.73
C TYR C 507 39.30 26.78 -25.25
N LEU C 508 39.25 25.48 -24.95
CA LEU C 508 40.28 24.54 -25.39
C LEU C 508 39.75 23.57 -26.46
N GLN C 509 40.53 23.34 -27.50
CA GLN C 509 40.18 22.42 -28.59
C GLN C 509 41.00 21.17 -28.30
N ILE C 510 40.30 20.11 -27.92
CA ILE C 510 40.95 18.87 -27.59
C ILE C 510 41.02 17.98 -28.83
N GLY C 511 42.13 17.26 -28.97
CA GLY C 511 42.29 16.39 -30.12
C GLY C 511 43.74 16.04 -30.35
N ALA C 512 44.10 15.80 -31.61
CA ALA C 512 45.47 15.46 -31.93
C ALA C 512 46.32 16.68 -31.58
N ASN C 513 45.80 17.85 -31.91
CA ASN C 513 46.52 19.06 -31.58
C ASN C 513 45.67 19.86 -30.61
N THR C 514 46.08 19.86 -29.35
CA THR C 514 45.32 20.56 -28.34
C THR C 514 45.90 21.95 -28.09
N GLN C 515 45.07 22.97 -28.28
CA GLN C 515 45.46 24.38 -28.07
C GLN C 515 44.23 25.26 -27.80
N ALA C 516 44.44 26.47 -27.29
CA ALA C 516 43.33 27.35 -26.99
C ALA C 516 42.85 28.17 -28.20
N ALA C 517 41.66 28.74 -28.07
CA ALA C 517 41.06 29.56 -29.11
C ALA C 517 40.08 30.51 -28.43
N GLN C 518 39.22 31.16 -29.20
CA GLN C 518 38.26 32.08 -28.61
C GLN C 518 36.95 32.19 -29.39
N LYS C 519 35.92 32.63 -28.69
CA LYS C 519 34.60 32.82 -29.25
C LYS C 519 34.03 31.60 -29.97
N LEU C 520 33.78 30.53 -29.20
CA LEU C 520 33.22 29.30 -29.74
C LEU C 520 31.75 29.51 -30.13
N LYS C 521 31.40 29.10 -31.34
CA LYS C 521 30.03 29.25 -31.86
C LYS C 521 29.48 30.66 -31.67
N ASP C 522 30.39 31.62 -31.46
CA ASP C 522 30.00 33.01 -31.25
C ASP C 522 29.04 33.52 -32.32
N LYS C 523 29.47 33.40 -33.57
CA LYS C 523 28.68 33.82 -34.73
C LYS C 523 27.37 33.02 -34.77
N GLU C 524 27.46 31.73 -34.47
CA GLU C 524 26.30 30.84 -34.46
C GLU C 524 25.24 31.26 -33.46
N VAL C 525 25.65 31.52 -32.21
CA VAL C 525 24.71 31.92 -31.15
C VAL C 525 23.97 33.20 -31.55
N ALA C 526 24.70 34.16 -32.11
CA ALA C 526 24.13 35.43 -32.53
C ALA C 526 22.98 35.22 -33.53
N PHE C 527 23.27 34.50 -34.59
CA PHE C 527 22.28 34.20 -35.60
C PHE C 527 21.03 33.57 -35.05
N TRP C 528 21.22 32.48 -34.31
CA TRP C 528 20.09 31.76 -33.74
C TRP C 528 19.30 32.56 -32.70
N THR C 529 19.98 33.40 -31.93
CA THR C 529 19.26 34.20 -30.94
C THR C 529 18.41 35.27 -31.65
N ASN C 530 18.95 35.85 -32.72
CA ASN C 530 18.23 36.88 -33.47
C ASN C 530 17.05 36.31 -34.24
N LEU C 531 17.24 35.13 -34.83
CA LEU C 531 16.19 34.47 -35.60
C LEU C 531 15.00 34.13 -34.69
N PHE C 532 15.27 33.37 -33.63
CA PHE C 532 14.25 32.96 -32.67
C PHE C 532 13.55 34.16 -32.04
N ALA C 533 14.22 35.30 -31.99
CA ALA C 533 13.64 36.50 -31.40
C ALA C 533 12.31 36.87 -32.05
N LYS C 534 12.21 36.65 -33.35
CA LYS C 534 11.00 36.95 -34.13
C LYS C 534 9.85 36.02 -33.72
C1 NAG D . -22.56 -11.33 18.83
C2 NAG D . -23.20 -10.98 17.49
C3 NAG D . -24.74 -11.10 17.53
C4 NAG D . -25.22 -12.37 18.25
C5 NAG D . -24.49 -12.53 19.59
C6 NAG D . -24.87 -13.82 20.29
C7 NAG D . -22.59 -9.24 15.91
C8 NAG D . -23.59 -8.28 15.27
N2 NAG D . -22.82 -9.61 17.17
O3 NAG D . -25.25 -11.09 16.20
O4 NAG D . -26.63 -12.31 18.47
O5 NAG D . -23.08 -12.56 19.37
O6 NAG D . -23.92 -14.17 21.28
O7 NAG D . -21.60 -9.63 15.28
C1 SIA E . -19.20 -12.46 15.69
C2 SIA E . -18.58 -13.46 14.72
C3 SIA E . -19.31 -13.38 13.37
C4 SIA E . -18.46 -13.95 12.22
C5 SIA E . -17.31 -14.79 12.77
C6 SIA E . -16.40 -13.95 13.70
C7 SIA E . -15.50 -14.86 14.55
C8 SIA E . -14.31 -14.14 15.18
C9 SIA E . -13.36 -15.15 15.82
C10 SIA E . -17.04 -16.36 10.96
C11 SIA E . -17.39 -16.11 9.49
N5 SIA E . -16.55 -15.34 11.66
O1A SIA E . -20.44 -12.54 15.95
O1B SIA E . -18.45 -11.60 16.23
O2 SIA E . -18.67 -14.75 15.23
O4 SIA E . -19.28 -14.76 11.38
O6 SIA E . -17.18 -13.08 14.58
O7 SIA E . -16.27 -15.47 15.57
O8 SIA E . -13.60 -13.38 14.21
O9 SIA E . -12.92 -16.09 14.84
O10 SIA E . -17.22 -17.48 11.45
S SO4 F . 5.39 -4.40 -2.69
O1 SO4 F . 6.57 -5.22 -2.31
O2 SO4 F . 4.35 -5.27 -3.30
O3 SO4 F . 4.83 -3.73 -1.49
O4 SO4 F . 5.82 -3.38 -3.68
S SO4 G . -5.33 -12.83 -1.61
O1 SO4 G . -5.16 -14.18 -1.04
O2 SO4 G . -4.91 -12.85 -3.03
O3 SO4 G . -6.75 -12.43 -1.53
O4 SO4 G . -4.50 -11.88 -0.86
F F H . 6.32 -30.36 13.86
C1 PLM I . 9.17 -32.86 12.00
O1 PLM I . 10.16 -32.69 11.28
O2 PLM I . 9.20 -32.70 13.24
C2 PLM I . 7.80 -33.24 11.39
C3 PLM I . 6.57 -33.42 12.39
C4 PLM I . 5.37 -34.10 11.73
C5 PLM I . 4.29 -33.11 11.26
C6 PLM I . 4.09 -33.11 9.72
C7 PLM I . 2.60 -33.37 9.44
C8 PLM I . 2.26 -33.76 8.00
C9 PLM I . 0.88 -34.43 8.08
C1 HTQ J . 3.00 -52.85 7.72
C2 HTQ J . 4.59 -52.76 7.89
C3 HTQ J . 5.09 -52.37 9.31
C4 HTQ J . 3.92 -52.00 10.40
C5 HTQ J . 2.42 -52.08 9.85
C6 HTQ J . 1.93 -53.54 9.81
C7 HTQ J . 2.35 -54.13 8.45
N8 HTQ J . 2.41 -51.66 8.40
C9 HTQ J . 0.98 -51.34 7.87
O10 HTQ J . 5.95 -51.21 9.21
C11 HTQ J . 6.81 -50.69 10.19
O12 HTQ J . 7.00 -51.13 11.35
C13 HTQ J . 7.52 -49.44 9.66
C14 HTQ J . 6.53 -48.32 9.17
C15 HTQ J . 6.73 -47.88 7.80
C16 HTQ J . 5.48 -47.71 9.97
C17 HTQ J . 5.89 -46.84 7.24
C18 HTQ J . 4.64 -46.68 9.41
C19 HTQ J . 4.86 -46.24 8.04
O20 HTQ J . 8.38 -48.93 10.70
C1 NAG K . -5.70 27.91 -16.16
C2 NAG K . -5.34 27.39 -17.55
C3 NAG K . -4.46 28.40 -18.29
C4 NAG K . -5.03 29.82 -18.23
C5 NAG K . -5.49 30.20 -16.81
C6 NAG K . -6.24 31.53 -16.77
C7 NAG K . -5.24 25.03 -17.94
C8 NAG K . -6.12 24.20 -17.01
N2 NAG K . -4.66 26.12 -17.44
O3 NAG K . -4.34 28.00 -19.63
O4 NAG K . -4.04 30.74 -18.65
O5 NAG K . -6.35 29.18 -16.28
O6 NAG K . -7.61 31.38 -17.13
O7 NAG K . -5.09 24.68 -19.12
C1 SIA L . -5.75 22.69 -12.88
C2 SIA L . -6.78 21.89 -13.65
C3 SIA L . -6.20 21.49 -15.00
C4 SIA L . -7.17 20.57 -15.74
C5 SIA L . -8.40 20.17 -14.89
C6 SIA L . -8.11 19.86 -13.41
C7 SIA L . -9.40 20.02 -12.61
C8 SIA L . -9.27 19.58 -11.16
C9 SIA L . -10.61 19.82 -10.46
C10 SIA L . -9.99 19.18 -16.37
C11 SIA L . -10.98 18.04 -16.56
N5 SIA L . -9.03 19.01 -15.48
O1A SIA L . -5.03 23.53 -13.49
O1B SIA L . -5.64 22.47 -11.65
O2 SIA L . -7.94 22.64 -13.83
O4 SIA L . -7.62 21.21 -16.92
O6 SIA L . -7.09 20.72 -12.87
O7 SIA L . -9.86 21.36 -12.64
O8 SIA L . -8.94 18.20 -11.09
O9 SIA L . -11.69 19.55 -11.37
O10 SIA L . -10.09 20.21 -17.03
S SO4 M . -5.44 -4.36 2.07
O1 SO4 M . -4.43 -5.42 2.27
O2 SO4 M . -5.10 -3.19 2.94
O3 SO4 M . -5.44 -3.94 0.65
O4 SO4 M . -6.78 -4.87 2.44
S SO4 N . -9.79 0.70 -9.91
O1 SO4 N . -8.65 -0.13 -9.49
O2 SO4 N . -10.68 0.94 -8.75
O3 SO4 N . -9.29 1.99 -10.44
O4 SO4 N . -10.54 -0.01 -10.98
S SO4 O . -30.60 42.34 2.49
O1 SO4 O . -30.60 40.87 2.28
O2 SO4 O . -30.06 42.65 3.84
O3 SO4 O . -29.74 43.01 1.46
O4 SO4 O . -31.99 42.86 2.37
F F P . -32.34 11.04 -0.74
C1 PLM Q . -34.94 8.67 -0.19
O1 PLM Q . -34.88 9.38 0.82
O2 PLM Q . -34.86 7.43 -0.16
C2 PLM Q . -35.16 9.30 -1.59
C3 PLM Q . -35.25 8.29 -2.83
C4 PLM Q . -35.15 9.02 -4.18
C5 PLM Q . -33.69 9.20 -4.68
C6 PLM Q . -33.22 7.98 -5.50
C7 PLM Q . -33.09 8.42 -6.95
C8 PLM Q . -33.41 7.34 -7.99
C9 PLM Q . -32.90 7.92 -9.32
C1 HTQ R . -47.70 6.98 -15.65
C2 HTQ R . -48.83 6.21 -14.83
C3 HTQ R . -49.86 7.12 -14.12
C4 HTQ R . -49.66 8.71 -14.26
C5 HTQ R . -48.37 9.15 -15.10
C6 HTQ R . -48.62 9.01 -16.61
C7 HTQ R . -48.23 7.58 -17.03
N8 HTQ R . -47.26 8.15 -14.84
C9 HTQ R . -45.86 8.68 -15.25
O10 HTQ R . -49.85 6.84 -12.71
C11 HTQ R . -50.89 6.31 -11.93
O12 HTQ R . -52.02 5.99 -12.32
C13 HTQ R . -50.44 6.18 -10.47
C14 HTQ R . -49.99 7.55 -9.88
C15 HTQ R . -48.56 7.69 -9.70
C16 HTQ R . -50.90 8.64 -9.53
C17 HTQ R . -48.04 8.93 -9.16
C18 HTQ R . -50.37 9.86 -8.99
C19 HTQ R . -48.94 10.00 -8.80
O20 HTQ R . -51.55 5.64 -9.69
C1 NAG S . 28.40 -13.74 -2.22
C2 NAG S . 27.52 -15.00 -2.26
C3 NAG S . 27.45 -15.54 -0.83
C4 NAG S . 28.87 -15.86 -0.32
C5 NAG S . 29.80 -14.63 -0.49
C6 NAG S . 31.27 -14.90 -0.19
C7 NAG S . 25.64 -15.44 -3.76
C8 NAG S . 24.13 -15.72 -3.69
N2 NAG S . 26.19 -14.71 -2.78
O3 NAG S . 26.64 -16.70 -0.79
O4 NAG S . 28.80 -16.20 1.05
O5 NAG S . 29.74 -14.11 -1.83
O6 NAG S . 31.56 -16.29 -0.10
O7 NAG S . 26.29 -15.87 -4.72
C1 SIA T . 24.52 -10.38 -1.92
C2 SIA T . 24.08 -10.56 -3.38
C3 SIA T . 23.65 -11.99 -3.62
C4 SIA T . 23.28 -12.15 -5.09
C5 SIA T . 22.69 -10.90 -5.79
C6 SIA T . 22.46 -9.61 -4.94
C7 SIA T . 23.01 -8.35 -5.63
C8 SIA T . 22.13 -7.14 -5.35
C9 SIA T . 22.63 -6.03 -6.22
C10 SIA T . 21.41 -12.00 -7.47
C11 SIA T . 20.33 -11.71 -8.52
N5 SIA T . 21.41 -11.28 -6.36
O1A SIA T . 24.93 -11.38 -1.27
O1B SIA T . 24.44 -9.23 -1.43
O2 SIA T . 25.10 -10.24 -4.25
O4 SIA T . 24.41 -12.59 -5.83
O6 SIA T . 22.97 -9.68 -3.58
O7 SIA T . 24.32 -8.05 -5.17
O8 SIA T . 20.78 -7.45 -5.70
O9 SIA T . 22.59 -6.50 -7.55
O10 SIA T . 22.24 -12.88 -7.68
S SO4 U . 4.85 -5.37 -11.68
O1 SO4 U . 6.02 -4.53 -11.31
O2 SO4 U . 5.16 -6.12 -12.93
O3 SO4 U . 4.57 -6.34 -10.59
O4 SO4 U . 3.65 -4.52 -11.89
S SO4 V . -2.27 4.36 -5.51
O1 SO4 V . -2.97 3.06 -5.64
O2 SO4 V . -0.84 4.10 -5.19
O3 SO4 V . -2.37 5.12 -6.79
O4 SO4 V . -2.88 5.16 -4.43
F F W . 21.32 11.28 -23.96
C6P COA X . 20.28 8.68 -28.86
C5P COA X . 20.40 9.66 -27.68
O5P COA X . 21.63 9.49 -27.02
N4P COA X . 20.43 11.05 -28.17
C3P COA X . 19.13 11.69 -28.50
C2P COA X . 18.65 12.49 -27.29
S1P COA X . 19.79 13.85 -26.88
C1 PLM Y . 17.02 23.12 -28.85
O1 PLM Y . 17.29 22.03 -28.29
O2 PLM Y . 16.38 23.18 -29.93
C2 PLM Y . 17.45 24.48 -28.23
C3 PLM Y . 17.07 25.83 -29.01
C4 PLM Y . 18.15 26.93 -28.87
C5 PLM Y . 17.79 28.03 -27.84
C6 PLM Y . 18.93 29.04 -27.61
C7 PLM Y . 18.56 30.35 -28.29
C8 PLM Y . 18.26 31.55 -27.38
C9 PLM Y . 17.44 32.51 -28.24
C1 HTQ Z . 24.64 4.91 -45.47
C1 HTQ Z . 24.53 4.28 -44.67
C2 HTQ Z . 24.21 6.45 -45.55
C2 HTQ Z . 24.07 5.75 -45.12
C3 HTQ Z . 25.37 7.48 -45.39
C3 HTQ Z . 25.19 6.80 -45.29
C4 HTQ Z . 26.84 6.85 -45.13
C4 HTQ Z . 26.69 6.29 -44.94
C5 HTQ Z . 26.90 5.25 -45.05
C5 HTQ Z . 26.78 4.76 -44.44
C6 HTQ Z . 26.83 4.62 -46.46
C6 HTQ Z . 26.69 3.78 -45.63
C7 HTQ Z . 25.36 4.39 -46.80
C7 HTQ Z . 25.21 3.44 -45.83
N8 HTQ Z . 25.63 4.76 -44.38
N8 HTQ Z . 25.56 4.43 -43.62
C9 HTQ Z . 25.73 3.32 -43.84
C9 HTQ Z . 25.74 3.17 -42.74
O10 HTQ Z . 25.10 8.36 -44.26
O10 HTQ Z . 24.93 7.97 -44.45
C11 HTQ Z . 24.17 9.40 -44.15
C11 HTQ Z . 24.35 9.17 -44.84
O12 HTQ Z . 23.37 9.79 -45.02
O12 HTQ Z . 23.95 9.47 -45.98
C13 HTQ Z . 24.25 10.03 -42.75
C13 HTQ Z . 24.23 10.16 -43.67
C14 HTQ Z . 25.68 10.57 -42.47
C14 HTQ Z . 25.62 10.47 -43.05
C15 HTQ Z . 26.39 9.90 -41.42
C15 HTQ Z . 25.86 9.84 -41.76
C16 HTQ Z . 26.29 11.67 -43.20
C16 HTQ Z . 26.65 11.31 -43.65
C17 HTQ Z . 27.73 10.33 -41.08
C17 HTQ Z . 27.12 10.06 -41.08
C18 HTQ Z . 27.63 12.10 -42.86
C18 HTQ Z . 27.89 11.53 -42.96
C19 HTQ Z . 28.34 11.43 -41.81
C19 HTQ Z . 28.12 10.90 -41.69
O20 HTQ Z . 23.28 11.10 -42.66
O20 HTQ Z . 23.63 11.38 -44.14
#